data_3KDS
#
_entry.id   3KDS
#
_cell.length_a   190.500
_cell.length_b   190.500
_cell.length_c   152.130
_cell.angle_alpha   90.000
_cell.angle_beta   90.000
_cell.angle_gamma   120.000
#
_symmetry.space_group_name_H-M   'P 6 2 2'
#
loop_
_entity.id
_entity.type
_entity.pdbx_description
1 polymer 'Cell division protein FtsH'
2 non-polymer 'ZINC ION'
3 non-polymer N-{(2R)-2-[2-(hydroxyamino)-2-oxoethyl]-4-methylpentanoyl}-3-naphthalen-2-yl-L-alanyl-L-alaninamide
#
_entity_poly.entity_id   1
_entity_poly.type   'polypeptide(L)'
_entity_poly.pdbx_seq_one_letter_code
;MATMYKPSGNKRVTFKDVGGAEEAIEELKEVVEFLKDPSKFNRIGARMPKGILLVGPPGTGATLLARAVAGEANVPFFHI
SGSDFVELFVGVGAARVRDLFAQAKAHAPCIVFIDEIDAVGRHRGAGLGGGHDEREQTLNQLLVEMDGFDSKEGIIVMAA
TNRPDILDPALLRPGRFDKKIVVDPPDMLGRKKILEIHTRNKPLAEDVNLEIIAKRTPGFVGADLENLVNEAALLAAREG
RDKITMKDFEEAIDRVIAGPARKSLLISPAEKRIIAYHEAGHAVVSTVVPNGEPVHRISIIPRGYKALGYTLHLPEEDKY
LVSRNELLDKLTALLGGRAAEEVVFGDVTSGAANDIERATEIARNMVCQLGMSEELGPLAWGKEEQEVFLGKEITRLRNY
SEEVASKIDEEVKKIVTNCYERAKEIIRKYRKQLDNIVEILLEKETIEGDELRRILSEEFEKVVE
;
_entity_poly.pdbx_strand_id   E,F,G
#
loop_
_chem_comp.id
_chem_comp.type
_chem_comp.name
_chem_comp.formula
NHX non-polymer N-{(2R)-2-[2-(hydroxyamino)-2-oxoethyl]-4-methylpentanoyl}-3-naphthalen-2-yl-L-alanyl-L-alaninamide 'C24 H32 N4 O5'
ZN non-polymer 'ZINC ION' 'Zn 2'
#
# COMPACT_ATOMS: atom_id res chain seq x y z
N LYS A 11 6.31 25.51 -18.43
CA LYS A 11 5.68 24.30 -17.93
C LYS A 11 5.94 24.12 -16.44
N ARG A 12 4.96 23.60 -15.70
CA ARG A 12 5.15 23.39 -14.27
C ARG A 12 6.24 22.35 -13.93
N VAL A 13 7.07 22.65 -12.93
CA VAL A 13 8.09 21.70 -12.49
C VAL A 13 8.11 21.44 -10.98
N THR A 14 8.35 20.17 -10.62
CA THR A 14 8.53 19.77 -9.20
C THR A 14 9.90 19.12 -8.96
N PHE A 15 10.15 18.67 -7.74
CA PHE A 15 11.40 17.98 -7.43
C PHE A 15 11.53 16.69 -8.24
N LYS A 16 10.41 16.16 -8.73
CA LYS A 16 10.48 14.96 -9.54
C LYS A 16 11.12 15.23 -10.90
N ASP A 17 11.35 16.50 -11.20
CA ASP A 17 11.93 16.89 -12.48
C ASP A 17 13.38 17.32 -12.35
N VAL A 18 13.86 17.37 -11.11
CA VAL A 18 15.29 17.58 -10.84
C VAL A 18 15.93 16.28 -10.36
N GLY A 19 17.10 15.98 -10.89
CA GLY A 19 17.86 14.80 -10.50
C GLY A 19 19.11 15.04 -9.69
N GLY A 20 19.43 14.07 -8.83
CA GLY A 20 20.68 14.03 -8.12
C GLY A 20 20.92 15.33 -7.38
N ALA A 21 19.95 15.78 -6.61
CA ALA A 21 20.30 16.85 -5.69
C ALA A 21 19.59 16.72 -4.34
N GLU A 22 19.38 15.47 -3.92
CA GLU A 22 18.55 15.11 -2.75
C GLU A 22 18.81 15.92 -1.47
N GLU A 23 20.08 16.18 -1.17
CA GLU A 23 20.48 16.95 0.01
C GLU A 23 19.86 18.35 -0.10
N ALA A 24 20.28 19.10 -1.12
CA ALA A 24 19.66 20.39 -1.41
C ALA A 24 18.11 20.35 -1.45
N ILE A 25 17.50 19.34 -2.07
CA ILE A 25 16.02 19.26 -2.08
C ILE A 25 15.39 19.05 -0.70
N GLU A 26 16.05 18.27 0.15
CA GLU A 26 15.61 18.08 1.53
C GLU A 26 15.67 19.38 2.32
N GLU A 27 16.77 20.11 2.17
CA GLU A 27 16.88 21.43 2.77
C GLU A 27 15.79 22.34 2.23
N LEU A 28 15.47 22.16 0.96
CA LEU A 28 14.54 23.06 0.30
C LEU A 28 13.10 22.70 0.63
N LYS A 29 12.94 21.59 1.34
CA LYS A 29 11.62 21.09 1.69
C LYS A 29 10.95 21.98 2.72
N GLU A 30 11.76 22.55 3.62
CA GLU A 30 11.30 23.52 4.60
C GLU A 30 10.82 24.79 3.91
N VAL A 31 11.58 25.22 2.92
CA VAL A 31 11.21 26.38 2.16
C VAL A 31 9.84 26.10 1.57
N VAL A 32 9.68 24.94 0.95
CA VAL A 32 8.39 24.66 0.34
C VAL A 32 7.26 24.85 1.34
N GLU A 33 7.43 24.30 2.54
CA GLU A 33 6.47 24.42 3.61
C GLU A 33 6.22 25.84 4.02
N PHE A 34 7.30 26.56 4.27
CA PHE A 34 7.13 27.96 4.63
C PHE A 34 6.33 28.69 3.55
N LEU A 35 6.52 28.33 2.29
CA LEU A 35 5.75 28.94 1.20
C LEU A 35 4.28 28.55 1.25
N LYS A 36 4.06 27.27 1.57
CA LYS A 36 2.75 26.67 1.55
C LYS A 36 1.89 27.31 2.63
N ASP A 37 2.48 27.37 3.83
CA ASP A 37 1.81 28.00 4.94
C ASP A 37 2.71 28.85 5.84
N PRO A 38 2.97 30.11 5.45
CA PRO A 38 3.87 30.95 6.25
C PRO A 38 3.48 31.02 7.74
N SER A 39 2.20 30.98 8.05
CA SER A 39 1.77 31.20 9.43
C SER A 39 2.44 30.23 10.43
N LYS A 40 2.57 28.96 10.04
CA LYS A 40 3.16 27.86 10.86
C LYS A 40 4.54 28.19 11.42
N PHE A 41 5.28 29.01 10.69
CA PHE A 41 6.54 29.59 11.14
C PHE A 41 6.30 30.91 11.85
N ASN A 42 5.61 31.85 11.18
CA ASN A 42 5.46 33.20 11.72
C ASN A 42 4.96 33.11 13.16
N ARG A 43 4.03 32.18 13.39
CA ARG A 43 3.31 32.11 14.66
C ARG A 43 4.21 31.87 15.88
N ILE A 44 5.26 31.07 15.72
CA ILE A 44 6.21 30.84 16.80
C ILE A 44 7.59 31.47 16.59
N GLY A 45 7.73 32.40 15.65
CA GLY A 45 8.97 33.16 15.54
C GLY A 45 10.13 32.45 14.85
N ALA A 46 9.83 31.37 14.14
CA ALA A 46 10.80 30.71 13.26
C ALA A 46 10.93 31.53 11.97
N ARG A 47 11.89 32.45 11.97
CA ARG A 47 12.06 33.37 10.84
C ARG A 47 12.83 32.75 9.71
N MET A 48 12.39 33.02 8.48
CA MET A 48 13.05 32.50 7.30
C MET A 48 14.10 33.43 6.72
N PRO A 49 15.05 32.87 5.95
CA PRO A 49 16.06 33.73 5.31
C PRO A 49 15.35 34.56 4.22
N LYS A 50 15.76 35.78 3.95
CA LYS A 50 15.03 36.50 2.91
C LYS A 50 15.65 36.09 1.58
N GLY A 51 16.93 35.76 1.65
CA GLY A 51 17.72 35.41 0.47
C GLY A 51 18.45 34.10 0.61
N ILE A 52 18.15 33.17 -0.29
CA ILE A 52 18.85 31.90 -0.27
C ILE A 52 19.77 31.77 -1.45
N LEU A 53 20.98 31.35 -1.17
CA LEU A 53 21.93 31.21 -2.24
C LEU A 53 22.28 29.75 -2.46
N LEU A 54 21.95 29.25 -3.65
CA LEU A 54 22.34 27.90 -4.09
C LEU A 54 23.71 27.91 -4.76
N VAL A 55 24.68 27.16 -4.25
CA VAL A 55 26.00 27.21 -4.85
C VAL A 55 26.45 25.93 -5.56
N GLY A 56 26.90 26.09 -6.80
CA GLY A 56 27.38 25.00 -7.63
C GLY A 56 27.62 25.37 -9.10
N PRO A 57 28.44 24.56 -9.81
CA PRO A 57 28.80 24.75 -11.23
C PRO A 57 27.54 24.88 -12.09
N PRO A 58 27.68 25.51 -13.28
CA PRO A 58 26.55 25.74 -14.20
C PRO A 58 25.94 24.45 -14.72
N GLY A 59 24.62 24.41 -14.84
CA GLY A 59 23.91 23.24 -15.33
C GLY A 59 23.49 22.24 -14.25
N THR A 60 23.88 22.50 -13.00
CA THR A 60 23.51 21.64 -11.88
C THR A 60 22.05 21.85 -11.52
N GLY A 61 21.38 22.62 -12.36
CA GLY A 61 19.94 22.80 -12.27
C GLY A 61 19.60 23.75 -11.15
N ALA A 62 20.41 24.78 -10.97
CA ALA A 62 20.18 25.71 -9.87
C ALA A 62 18.99 26.61 -10.16
N THR A 63 18.63 26.70 -11.44
CA THR A 63 17.46 27.46 -11.86
C THR A 63 16.25 26.55 -11.90
N LEU A 64 16.48 25.32 -12.37
CA LEU A 64 15.46 24.28 -12.32
C LEU A 64 14.98 24.09 -10.87
N LEU A 65 15.91 24.05 -9.92
CA LEU A 65 15.59 23.87 -8.49
C LEU A 65 14.68 24.95 -7.91
N ALA A 66 15.07 26.20 -8.13
CA ALA A 66 14.21 27.32 -7.82
C ALA A 66 12.79 27.09 -8.32
N ARG A 67 12.65 26.78 -9.61
CA ARG A 67 11.32 26.62 -10.19
C ARG A 67 10.63 25.44 -9.50
N ALA A 68 11.41 24.41 -9.21
CA ALA A 68 10.93 23.19 -8.56
C ALA A 68 10.37 23.46 -7.16
N VAL A 69 10.95 24.43 -6.45
CA VAL A 69 10.54 24.85 -5.11
C VAL A 69 9.20 25.63 -5.13
N ALA A 70 9.05 26.53 -6.11
CA ALA A 70 7.78 27.20 -6.36
C ALA A 70 6.69 26.24 -6.85
N GLY A 71 7.01 25.42 -7.84
CA GLY A 71 6.06 24.43 -8.35
C GLY A 71 5.66 23.40 -7.32
N GLU A 72 6.49 23.22 -6.30
CA GLU A 72 6.24 22.20 -5.30
C GLU A 72 5.32 22.75 -4.19
N ALA A 73 5.06 24.06 -4.25
CA ALA A 73 4.20 24.75 -3.29
C ALA A 73 3.12 25.50 -4.05
N ASN A 74 3.04 25.24 -5.35
CA ASN A 74 2.08 25.87 -6.23
C ASN A 74 2.05 27.38 -6.02
N VAL A 75 3.17 28.02 -6.30
CA VAL A 75 3.34 29.44 -6.04
C VAL A 75 4.07 30.11 -7.21
N PRO A 76 3.74 31.38 -7.46
CA PRO A 76 4.34 32.17 -8.54
C PRO A 76 5.86 32.08 -8.55
N PHE A 77 6.46 32.22 -9.72
CA PHE A 77 7.92 32.20 -9.87
C PHE A 77 8.39 33.28 -10.84
N PHE A 78 9.14 34.26 -10.33
CA PHE A 78 9.61 35.35 -11.18
C PHE A 78 11.06 35.19 -11.62
N HIS A 79 11.27 34.63 -12.81
CA HIS A 79 12.62 34.36 -13.32
C HIS A 79 13.27 35.62 -13.87
N ILE A 80 14.43 35.95 -13.32
CA ILE A 80 15.20 37.10 -13.76
C ILE A 80 16.66 36.71 -13.94
N SER A 81 17.36 37.43 -14.81
CA SER A 81 18.77 37.15 -15.06
C SER A 81 19.62 38.35 -14.63
N GLY A 82 20.76 38.06 -14.00
CA GLY A 82 21.67 39.08 -13.54
C GLY A 82 22.60 39.63 -14.61
N SER A 83 22.56 39.01 -15.79
CA SER A 83 23.34 39.46 -16.96
C SER A 83 22.54 40.43 -17.85
N ASP A 84 21.25 40.53 -17.58
CA ASP A 84 20.38 41.47 -18.29
C ASP A 84 20.57 42.91 -17.81
N PHE A 85 20.96 43.06 -16.55
CA PHE A 85 21.14 44.37 -15.94
C PHE A 85 22.49 45.01 -16.29
N VAL A 86 23.41 44.20 -16.81
CA VAL A 86 24.70 44.70 -17.30
C VAL A 86 24.50 45.27 -18.71
N GLU A 87 24.97 46.50 -18.90
CA GLU A 87 24.83 47.24 -20.16
C GLU A 87 23.58 48.13 -20.21
N LEU A 88 22.87 48.23 -19.09
CA LEU A 88 21.66 49.04 -19.01
C LEU A 88 21.96 50.54 -18.87
N PHE A 89 20.99 51.36 -19.22
CA PHE A 89 21.14 52.81 -19.13
C PHE A 89 21.09 53.30 -17.69
N VAL A 90 21.66 54.49 -17.45
CA VAL A 90 21.74 55.06 -16.10
C VAL A 90 20.36 55.15 -15.44
N GLY A 91 20.16 54.35 -14.40
CA GLY A 91 18.91 54.35 -13.67
C GLY A 91 18.03 53.18 -14.05
N VAL A 92 18.16 52.71 -15.29
CA VAL A 92 17.34 51.60 -15.78
C VAL A 92 17.56 50.32 -14.97
N GLY A 93 18.82 50.03 -14.64
CA GLY A 93 19.16 48.86 -13.86
C GLY A 93 18.49 48.80 -12.50
N ALA A 94 18.42 49.95 -11.83
CA ALA A 94 17.77 50.05 -10.52
C ALA A 94 16.23 50.01 -10.65
N ALA A 95 15.70 50.60 -11.70
CA ALA A 95 14.25 50.61 -11.92
C ALA A 95 13.66 49.22 -12.14
N ARG A 96 14.35 48.38 -12.90
CA ARG A 96 13.95 46.97 -13.13
C ARG A 96 13.78 46.17 -11.85
N VAL A 97 14.76 46.27 -10.95
CA VAL A 97 14.71 45.65 -9.62
C VAL A 97 13.51 46.13 -8.79
N ARG A 98 13.29 47.44 -8.73
CA ARG A 98 12.15 47.99 -7.98
C ARG A 98 10.83 47.42 -8.50
N ASP A 99 10.75 47.24 -9.81
CA ASP A 99 9.56 46.72 -10.45
C ASP A 99 9.32 45.26 -10.07
N LEU A 100 10.38 44.46 -10.20
CA LEU A 100 10.31 43.02 -9.95
C LEU A 100 9.69 42.65 -8.61
N PHE A 101 10.19 43.30 -7.56
CA PHE A 101 9.74 43.08 -6.18
C PHE A 101 8.36 43.65 -5.93
N ALA A 102 8.02 44.71 -6.64
CA ALA A 102 6.66 45.26 -6.56
C ALA A 102 5.69 44.21 -7.07
N GLN A 103 6.07 43.52 -8.14
CA GLN A 103 5.26 42.45 -8.73
C GLN A 103 5.26 41.19 -7.88
N ALA A 104 6.24 41.08 -7.00
CA ALA A 104 6.35 39.94 -6.10
C ALA A 104 5.46 40.09 -4.87
N LYS A 105 5.51 41.26 -4.22
CA LYS A 105 4.70 41.49 -3.02
C LYS A 105 3.21 41.27 -3.30
N ALA A 106 2.79 41.54 -4.54
CA ALA A 106 1.38 41.47 -4.93
C ALA A 106 0.95 40.03 -5.19
N HIS A 107 1.89 39.26 -5.73
CA HIS A 107 1.63 37.87 -6.08
C HIS A 107 2.09 36.93 -4.95
N ALA A 108 2.47 37.49 -3.81
CA ALA A 108 2.94 36.69 -2.68
C ALA A 108 1.84 35.83 -2.06
N PRO A 109 2.21 34.68 -1.46
CA PRO A 109 3.56 34.12 -1.38
C PRO A 109 4.14 33.80 -2.75
N CYS A 110 5.45 33.91 -2.91
CA CYS A 110 6.07 33.58 -4.20
C CYS A 110 7.55 33.24 -4.05
N ILE A 111 8.24 33.16 -5.19
CA ILE A 111 9.69 33.05 -5.19
C ILE A 111 10.24 34.00 -6.22
N VAL A 112 11.27 34.73 -5.83
CA VAL A 112 11.89 35.68 -6.73
C VAL A 112 13.27 35.13 -6.97
N PHE A 113 13.55 34.80 -8.22
CA PHE A 113 14.83 34.22 -8.54
C PHE A 113 15.68 35.24 -9.29
N ILE A 114 17.00 35.14 -9.11
CA ILE A 114 17.94 36.04 -9.78
C ILE A 114 19.11 35.26 -10.35
N ASP A 115 19.00 34.85 -11.60
CA ASP A 115 20.02 34.04 -12.25
C ASP A 115 21.29 34.84 -12.51
N GLU A 116 22.42 34.14 -12.49
CA GLU A 116 23.72 34.76 -12.72
C GLU A 116 23.77 36.05 -11.93
N ILE A 117 23.59 35.91 -10.63
CA ILE A 117 23.60 37.08 -9.78
C ILE A 117 24.99 37.69 -9.65
N ASP A 118 26.03 36.87 -9.84
CA ASP A 118 27.39 37.37 -9.65
C ASP A 118 27.80 38.35 -10.75
N ALA A 119 26.94 38.48 -11.76
CA ALA A 119 27.10 39.44 -12.83
C ALA A 119 26.64 40.84 -12.41
N VAL A 120 25.78 40.92 -11.39
CA VAL A 120 25.32 42.22 -10.93
C VAL A 120 25.82 42.53 -9.52
N GLY A 121 25.91 41.49 -8.69
CA GLY A 121 26.39 41.65 -7.32
C GLY A 121 27.90 41.58 -7.24
N ARG A 122 28.55 42.39 -8.07
CA ARG A 122 30.00 42.34 -8.22
C ARG A 122 30.66 43.67 -7.93
N HIS A 132 31.99 48.55 -11.85
CA HIS A 132 32.12 49.49 -10.74
C HIS A 132 31.55 50.87 -11.08
N ASP A 133 30.31 50.89 -11.57
CA ASP A 133 29.65 52.14 -11.93
C ASP A 133 28.13 52.03 -11.77
N GLU A 134 27.43 51.84 -12.89
CA GLU A 134 25.99 51.65 -12.84
C GLU A 134 25.64 50.35 -12.12
N ARG A 135 26.61 49.45 -12.07
CA ARG A 135 26.46 48.19 -11.35
C ARG A 135 26.33 48.42 -9.85
N GLU A 136 26.74 49.61 -9.42
CA GLU A 136 26.58 50.06 -8.04
C GLU A 136 25.11 50.39 -7.74
N GLN A 137 24.48 51.15 -8.64
CA GLN A 137 23.06 51.54 -8.50
C GLN A 137 22.14 50.32 -8.48
N THR A 138 22.29 49.45 -9.48
CA THR A 138 21.48 48.23 -9.56
C THR A 138 21.68 47.29 -8.36
N LEU A 139 22.94 47.02 -8.02
CA LEU A 139 23.28 46.24 -6.83
C LEU A 139 22.68 46.85 -5.58
N ASN A 140 22.94 48.13 -5.33
CA ASN A 140 22.42 48.80 -4.16
C ASN A 140 20.88 48.75 -4.15
N GLN A 141 20.29 48.87 -5.33
CA GLN A 141 18.82 48.88 -5.45
C GLN A 141 18.28 47.55 -5.03
N LEU A 142 19.05 46.50 -5.32
CA LEU A 142 18.71 45.17 -4.90
C LEU A 142 18.80 45.12 -3.37
N LEU A 143 19.91 45.63 -2.84
CA LEU A 143 20.12 45.65 -1.39
C LEU A 143 19.00 46.37 -0.63
N VAL A 144 18.34 47.32 -1.30
CA VAL A 144 17.21 48.07 -0.73
C VAL A 144 15.90 47.27 -0.77
N GLU A 145 15.63 46.64 -1.91
CA GLU A 145 14.46 45.78 -2.11
C GLU A 145 14.45 44.58 -1.18
N MET A 146 15.64 44.02 -0.97
CA MET A 146 15.83 42.97 0.02
C MET A 146 15.37 43.51 1.37
N ASP A 147 16.00 44.60 1.80
CA ASP A 147 15.70 45.22 3.10
C ASP A 147 14.28 45.77 3.12
N GLY A 148 13.64 45.74 1.96
CA GLY A 148 12.33 46.34 1.76
C GLY A 148 11.12 45.47 2.01
N PHE A 149 11.20 44.19 1.64
CA PHE A 149 10.02 43.33 1.73
C PHE A 149 9.92 42.64 3.08
N ASP A 150 8.73 42.11 3.39
CA ASP A 150 8.49 41.44 4.67
C ASP A 150 8.59 39.93 4.47
N SER A 151 9.53 39.27 5.16
CA SER A 151 9.66 37.81 5.04
C SER A 151 8.39 37.02 5.40
N LYS A 152 7.57 37.55 6.32
CA LYS A 152 6.37 36.85 6.79
C LYS A 152 5.33 36.71 5.69
N GLU A 153 5.37 37.63 4.74
CA GLU A 153 4.48 37.65 3.58
C GLU A 153 4.56 36.34 2.77
N GLY A 154 5.48 35.45 3.15
CA GLY A 154 5.76 34.23 2.39
C GLY A 154 6.62 34.44 1.13
N ILE A 155 7.39 35.52 1.09
CA ILE A 155 8.23 35.82 -0.07
C ILE A 155 9.67 35.36 0.19
N ILE A 156 10.25 34.67 -0.79
CA ILE A 156 11.64 34.20 -0.71
C ILE A 156 12.44 34.37 -1.99
N VAL A 157 13.55 35.08 -1.88
CA VAL A 157 14.43 35.36 -2.99
C VAL A 157 15.51 34.28 -3.05
N MET A 158 15.74 33.71 -4.23
CA MET A 158 16.87 32.82 -4.39
C MET A 158 17.82 33.35 -5.41
N ALA A 159 18.91 32.63 -5.59
CA ALA A 159 19.90 32.98 -6.59
C ALA A 159 20.94 31.88 -6.69
N ALA A 160 21.50 31.77 -7.89
CA ALA A 160 22.42 30.72 -8.23
C ALA A 160 23.74 31.34 -8.59
N THR A 161 24.83 30.66 -8.23
CA THR A 161 26.15 31.16 -8.54
C THR A 161 27.23 30.12 -8.36
N ASN A 162 27.87 29.77 -9.47
CA ASN A 162 29.08 28.96 -9.46
C ASN A 162 30.29 29.84 -9.15
N ARG A 163 30.03 31.13 -8.95
CA ARG A 163 31.07 32.12 -8.67
C ARG A 163 30.74 32.84 -7.37
N PRO A 164 30.87 32.13 -6.24
CA PRO A 164 30.35 32.54 -4.93
C PRO A 164 31.28 33.53 -4.22
N ASP A 165 32.48 33.71 -4.76
CA ASP A 165 33.49 34.57 -4.15
C ASP A 165 33.52 35.98 -4.77
N ILE A 166 33.10 36.09 -6.03
CA ILE A 166 33.07 37.37 -6.75
C ILE A 166 32.00 38.31 -6.17
N LEU A 167 31.15 37.75 -5.32
CA LEU A 167 30.00 38.48 -4.78
C LEU A 167 30.37 39.51 -3.74
N ASP A 168 29.72 40.67 -3.82
CA ASP A 168 29.93 41.74 -2.86
C ASP A 168 29.47 41.26 -1.48
N PRO A 169 30.37 41.32 -0.49
CA PRO A 169 30.08 40.86 0.89
C PRO A 169 28.81 41.44 1.51
N ALA A 170 28.31 42.54 0.94
CA ALA A 170 27.07 43.19 1.40
C ALA A 170 25.85 42.27 1.25
N LEU A 171 25.77 41.59 0.10
CA LEU A 171 24.68 40.66 -0.19
C LEU A 171 24.67 39.46 0.75
N LEU A 172 25.81 39.19 1.39
CA LEU A 172 26.00 38.03 2.26
C LEU A 172 25.69 38.34 3.74
N ARG A 173 25.30 39.58 4.01
CA ARG A 173 25.04 40.05 5.36
C ARG A 173 23.63 39.79 5.82
N PRO A 174 23.47 39.41 7.09
CA PRO A 174 22.19 39.00 7.66
C PRO A 174 21.09 39.95 7.22
N GLY A 175 19.95 39.40 6.83
CA GLY A 175 18.87 40.17 6.25
C GLY A 175 18.72 40.00 4.74
N ARG A 176 19.73 39.43 4.10
CA ARG A 176 19.74 39.28 2.64
C ARG A 176 20.03 37.86 2.23
N PHE A 177 21.05 37.68 1.40
CA PHE A 177 21.53 36.32 1.10
C PHE A 177 22.45 35.82 2.25
N ASP A 178 21.85 35.58 3.42
CA ASP A 178 22.57 35.03 4.58
C ASP A 178 22.36 33.52 4.79
N LYS A 179 22.03 32.78 3.75
CA LYS A 179 21.92 31.32 3.86
C LYS A 179 22.35 30.68 2.53
N LYS A 180 23.05 29.55 2.60
CA LYS A 180 23.39 28.82 1.37
C LYS A 180 22.93 27.38 1.50
N ILE A 181 22.39 26.84 0.42
CA ILE A 181 22.03 25.44 0.42
C ILE A 181 22.97 24.84 -0.58
N VAL A 182 23.73 23.85 -0.12
CA VAL A 182 24.79 23.29 -0.92
C VAL A 182 24.26 22.32 -1.94
N VAL A 183 24.59 22.57 -3.19
CA VAL A 183 24.14 21.69 -4.24
C VAL A 183 25.28 20.79 -4.64
N ASP A 184 25.26 19.58 -4.10
CA ASP A 184 26.35 18.64 -4.30
C ASP A 184 26.17 17.85 -5.56
N PRO A 185 27.29 17.51 -6.21
CA PRO A 185 27.39 16.62 -7.38
C PRO A 185 26.74 15.27 -7.09
N PRO A 186 26.07 14.70 -8.12
CA PRO A 186 25.26 13.49 -7.95
C PRO A 186 26.08 12.21 -7.85
N ASP A 187 25.55 11.27 -7.08
CA ASP A 187 26.19 9.97 -7.04
C ASP A 187 25.78 9.21 -8.30
N MET A 188 26.11 7.93 -8.38
CA MET A 188 25.72 7.16 -9.56
C MET A 188 24.17 7.13 -9.75
N LEU A 189 23.41 6.85 -8.69
CA LEU A 189 21.95 6.84 -8.82
C LEU A 189 21.33 8.20 -9.18
N GLY A 190 22.02 9.28 -8.84
CA GLY A 190 21.55 10.63 -9.12
C GLY A 190 21.80 10.99 -10.56
N ARG A 191 22.95 10.55 -11.05
CA ARG A 191 23.30 10.62 -12.45
C ARG A 191 22.35 9.78 -13.30
N LYS A 192 21.96 8.62 -12.79
CA LYS A 192 21.01 7.80 -13.51
C LYS A 192 19.69 8.56 -13.77
N LYS A 193 19.21 9.28 -12.75
CA LYS A 193 17.92 9.97 -12.84
C LYS A 193 17.98 11.21 -13.73
N ILE A 194 19.05 11.96 -13.54
CA ILE A 194 19.38 13.03 -14.47
C ILE A 194 19.42 12.57 -15.95
N LEU A 195 19.90 11.35 -16.21
CA LEU A 195 19.95 10.84 -17.59
C LEU A 195 18.57 10.51 -18.13
N GLU A 196 17.82 9.75 -17.34
CA GLU A 196 16.41 9.50 -17.57
C GLU A 196 15.62 10.78 -17.90
N ILE A 197 15.86 11.83 -17.13
CA ILE A 197 15.21 13.12 -17.36
C ILE A 197 15.64 13.77 -18.67
N HIS A 198 16.91 13.62 -19.04
CA HIS A 198 17.40 14.30 -20.23
C HIS A 198 17.16 13.42 -21.46
N THR A 199 16.51 12.29 -21.19
CA THR A 199 16.31 11.20 -22.13
C THR A 199 14.78 11.02 -22.36
N ARG A 200 13.98 11.81 -21.65
CA ARG A 200 12.51 11.86 -21.79
C ARG A 200 12.07 11.97 -23.24
N ASN A 201 12.65 12.95 -23.94
CA ASN A 201 12.26 13.26 -25.33
C ASN A 201 13.29 12.85 -26.36
N LYS A 202 13.93 11.71 -26.14
CA LYS A 202 14.92 11.19 -27.06
C LYS A 202 14.54 9.75 -27.38
N PRO A 203 14.74 9.37 -28.66
CA PRO A 203 14.47 8.02 -29.15
C PRO A 203 15.63 7.13 -28.75
N LEU A 204 15.50 6.31 -27.72
CA LEU A 204 16.60 5.44 -27.35
C LEU A 204 16.34 4.04 -27.82
N ALA A 205 17.37 3.44 -28.39
CA ALA A 205 17.34 2.03 -28.72
C ALA A 205 17.10 1.23 -27.45
N GLU A 206 16.63 0.00 -27.60
CA GLU A 206 16.42 -0.87 -26.44
C GLU A 206 17.73 -1.26 -25.71
N ASP A 207 18.84 -1.31 -26.45
CA ASP A 207 20.14 -1.73 -25.88
C ASP A 207 20.77 -0.68 -24.96
N VAL A 208 20.05 0.39 -24.68
CA VAL A 208 20.62 1.48 -23.92
C VAL A 208 20.42 1.27 -22.42
N ASN A 209 21.53 1.25 -21.68
CA ASN A 209 21.47 1.03 -20.25
C ASN A 209 22.01 2.26 -19.53
N LEU A 210 21.09 3.09 -19.04
CA LEU A 210 21.48 4.33 -18.36
C LEU A 210 22.22 4.04 -17.05
N GLU A 211 22.01 2.85 -16.49
CA GLU A 211 22.71 2.55 -15.26
C GLU A 211 24.22 2.45 -15.47
N ILE A 212 24.60 1.81 -16.58
CA ILE A 212 26.01 1.66 -16.91
C ILE A 212 26.62 2.99 -17.34
N ILE A 213 25.82 3.83 -17.99
CA ILE A 213 26.32 5.14 -18.38
C ILE A 213 26.51 6.00 -17.13
N ALA A 214 25.62 5.86 -16.16
CA ALA A 214 25.75 6.57 -14.89
C ALA A 214 26.98 6.09 -14.11
N LYS A 215 27.14 4.77 -14.03
CA LYS A 215 28.35 4.21 -13.46
C LYS A 215 29.60 4.74 -14.11
N ARG A 216 29.56 5.00 -15.41
CA ARG A 216 30.77 5.35 -16.15
C ARG A 216 31.04 6.87 -16.19
N THR A 217 30.24 7.66 -15.48
CA THR A 217 30.40 9.11 -15.47
C THR A 217 30.54 9.69 -14.06
N PRO A 218 31.37 9.07 -13.20
CA PRO A 218 31.56 9.60 -11.85
C PRO A 218 32.18 10.97 -11.98
N GLY A 219 31.81 11.91 -11.12
CA GLY A 219 32.29 13.27 -11.30
C GLY A 219 31.47 14.11 -12.26
N PHE A 220 30.60 13.49 -13.04
CA PHE A 220 29.77 14.25 -13.98
C PHE A 220 28.64 14.92 -13.22
N VAL A 221 28.38 16.20 -13.52
CA VAL A 221 27.19 16.91 -13.01
C VAL A 221 26.06 16.95 -14.06
N GLY A 222 24.94 17.59 -13.71
CA GLY A 222 23.79 17.65 -14.61
C GLY A 222 24.07 18.18 -16.02
N ALA A 223 24.74 19.33 -16.11
CA ALA A 223 25.09 19.92 -17.39
C ALA A 223 26.05 19.04 -18.19
N ASP A 224 26.92 18.30 -17.49
CA ASP A 224 27.79 17.34 -18.16
C ASP A 224 26.95 16.19 -18.71
N LEU A 225 26.04 15.66 -17.87
CA LEU A 225 25.15 14.58 -18.30
C LEU A 225 24.27 14.98 -19.51
N GLU A 226 23.89 16.26 -19.58
CA GLU A 226 23.02 16.74 -20.65
C GLU A 226 23.80 16.84 -21.94
N ASN A 227 25.08 17.16 -21.79
CA ASN A 227 25.92 17.28 -22.94
C ASN A 227 26.24 15.90 -23.48
N LEU A 228 26.39 14.95 -22.57
CA LEU A 228 26.65 13.56 -22.92
C LEU A 228 25.52 13.06 -23.81
N VAL A 229 24.30 13.16 -23.31
CA VAL A 229 23.11 12.83 -24.09
C VAL A 229 23.13 13.52 -25.47
N ASN A 230 23.56 14.77 -25.54
CA ASN A 230 23.58 15.41 -26.84
C ASN A 230 24.63 14.81 -27.74
N GLU A 231 25.78 14.54 -27.15
CA GLU A 231 26.88 13.95 -27.88
C GLU A 231 26.52 12.59 -28.44
N ALA A 232 25.68 11.84 -27.72
CA ALA A 232 25.25 10.55 -28.22
C ALA A 232 24.29 10.75 -29.41
N ALA A 233 23.46 11.79 -29.33
CA ALA A 233 22.57 12.15 -30.43
C ALA A 233 23.34 12.65 -31.66
N LEU A 234 24.39 13.45 -31.48
CA LEU A 234 25.19 13.92 -32.61
C LEU A 234 25.82 12.75 -33.38
N LEU A 235 26.17 11.71 -32.61
CA LEU A 235 26.74 10.44 -33.06
C LEU A 235 25.80 9.57 -33.91
N ALA A 236 24.56 9.43 -33.43
CA ALA A 236 23.48 8.81 -34.20
C ALA A 236 23.03 9.65 -35.42
N ALA A 237 22.87 10.97 -35.24
CA ALA A 237 22.52 11.87 -36.35
C ALA A 237 23.57 11.81 -37.45
N ARG A 238 24.82 11.59 -37.08
CA ARG A 238 25.92 11.62 -38.03
C ARG A 238 25.73 10.50 -39.03
N GLU A 239 25.04 9.46 -38.59
CA GLU A 239 24.87 8.31 -39.45
C GLU A 239 23.41 8.26 -39.85
N GLY A 240 22.75 9.42 -39.71
CA GLY A 240 21.37 9.58 -40.11
C GLY A 240 20.39 8.59 -39.49
N ARG A 241 20.74 8.07 -38.32
CA ARG A 241 19.92 7.07 -37.64
C ARG A 241 18.86 7.75 -36.78
N ASP A 242 17.85 6.98 -36.38
CA ASP A 242 16.67 7.53 -35.73
C ASP A 242 16.57 7.17 -34.24
N LYS A 243 17.42 6.23 -33.83
CA LYS A 243 17.47 5.79 -32.44
C LYS A 243 18.94 5.97 -32.01
N ILE A 244 19.11 6.49 -30.80
CA ILE A 244 20.42 6.56 -30.14
C ILE A 244 20.65 5.24 -29.39
N THR A 245 21.82 4.65 -29.61
CA THR A 245 22.15 3.30 -29.16
C THR A 245 23.21 3.32 -28.05
N MET A 246 23.24 2.27 -27.24
CA MET A 246 24.38 2.07 -26.35
C MET A 246 25.73 2.40 -27.03
N LYS A 247 25.99 1.94 -28.26
CA LYS A 247 27.25 2.39 -28.85
C LYS A 247 27.46 3.90 -28.82
N ASP A 248 26.43 4.65 -29.19
CA ASP A 248 26.51 6.11 -29.19
C ASP A 248 26.84 6.67 -27.80
N PHE A 249 26.20 6.14 -26.76
CA PHE A 249 26.48 6.61 -25.40
C PHE A 249 27.91 6.30 -24.97
N GLU A 250 28.34 5.06 -25.15
CA GLU A 250 29.67 4.63 -24.72
C GLU A 250 30.72 5.41 -25.48
N GLU A 251 30.54 5.52 -26.79
CA GLU A 251 31.45 6.37 -27.52
C GLU A 251 31.33 7.83 -27.11
N ALA A 252 30.15 8.27 -26.72
CA ALA A 252 30.04 9.69 -26.37
C ALA A 252 30.81 9.96 -25.08
N ILE A 253 30.79 9.00 -24.17
CA ILE A 253 31.56 9.16 -22.94
C ILE A 253 33.04 9.23 -23.25
N ASP A 254 33.56 8.20 -23.92
CA ASP A 254 34.96 8.23 -24.31
C ASP A 254 35.36 9.55 -25.01
N ARG A 255 34.54 10.10 -25.90
CA ARG A 255 34.96 11.35 -26.56
C ARG A 255 35.00 12.53 -25.61
N VAL A 256 34.12 12.54 -24.63
CA VAL A 256 33.91 13.73 -23.83
C VAL A 256 35.06 13.82 -22.86
N ILE A 257 35.38 12.69 -22.25
CA ILE A 257 36.52 12.52 -21.36
C ILE A 257 37.87 12.62 -22.11
N ALA A 258 38.17 11.62 -22.94
CA ALA A 258 39.47 11.48 -23.59
C ALA A 258 39.58 12.00 -25.04
N GLY A 259 38.66 12.88 -25.44
CA GLY A 259 38.63 13.36 -26.82
C GLY A 259 38.23 12.32 -27.87
N PRO A 260 38.25 12.73 -29.15
CA PRO A 260 37.87 11.88 -30.29
C PRO A 260 38.83 10.72 -30.42
N ALA A 261 38.69 9.94 -31.47
CA ALA A 261 39.51 8.75 -31.63
C ALA A 261 40.48 8.99 -32.77
N ARG A 262 41.76 9.18 -32.45
CA ARG A 262 42.72 9.56 -33.47
C ARG A 262 43.10 8.42 -34.39
N LYS A 263 42.15 8.01 -35.23
CA LYS A 263 42.41 6.95 -36.19
C LYS A 263 43.27 7.48 -37.33
N SER A 264 43.88 8.64 -37.13
CA SER A 264 44.73 9.25 -38.14
C SER A 264 46.16 8.75 -38.07
N LEU A 265 46.75 8.94 -36.89
CA LEU A 265 48.17 8.71 -36.72
C LEU A 265 48.54 7.28 -37.01
N LEU A 266 49.77 7.11 -37.47
CA LEU A 266 50.24 5.84 -37.95
C LEU A 266 51.21 5.24 -36.94
N ILE A 267 50.79 4.14 -36.34
CA ILE A 267 51.58 3.47 -35.33
C ILE A 267 52.15 2.19 -35.91
N SER A 268 53.44 1.98 -35.75
CA SER A 268 54.03 0.83 -36.41
C SER A 268 53.62 -0.46 -35.70
N PRO A 269 53.65 -1.59 -36.43
CA PRO A 269 53.25 -2.90 -35.87
C PRO A 269 53.96 -3.25 -34.56
N ALA A 270 55.25 -2.99 -34.46
CA ALA A 270 56.00 -3.29 -33.24
C ALA A 270 55.49 -2.45 -32.08
N GLU A 271 55.28 -1.15 -32.29
CA GLU A 271 54.74 -0.35 -31.21
C GLU A 271 53.29 -0.77 -30.88
N LYS A 272 52.55 -1.29 -31.85
CA LYS A 272 51.18 -1.70 -31.55
C LYS A 272 51.14 -2.92 -30.65
N ARG A 273 52.13 -3.80 -30.82
CA ARG A 273 52.28 -4.97 -29.96
C ARG A 273 52.56 -4.57 -28.51
N ILE A 274 53.50 -3.64 -28.34
CA ILE A 274 53.88 -3.18 -27.01
C ILE A 274 52.66 -2.55 -26.34
N ILE A 275 51.98 -1.65 -27.07
CA ILE A 275 50.74 -1.05 -26.59
C ILE A 275 49.69 -2.10 -26.19
N ALA A 276 49.48 -3.09 -27.04
CA ALA A 276 48.55 -4.21 -26.75
C ALA A 276 48.92 -4.92 -25.44
N TYR A 277 50.15 -5.45 -25.37
CA TYR A 277 50.67 -6.12 -24.18
C TYR A 277 50.53 -5.26 -22.95
N HIS A 278 50.95 -4.01 -23.08
CA HIS A 278 50.84 -3.07 -21.98
C HIS A 278 49.40 -3.03 -21.44
N GLU A 279 48.46 -2.69 -22.31
CA GLU A 279 47.05 -2.66 -21.95
C GLU A 279 46.49 -4.00 -21.47
N ALA A 280 46.75 -5.07 -22.20
CA ALA A 280 46.31 -6.39 -21.76
C ALA A 280 46.86 -6.67 -20.35
N GLY A 281 48.10 -6.24 -20.10
CA GLY A 281 48.70 -6.29 -18.78
C GLY A 281 47.88 -5.67 -17.66
N HIS A 282 47.49 -4.41 -17.83
CA HIS A 282 46.60 -3.78 -16.86
C HIS A 282 45.36 -4.61 -16.60
N ALA A 283 44.75 -5.06 -17.69
CA ALA A 283 43.45 -5.70 -17.58
C ALA A 283 43.55 -7.05 -16.87
N VAL A 284 44.47 -7.89 -17.31
CA VAL A 284 44.74 -9.14 -16.59
C VAL A 284 45.00 -8.91 -15.10
N VAL A 285 46.02 -8.12 -14.78
CA VAL A 285 46.38 -7.94 -13.37
C VAL A 285 45.20 -7.37 -12.60
N SER A 286 44.44 -6.49 -13.23
CA SER A 286 43.34 -5.86 -12.55
C SER A 286 42.22 -6.84 -12.19
N THR A 287 41.92 -7.72 -13.13
CA THR A 287 40.97 -8.81 -12.97
C THR A 287 41.40 -9.90 -11.98
N VAL A 288 42.65 -10.33 -12.10
CA VAL A 288 43.16 -11.39 -11.25
C VAL A 288 43.21 -11.00 -9.77
N VAL A 289 43.64 -9.77 -9.53
CA VAL A 289 43.73 -9.23 -8.21
C VAL A 289 42.33 -9.02 -7.56
N PRO A 290 42.19 -9.44 -6.29
CA PRO A 290 40.95 -9.57 -5.48
C PRO A 290 40.08 -8.32 -5.49
N ASN A 291 40.67 -7.19 -5.11
CA ASN A 291 39.93 -5.91 -5.12
C ASN A 291 39.84 -5.03 -6.37
N GLY A 292 40.30 -5.43 -7.53
CA GLY A 292 40.02 -4.56 -8.67
C GLY A 292 38.51 -4.21 -8.83
N GLU A 293 38.23 -3.02 -9.36
CA GLU A 293 37.01 -2.72 -10.15
C GLU A 293 37.07 -3.49 -11.44
N PRO A 294 35.97 -4.13 -11.81
CA PRO A 294 35.94 -4.96 -13.02
C PRO A 294 36.22 -4.14 -14.28
N VAL A 295 37.02 -4.70 -15.17
CA VAL A 295 37.32 -4.15 -16.48
C VAL A 295 36.05 -4.08 -17.29
N HIS A 296 35.91 -3.01 -18.07
CA HIS A 296 34.69 -2.78 -18.82
C HIS A 296 35.07 -2.90 -20.29
N ARG A 297 36.24 -2.36 -20.63
CA ARG A 297 36.72 -2.35 -21.99
C ARG A 297 38.23 -2.07 -22.02
N ILE A 298 38.90 -2.72 -22.98
CA ILE A 298 40.30 -2.46 -23.34
C ILE A 298 40.32 -1.95 -24.80
N SER A 299 40.99 -0.82 -25.01
CA SER A 299 41.13 -0.22 -26.34
C SER A 299 42.60 0.10 -26.62
N ILE A 300 42.96 -0.09 -27.90
CA ILE A 300 44.31 0.09 -28.41
C ILE A 300 44.25 1.25 -29.39
N ILE A 301 43.08 1.89 -29.38
CA ILE A 301 42.82 3.04 -30.24
C ILE A 301 43.21 4.38 -29.61
N PRO A 302 44.12 5.12 -30.27
CA PRO A 302 44.58 6.40 -29.72
C PRO A 302 43.44 7.40 -29.59
N ARG A 303 43.52 8.26 -28.59
CA ARG A 303 42.42 9.14 -28.19
C ARG A 303 42.98 10.42 -27.60
N GLY A 304 42.65 11.56 -28.19
CA GLY A 304 43.02 12.84 -27.61
C GLY A 304 44.52 13.02 -27.47
N TYR A 305 44.91 13.93 -26.59
CA TYR A 305 46.30 14.36 -26.44
C TYR A 305 47.23 13.30 -25.88
N LYS A 306 47.91 12.60 -26.79
CA LYS A 306 48.86 11.54 -26.39
C LYS A 306 48.25 10.52 -25.44
N ALA A 307 47.40 9.66 -25.96
CA ALA A 307 46.89 8.53 -25.21
C ALA A 307 46.74 7.37 -26.16
N LEU A 308 47.77 6.54 -26.20
CA LEU A 308 47.88 5.45 -27.16
C LEU A 308 46.97 4.25 -26.83
N GLY A 309 46.56 4.10 -25.58
CA GLY A 309 45.75 2.94 -25.20
C GLY A 309 45.27 3.15 -23.79
N TYR A 310 44.33 2.33 -23.34
CA TYR A 310 43.75 2.52 -22.01
C TYR A 310 42.80 1.37 -21.71
N THR A 311 42.44 1.24 -20.44
CA THR A 311 41.54 0.21 -19.92
C THR A 311 40.44 0.87 -19.09
N LEU A 312 39.22 0.89 -19.60
CA LEU A 312 38.07 1.36 -18.84
C LEU A 312 37.61 0.34 -17.80
N HIS A 313 37.36 0.81 -16.59
CA HIS A 313 36.69 0.01 -15.58
C HIS A 313 35.23 0.41 -15.44
N LEU A 314 34.41 -0.52 -14.97
CA LEU A 314 33.00 -0.23 -14.66
C LEU A 314 32.78 -0.47 -13.19
N PRO A 315 32.86 0.59 -12.39
CA PRO A 315 32.57 0.51 -10.94
C PRO A 315 31.20 -0.17 -10.64
N GLU A 316 30.92 -0.44 -9.37
CA GLU A 316 29.69 -1.15 -9.02
C GLU A 316 29.25 -0.85 -7.60
N GLU A 317 29.61 0.35 -7.15
CA GLU A 317 29.67 0.66 -5.74
C GLU A 317 29.06 2.02 -5.44
N ASP A 318 29.93 3.00 -5.26
CA ASP A 318 29.68 4.20 -4.49
C ASP A 318 30.27 3.93 -3.10
N LYS A 319 31.60 3.84 -3.05
CA LYS A 319 32.33 3.56 -1.82
C LYS A 319 32.92 4.82 -1.23
N TYR A 320 32.96 4.93 0.09
CA TYR A 320 33.53 6.13 0.68
C TYR A 320 34.80 5.86 1.48
N LEU A 321 35.12 4.59 1.66
CA LEU A 321 36.33 4.27 2.39
C LEU A 321 37.22 3.48 1.45
N VAL A 322 38.52 3.61 1.61
CA VAL A 322 39.38 2.71 0.87
C VAL A 322 40.37 2.03 1.81
N SER A 323 40.56 0.72 1.65
CA SER A 323 41.46 -0.04 2.52
C SER A 323 42.85 -0.23 1.96
N ARG A 324 43.77 -0.56 2.86
CA ARG A 324 45.15 -0.84 2.49
C ARG A 324 45.31 -1.92 1.42
N ASN A 325 44.59 -3.02 1.57
CA ASN A 325 44.58 -4.03 0.53
C ASN A 325 43.98 -3.56 -0.79
N GLU A 326 42.97 -2.71 -0.73
CA GLU A 326 42.41 -2.23 -1.98
C GLU A 326 43.40 -1.34 -2.73
N LEU A 327 44.15 -0.52 -1.99
CA LEU A 327 45.17 0.32 -2.63
C LEU A 327 46.37 -0.50 -3.12
N LEU A 328 46.69 -1.58 -2.40
CA LEU A 328 47.78 -2.44 -2.82
C LEU A 328 47.39 -3.14 -4.13
N ASP A 329 46.12 -3.52 -4.23
CA ASP A 329 45.66 -4.20 -5.42
C ASP A 329 45.61 -3.22 -6.58
N LYS A 330 45.25 -1.97 -6.30
CA LYS A 330 45.10 -0.96 -7.37
C LYS A 330 46.49 -0.58 -7.87
N LEU A 331 47.43 -0.62 -6.96
CA LEU A 331 48.81 -0.31 -7.23
C LEU A 331 49.43 -1.37 -8.15
N THR A 332 49.19 -2.64 -7.81
CA THR A 332 49.65 -3.76 -8.64
C THR A 332 49.10 -3.59 -10.06
N ALA A 333 47.79 -3.39 -10.16
CA ALA A 333 47.16 -3.21 -11.48
C ALA A 333 47.81 -2.05 -12.28
N LEU A 334 48.12 -0.94 -11.61
CA LEU A 334 48.69 0.24 -12.25
C LEU A 334 50.08 -0.11 -12.76
N LEU A 335 50.69 -1.12 -12.16
CA LEU A 335 52.00 -1.51 -12.60
C LEU A 335 51.91 -2.67 -13.61
N GLY A 336 50.71 -3.13 -13.89
CA GLY A 336 50.51 -4.25 -14.80
C GLY A 336 51.01 -4.03 -16.22
N GLY A 337 50.78 -2.81 -16.71
CA GLY A 337 51.28 -2.44 -18.03
C GLY A 337 52.77 -2.67 -18.19
N ARG A 338 53.55 -2.13 -17.25
CA ARG A 338 54.98 -2.16 -17.36
C ARG A 338 55.55 -3.54 -17.09
N ALA A 339 54.92 -4.20 -16.12
CA ALA A 339 55.21 -5.60 -15.80
C ALA A 339 55.14 -6.46 -17.07
N ALA A 340 53.98 -6.45 -17.72
CA ALA A 340 53.84 -7.07 -19.03
C ALA A 340 54.95 -6.66 -20.04
N GLU A 341 55.35 -5.39 -20.11
CA GLU A 341 56.43 -5.03 -21.04
C GLU A 341 57.72 -5.73 -20.63
N GLU A 342 58.03 -5.66 -19.35
CA GLU A 342 59.30 -6.21 -18.91
C GLU A 342 59.34 -7.69 -19.19
N VAL A 343 58.29 -8.39 -18.76
CA VAL A 343 58.26 -9.83 -18.86
C VAL A 343 58.30 -10.33 -20.32
N VAL A 344 57.57 -9.65 -21.18
CA VAL A 344 57.44 -10.09 -22.56
C VAL A 344 58.59 -9.61 -23.46
N PHE A 345 59.01 -8.37 -23.30
CA PHE A 345 60.00 -7.81 -24.22
C PHE A 345 61.41 -7.64 -23.67
N GLY A 346 61.55 -7.66 -22.35
CA GLY A 346 62.83 -7.36 -21.76
C GLY A 346 63.20 -5.87 -21.69
N ASP A 347 62.88 -5.11 -22.73
CA ASP A 347 63.35 -3.73 -22.88
C ASP A 347 62.17 -2.79 -22.57
N VAL A 348 62.02 -2.28 -21.36
CA VAL A 348 60.83 -1.46 -21.06
C VAL A 348 60.87 -0.12 -21.82
N THR A 349 59.69 0.46 -22.10
CA THR A 349 59.58 1.74 -22.82
C THR A 349 59.15 2.87 -21.90
N SER A 350 59.24 4.10 -22.42
CA SER A 350 58.75 5.28 -21.72
C SER A 350 57.22 5.30 -21.49
N GLY A 351 56.47 4.43 -22.15
CA GLY A 351 55.03 4.44 -22.03
C GLY A 351 54.45 4.46 -20.63
N ALA A 352 55.09 3.80 -19.68
CA ALA A 352 54.48 3.62 -18.36
C ALA A 352 54.75 4.77 -17.37
N ALA A 353 55.38 5.84 -17.84
CA ALA A 353 55.77 6.95 -16.96
C ALA A 353 54.61 7.45 -16.07
N ASN A 354 53.46 7.74 -16.67
CA ASN A 354 52.28 8.15 -15.91
C ASN A 354 51.78 7.11 -14.93
N ASP A 355 51.82 5.83 -15.33
CA ASP A 355 51.48 4.74 -14.41
C ASP A 355 52.37 4.77 -13.17
N ILE A 356 53.66 5.01 -13.41
CA ILE A 356 54.67 4.85 -12.39
C ILE A 356 54.52 6.01 -11.39
N GLU A 357 54.28 7.19 -11.93
CA GLU A 357 54.01 8.36 -11.13
C GLU A 357 52.71 8.19 -10.35
N ARG A 358 51.68 7.64 -10.97
CA ARG A 358 50.47 7.45 -10.19
C ARG A 358 50.70 6.46 -9.05
N ALA A 359 51.49 5.43 -9.30
CA ALA A 359 51.70 4.38 -8.31
C ALA A 359 52.56 4.87 -7.17
N THR A 360 53.62 5.58 -7.50
CA THR A 360 54.49 6.16 -6.49
C THR A 360 53.69 7.12 -5.62
N GLU A 361 52.73 7.81 -6.22
CA GLU A 361 51.95 8.79 -5.48
C GLU A 361 51.05 8.14 -4.39
N ILE A 362 50.31 7.11 -4.75
CA ILE A 362 49.58 6.23 -3.81
C ILE A 362 50.43 5.65 -2.67
N ALA A 363 51.60 5.10 -3.02
CA ALA A 363 52.45 4.57 -1.96
C ALA A 363 52.88 5.66 -0.97
N ARG A 364 53.21 6.84 -1.46
CA ARG A 364 53.65 7.95 -0.58
C ARG A 364 52.51 8.32 0.35
N ASN A 365 51.34 8.26 -0.23
CA ASN A 365 50.22 8.73 0.48
C ASN A 365 49.85 7.73 1.57
N MET A 366 49.93 6.45 1.25
CA MET A 366 49.72 5.40 2.24
C MET A 366 50.65 5.55 3.42
N VAL A 367 51.89 5.92 3.12
CA VAL A 367 52.97 5.91 4.09
C VAL A 367 52.99 7.23 4.84
N CYS A 368 52.66 8.31 4.14
CA CYS A 368 52.77 9.64 4.74
C CYS A 368 51.46 10.27 5.30
N GLN A 369 50.29 9.82 4.82
CA GLN A 369 49.00 10.35 5.30
C GLN A 369 48.07 9.29 5.94
N LEU A 370 48.03 8.10 5.35
CA LEU A 370 47.02 7.10 5.75
C LEU A 370 47.48 6.15 6.85
N GLY A 371 48.75 6.26 7.24
CA GLY A 371 49.28 5.47 8.33
C GLY A 371 49.28 3.99 7.99
N MET A 372 49.69 3.71 6.77
CA MET A 372 49.55 2.35 6.28
C MET A 372 50.88 1.61 6.15
N SER A 373 51.91 2.09 6.82
CA SER A 373 53.10 1.28 6.88
C SER A 373 53.37 0.93 8.32
N GLU A 374 53.89 -0.27 8.57
CA GLU A 374 54.11 -0.66 9.94
C GLU A 374 55.34 0.06 10.53
N GLU A 375 56.38 0.27 9.72
CA GLU A 375 57.55 0.90 10.28
C GLU A 375 57.22 2.25 10.81
N LEU A 376 56.42 2.98 10.03
CA LEU A 376 56.32 4.41 10.27
C LEU A 376 55.21 4.76 11.22
N GLY A 377 54.29 3.81 11.39
CA GLY A 377 53.22 3.99 12.38
C GLY A 377 52.11 4.86 11.90
N PRO A 378 51.09 5.02 12.76
CA PRO A 378 49.90 5.82 12.43
C PRO A 378 50.18 7.29 12.70
N LEU A 379 51.13 7.81 11.92
CA LEU A 379 51.57 9.18 12.03
C LEU A 379 51.41 9.82 10.65
N ALA A 380 50.99 11.08 10.67
CA ALA A 380 50.93 11.92 9.50
C ALA A 380 52.30 12.61 9.35
N TRP A 381 53.18 12.12 8.48
CA TRP A 381 54.45 12.81 8.20
C TRP A 381 54.25 13.79 7.05
N GLY A 382 54.47 15.07 7.28
CA GLY A 382 54.16 16.04 6.23
C GLY A 382 52.96 16.90 6.57
N LYS A 383 52.69 17.91 5.74
CA LYS A 383 51.62 18.86 6.04
C LYS A 383 51.97 19.74 7.25
N ARG A 396 52.11 22.80 6.40
CA ARG A 396 53.42 23.15 6.94
C ARG A 396 54.57 22.58 6.10
N LEU A 397 54.24 21.91 4.98
CA LEU A 397 55.23 21.22 4.11
C LEU A 397 56.06 20.21 4.91
N ARG A 398 57.08 19.62 4.27
CA ARG A 398 58.00 18.71 4.99
C ARG A 398 58.62 19.28 6.25
N ASN A 399 58.35 18.56 7.32
CA ASN A 399 58.63 19.04 8.66
C ASN A 399 59.08 17.78 9.41
N TYR A 400 60.08 17.11 8.86
CA TYR A 400 60.61 15.91 9.47
C TYR A 400 62.07 15.73 9.09
N SER A 401 62.78 15.02 9.93
CA SER A 401 64.21 14.82 9.81
C SER A 401 64.60 14.04 8.56
N GLU A 402 65.87 14.08 8.23
CA GLU A 402 66.41 13.33 7.10
C GLU A 402 66.35 11.82 7.34
N GLU A 403 66.41 11.43 8.61
CA GLU A 403 66.33 10.03 9.00
C GLU A 403 64.93 9.48 8.67
N VAL A 404 63.90 10.23 9.04
CA VAL A 404 62.52 9.88 8.65
C VAL A 404 62.31 9.94 7.14
N ALA A 405 62.90 10.94 6.49
CA ALA A 405 62.80 11.01 5.03
C ALA A 405 63.32 9.73 4.38
N SER A 406 64.39 9.13 4.88
CA SER A 406 64.88 7.95 4.20
C SER A 406 64.04 6.72 4.54
N LYS A 407 63.48 6.65 5.75
CA LYS A 407 62.53 5.59 6.07
C LYS A 407 61.28 5.67 5.18
N ILE A 408 60.77 6.87 4.95
CA ILE A 408 59.64 7.03 4.04
C ILE A 408 59.98 6.45 2.64
N ASP A 409 61.09 6.87 2.07
CA ASP A 409 61.47 6.40 0.72
C ASP A 409 61.63 4.90 0.68
N GLU A 410 62.31 4.38 1.69
CA GLU A 410 62.49 2.95 1.85
C GLU A 410 61.15 2.21 1.90
N GLU A 411 60.18 2.76 2.62
CA GLU A 411 58.86 2.13 2.71
C GLU A 411 58.07 2.26 1.41
N VAL A 412 58.19 3.43 0.80
CA VAL A 412 57.56 3.68 -0.47
C VAL A 412 58.13 2.72 -1.53
N LYS A 413 59.45 2.64 -1.64
CA LYS A 413 60.08 1.72 -2.57
C LYS A 413 59.65 0.30 -2.34
N LYS A 414 59.55 -0.09 -1.08
CA LYS A 414 59.32 -1.49 -0.78
C LYS A 414 57.85 -1.90 -1.13
N ILE A 415 56.88 -1.05 -0.84
CA ILE A 415 55.50 -1.20 -1.33
C ILE A 415 55.37 -1.25 -2.85
N VAL A 416 56.01 -0.32 -3.55
CA VAL A 416 55.84 -0.28 -5.00
C VAL A 416 56.49 -1.50 -5.66
N THR A 417 57.68 -1.83 -5.20
CA THR A 417 58.41 -3.00 -5.62
C THR A 417 57.70 -4.31 -5.39
N ASN A 418 57.10 -4.48 -4.22
CA ASN A 418 56.36 -5.71 -4.00
C ASN A 418 55.14 -5.80 -4.94
N CYS A 419 54.44 -4.70 -5.14
CA CYS A 419 53.27 -4.75 -6.02
C CYS A 419 53.71 -5.04 -7.45
N TYR A 420 54.91 -4.56 -7.80
CA TYR A 420 55.50 -4.85 -9.11
C TYR A 420 55.83 -6.35 -9.29
N GLU A 421 56.56 -6.95 -8.35
CA GLU A 421 56.91 -8.38 -8.48
C GLU A 421 55.60 -9.15 -8.53
N ARG A 422 54.65 -8.76 -7.70
CA ARG A 422 53.39 -9.42 -7.69
C ARG A 422 52.71 -9.28 -9.08
N ALA A 423 52.83 -8.13 -9.74
CA ALA A 423 52.29 -8.00 -11.10
C ALA A 423 53.01 -8.88 -12.13
N LYS A 424 54.34 -8.87 -12.10
CA LYS A 424 55.09 -9.79 -12.97
C LYS A 424 54.71 -11.26 -12.72
N GLU A 425 54.42 -11.62 -11.48
CA GLU A 425 54.01 -13.02 -11.28
C GLU A 425 52.62 -13.30 -11.88
N ILE A 426 51.68 -12.37 -11.75
CA ILE A 426 50.41 -12.54 -12.44
C ILE A 426 50.65 -12.64 -13.96
N ILE A 427 51.50 -11.78 -14.52
CA ILE A 427 51.83 -11.92 -15.96
C ILE A 427 52.40 -13.33 -16.31
N ARG A 428 53.35 -13.83 -15.53
CA ARG A 428 53.99 -15.10 -15.89
C ARG A 428 52.98 -16.25 -15.86
N LYS A 429 52.09 -16.22 -14.90
CA LYS A 429 51.11 -17.27 -14.68
C LYS A 429 49.95 -17.26 -15.69
N TYR A 430 49.58 -16.08 -16.18
CA TYR A 430 48.50 -16.00 -17.18
C TYR A 430 49.05 -15.60 -18.53
N ARG A 431 50.30 -16.00 -18.79
CA ARG A 431 50.94 -15.68 -20.06
C ARG A 431 50.12 -16.10 -21.30
N LYS A 432 49.54 -17.29 -21.26
CA LYS A 432 48.86 -17.79 -22.44
C LYS A 432 47.62 -16.93 -22.65
N GLN A 433 46.78 -16.81 -21.65
CA GLN A 433 45.62 -15.97 -21.89
C GLN A 433 46.04 -14.51 -22.20
N LEU A 434 47.12 -14.00 -21.61
CA LEU A 434 47.65 -12.69 -22.02
C LEU A 434 47.97 -12.60 -23.54
N ASP A 435 48.71 -13.58 -24.04
CA ASP A 435 48.92 -13.79 -25.47
C ASP A 435 47.61 -13.78 -26.32
N ASN A 436 46.57 -14.46 -25.85
CA ASN A 436 45.30 -14.51 -26.59
C ASN A 436 44.68 -13.13 -26.67
N ILE A 437 44.65 -12.48 -25.51
CA ILE A 437 44.13 -11.12 -25.40
C ILE A 437 44.84 -10.13 -26.31
N VAL A 438 46.17 -10.19 -26.45
CA VAL A 438 46.76 -9.18 -27.34
C VAL A 438 46.57 -9.56 -28.81
N GLU A 439 46.35 -10.84 -29.06
CA GLU A 439 46.17 -11.31 -30.40
C GLU A 439 44.81 -10.78 -30.89
N ILE A 440 43.80 -10.91 -30.05
CA ILE A 440 42.44 -10.40 -30.36
C ILE A 440 42.40 -8.89 -30.52
N LEU A 441 43.08 -8.22 -29.60
CA LEU A 441 43.21 -6.78 -29.55
C LEU A 441 43.90 -6.24 -30.79
N LEU A 442 44.93 -6.92 -31.26
CA LEU A 442 45.64 -6.42 -32.43
C LEU A 442 44.77 -6.51 -33.68
N GLU A 443 43.86 -7.46 -33.69
CA GLU A 443 42.98 -7.72 -34.82
C GLU A 443 41.74 -6.81 -34.78
N LYS A 444 41.11 -6.74 -33.61
CA LYS A 444 39.84 -6.01 -33.39
C LYS A 444 39.97 -4.65 -32.66
N GLU A 445 41.12 -4.42 -32.02
CA GLU A 445 41.46 -3.15 -31.37
C GLU A 445 40.69 -2.88 -30.08
N THR A 446 39.67 -3.67 -29.81
CA THR A 446 38.85 -3.47 -28.65
C THR A 446 38.38 -4.82 -28.15
N ILE A 447 38.36 -5.02 -26.84
CA ILE A 447 37.76 -6.23 -26.30
C ILE A 447 36.98 -5.87 -25.04
N GLU A 448 35.81 -6.47 -24.91
CA GLU A 448 34.91 -6.11 -23.83
C GLU A 448 35.30 -6.90 -22.63
N GLY A 449 35.03 -6.36 -21.45
CA GLY A 449 35.36 -7.03 -20.21
C GLY A 449 34.79 -8.43 -20.03
N ASP A 450 33.66 -8.74 -20.66
CA ASP A 450 33.03 -10.04 -20.48
C ASP A 450 33.88 -11.06 -21.17
N GLU A 451 34.31 -10.68 -22.37
CA GLU A 451 35.12 -11.56 -23.15
C GLU A 451 36.43 -11.79 -22.42
N LEU A 452 36.85 -10.78 -21.69
CA LEU A 452 38.14 -10.80 -21.01
C LEU A 452 38.05 -11.75 -19.84
N ARG A 453 36.95 -11.65 -19.10
CA ARG A 453 36.79 -12.54 -17.99
C ARG A 453 36.62 -13.96 -18.44
N ARG A 454 36.07 -14.12 -19.63
CA ARG A 454 35.85 -15.43 -20.21
C ARG A 454 37.19 -16.10 -20.61
N ILE A 455 38.08 -15.34 -21.24
CA ILE A 455 39.42 -15.83 -21.58
C ILE A 455 40.30 -16.20 -20.37
N LEU A 456 40.09 -15.53 -19.23
CA LEU A 456 40.88 -15.84 -18.04
C LEU A 456 40.32 -16.98 -17.21
N SER A 457 39.11 -17.42 -17.53
CA SER A 457 38.57 -18.55 -16.80
C SER A 457 38.77 -19.86 -17.57
N GLU A 458 40.01 -20.20 -17.88
CA GLU A 458 40.35 -21.46 -18.57
C GLU A 458 39.37 -21.85 -19.69
N LYS B 11 17.76 -7.52 24.02
CA LYS B 11 18.44 -6.24 23.86
C LYS B 11 17.78 -5.19 24.71
N ARG B 12 18.55 -4.23 25.19
CA ARG B 12 18.00 -3.18 26.06
C ARG B 12 17.00 -2.30 25.29
N VAL B 13 16.13 -1.63 26.04
CA VAL B 13 15.18 -0.68 25.43
C VAL B 13 14.87 0.49 26.35
N THR B 14 14.67 1.67 25.76
CA THR B 14 14.27 2.85 26.51
C THR B 14 13.01 3.49 25.95
N PHE B 15 12.61 4.58 26.59
CA PHE B 15 11.47 5.36 26.14
C PHE B 15 11.76 6.08 24.81
N LYS B 16 12.87 5.73 24.16
CA LYS B 16 13.14 6.25 22.82
C LYS B 16 12.88 5.16 21.78
N ASP B 17 12.68 3.94 22.25
CA ASP B 17 12.28 2.84 21.37
C ASP B 17 10.76 2.72 21.32
N VAL B 18 10.09 3.47 22.20
CA VAL B 18 8.63 3.48 22.24
C VAL B 18 8.07 4.81 21.73
N GLY B 19 7.24 4.74 20.70
CA GLY B 19 6.52 5.91 20.21
C GLY B 19 5.05 5.99 20.63
N GLY B 20 4.51 7.22 20.55
CA GLY B 20 3.07 7.45 20.65
C GLY B 20 2.49 6.94 21.94
N ALA B 21 3.21 7.15 23.03
CA ALA B 21 2.74 6.72 24.32
C ALA B 21 3.32 7.68 25.34
N GLU B 22 3.33 8.96 25.00
CA GLU B 22 3.85 10.01 25.89
C GLU B 22 3.11 10.09 27.23
N GLU B 23 1.79 9.93 27.20
CA GLU B 23 0.98 10.02 28.41
C GLU B 23 1.39 8.93 29.37
N ALA B 24 1.47 7.71 28.84
CA ALA B 24 1.87 6.55 29.63
C ALA B 24 3.31 6.65 30.09
N ILE B 25 4.20 7.07 29.20
CA ILE B 25 5.60 7.13 29.56
C ILE B 25 5.86 8.12 30.67
N GLU B 26 4.96 9.10 30.78
CA GLU B 26 5.06 10.11 31.82
C GLU B 26 4.61 9.50 33.14
N GLU B 27 3.46 8.84 33.12
CA GLU B 27 3.00 8.07 34.27
C GLU B 27 4.03 7.01 34.67
N LEU B 28 4.89 6.62 33.73
CA LEU B 28 5.92 5.60 33.98
C LEU B 28 7.27 6.22 34.23
N LYS B 29 7.30 7.53 34.34
CA LYS B 29 8.57 8.19 34.58
C LYS B 29 8.89 8.07 36.06
N GLU B 30 7.84 8.06 36.89
CA GLU B 30 8.00 7.99 38.33
C GLU B 30 8.46 6.60 38.72
N VAL B 31 7.83 5.61 38.12
CA VAL B 31 8.21 4.23 38.31
C VAL B 31 9.68 4.02 37.95
N VAL B 32 10.21 4.85 37.08
CA VAL B 32 11.62 4.73 36.73
C VAL B 32 12.46 5.34 37.84
N GLU B 33 11.99 6.46 38.39
CA GLU B 33 12.72 7.20 39.41
C GLU B 33 12.83 6.36 40.67
N PHE B 34 11.72 5.71 41.01
CA PHE B 34 11.64 4.84 42.19
C PHE B 34 12.53 3.58 42.11
N LEU B 35 12.87 3.15 40.90
CA LEU B 35 13.75 1.98 40.73
C LEU B 35 15.22 2.39 40.76
N LYS B 36 15.49 3.63 40.40
CA LYS B 36 16.84 4.18 40.37
C LYS B 36 17.29 4.48 41.80
N ASP B 37 16.36 4.99 42.61
CA ASP B 37 16.65 5.38 43.99
C ASP B 37 15.40 5.32 44.85
N PRO B 38 15.02 4.11 45.30
CA PRO B 38 13.79 3.90 46.07
C PRO B 38 13.76 4.69 47.38
N SER B 39 14.92 5.11 47.86
CA SER B 39 15.00 5.83 49.12
C SER B 39 14.28 7.18 49.09
N LYS B 40 14.34 7.86 47.95
CA LYS B 40 13.71 9.18 47.80
C LYS B 40 12.22 9.13 48.11
N PHE B 41 11.64 7.95 47.95
CA PHE B 41 10.22 7.74 48.22
C PHE B 41 10.02 7.13 49.61
N ASN B 42 10.85 6.16 49.98
CA ASN B 42 10.72 5.50 51.26
C ASN B 42 10.89 6.47 52.43
N ARG B 43 11.77 7.44 52.27
CA ARG B 43 12.08 8.40 53.33
C ARG B 43 10.88 9.26 53.72
N ILE B 44 10.04 9.61 52.75
CA ILE B 44 8.90 10.48 53.00
C ILE B 44 7.56 9.76 52.87
N GLY B 45 7.60 8.43 52.98
CA GLY B 45 6.39 7.63 53.00
C GLY B 45 5.59 7.66 51.70
N ALA B 46 6.22 8.16 50.63
CA ALA B 46 5.63 8.18 49.31
C ALA B 46 5.54 6.78 48.70
N ARG B 47 4.59 5.97 49.18
CA ARG B 47 4.48 4.58 48.74
C ARG B 47 4.19 4.43 47.24
N MET B 48 4.66 3.34 46.65
CA MET B 48 4.38 3.02 45.26
C MET B 48 3.40 1.85 45.15
N PRO B 49 2.83 1.63 43.96
CA PRO B 49 1.87 0.54 43.82
C PRO B 49 2.64 -0.75 43.64
N LYS B 50 2.07 -1.84 44.13
CA LYS B 50 2.75 -3.12 44.03
C LYS B 50 2.38 -3.75 42.70
N GLY B 51 1.29 -3.30 42.12
CA GLY B 51 0.88 -3.82 40.83
C GLY B 51 0.33 -2.74 39.91
N ILE B 52 0.91 -2.63 38.71
CA ILE B 52 0.47 -1.65 37.73
C ILE B 52 -0.05 -2.28 36.46
N LEU B 53 -1.25 -1.93 36.06
CA LEU B 53 -1.89 -2.60 34.94
C LEU B 53 -1.88 -1.75 33.67
N LEU B 54 -1.30 -2.26 32.60
CA LEU B 54 -1.33 -1.54 31.33
C LEU B 54 -2.50 -2.03 30.45
N VAL B 55 -3.42 -1.12 30.14
CA VAL B 55 -4.61 -1.47 29.35
C VAL B 55 -4.67 -0.85 27.96
N GLY B 56 -4.83 -1.71 26.95
CA GLY B 56 -4.88 -1.32 25.56
C GLY B 56 -4.80 -2.52 24.63
N PRO B 57 -5.30 -2.37 23.39
CA PRO B 57 -5.28 -3.42 22.35
C PRO B 57 -3.90 -4.07 22.21
N PRO B 58 -3.85 -5.32 21.72
CA PRO B 58 -2.57 -6.03 21.56
C PRO B 58 -1.58 -5.30 20.65
N GLY B 59 -0.30 -5.33 21.01
CA GLY B 59 0.75 -4.71 20.21
C GLY B 59 0.88 -3.20 20.36
N THR B 60 0.08 -2.61 21.24
CA THR B 60 0.18 -1.17 21.51
C THR B 60 1.45 -0.82 22.27
N GLY B 61 2.28 -1.83 22.55
CA GLY B 61 3.56 -1.60 23.18
C GLY B 61 3.54 -1.80 24.68
N ALA B 62 2.66 -2.69 25.15
CA ALA B 62 2.56 -2.95 26.57
C ALA B 62 3.84 -3.60 27.06
N THR B 63 4.17 -4.76 26.50
CA THR B 63 5.39 -5.44 26.86
C THR B 63 6.61 -4.53 26.67
N LEU B 64 6.69 -3.89 25.52
CA LEU B 64 7.79 -3.01 25.17
C LEU B 64 8.03 -1.90 26.21
N LEU B 65 6.94 -1.41 26.81
CA LEU B 65 7.02 -0.36 27.81
C LEU B 65 7.57 -0.89 29.11
N ALA B 66 7.07 -2.04 29.56
CA ALA B 66 7.59 -2.58 30.79
C ALA B 66 9.10 -2.70 30.63
N ARG B 67 9.53 -3.24 29.49
CA ARG B 67 10.95 -3.52 29.28
C ARG B 67 11.72 -2.22 29.25
N ALA B 68 11.08 -1.18 28.74
CA ALA B 68 11.66 0.15 28.63
C ALA B 68 11.90 0.76 30.00
N VAL B 69 10.93 0.62 30.90
CA VAL B 69 11.03 1.11 32.26
C VAL B 69 12.22 0.46 32.99
N ALA B 70 12.47 -0.81 32.69
CA ALA B 70 13.52 -1.61 33.31
C ALA B 70 14.88 -1.07 32.91
N GLY B 71 15.08 -1.02 31.60
CA GLY B 71 16.27 -0.43 31.04
C GLY B 71 16.42 1.02 31.43
N GLU B 72 15.30 1.75 31.53
CA GLU B 72 15.34 3.19 31.79
C GLU B 72 15.91 3.46 33.18
N ALA B 73 15.74 2.48 34.06
CA ALA B 73 16.29 2.56 35.40
C ALA B 73 17.47 1.61 35.58
N ASN B 74 17.89 0.93 34.50
CA ASN B 74 19.02 -0.01 34.52
C ASN B 74 18.85 -1.10 35.58
N VAL B 75 17.82 -1.91 35.40
CA VAL B 75 17.43 -2.85 36.44
C VAL B 75 16.89 -4.10 35.75
N PRO B 76 17.11 -5.27 36.38
CA PRO B 76 16.68 -6.58 35.85
C PRO B 76 15.21 -6.61 35.42
N PHE B 77 14.88 -7.37 34.37
CA PHE B 77 13.50 -7.46 33.86
C PHE B 77 13.08 -8.91 33.72
N PHE B 78 12.10 -9.32 34.52
CA PHE B 78 11.67 -10.71 34.52
C PHE B 78 10.39 -10.92 33.72
N HIS B 79 10.55 -11.20 32.44
CA HIS B 79 9.40 -11.38 31.54
C HIS B 79 8.75 -12.74 31.67
N ILE B 80 7.48 -12.74 32.04
CA ILE B 80 6.70 -13.97 32.18
C ILE B 80 5.37 -13.87 31.41
N SER B 81 4.92 -14.97 30.84
CA SER B 81 3.65 -14.98 30.11
C SER B 81 2.56 -15.70 30.90
N GLY B 82 1.36 -15.13 30.92
CA GLY B 82 0.26 -15.68 31.69
C GLY B 82 -0.39 -16.87 31.01
N SER B 83 -0.01 -17.10 29.77
CA SER B 83 -0.54 -18.21 28.99
C SER B 83 0.31 -19.47 29.16
N ASP B 84 1.43 -19.34 29.87
CA ASP B 84 2.33 -20.47 30.17
C ASP B 84 1.82 -21.29 31.37
N PHE B 85 1.19 -20.61 32.32
CA PHE B 85 0.71 -21.25 33.55
C PHE B 85 -0.55 -22.07 33.31
N VAL B 86 -1.21 -21.84 32.17
CA VAL B 86 -2.36 -22.64 31.77
C VAL B 86 -1.87 -23.98 31.19
N GLU B 87 -2.44 -25.07 31.70
CA GLU B 87 -2.07 -26.44 31.30
C GLU B 87 -1.02 -27.07 32.22
N LEU B 88 -0.71 -26.41 33.32
CA LEU B 88 0.33 -26.88 34.24
C LEU B 88 -0.18 -27.93 35.22
N PHE B 89 0.74 -28.56 35.93
CA PHE B 89 0.43 -29.60 36.91
C PHE B 89 -0.19 -29.00 38.18
N VAL B 90 -0.97 -29.82 38.89
CA VAL B 90 -1.55 -29.43 40.18
C VAL B 90 -0.45 -29.02 41.17
N GLY B 91 -0.13 -27.73 41.19
CA GLY B 91 0.94 -27.23 42.03
C GLY B 91 2.02 -26.46 41.28
N VAL B 92 2.34 -26.92 40.07
CA VAL B 92 3.36 -26.29 39.23
C VAL B 92 3.07 -24.82 38.95
N GLY B 93 1.82 -24.52 38.61
CA GLY B 93 1.41 -23.15 38.36
C GLY B 93 1.78 -22.22 39.51
N ALA B 94 1.42 -22.62 40.72
CA ALA B 94 1.73 -21.81 41.90
C ALA B 94 3.22 -21.83 42.24
N ALA B 95 3.88 -22.94 41.93
CA ALA B 95 5.32 -23.08 42.16
C ALA B 95 6.13 -22.12 41.28
N ARG B 96 5.72 -21.98 40.03
CA ARG B 96 6.37 -21.06 39.09
C ARG B 96 6.36 -19.62 39.61
N VAL B 97 5.17 -19.12 39.90
CA VAL B 97 4.98 -17.79 40.49
C VAL B 97 5.82 -17.59 41.76
N ARG B 98 5.84 -18.59 42.64
CA ARG B 98 6.65 -18.53 43.85
C ARG B 98 8.13 -18.36 43.49
N ASP B 99 8.57 -19.02 42.42
CA ASP B 99 9.98 -18.98 42.02
C ASP B 99 10.34 -17.64 41.41
N LEU B 100 9.42 -17.10 40.62
CA LEU B 100 9.55 -15.79 40.00
C LEU B 100 9.83 -14.68 41.02
N PHE B 101 8.99 -14.59 42.05
CA PHE B 101 9.13 -13.53 43.04
C PHE B 101 10.38 -13.69 43.93
N ALA B 102 10.78 -14.93 44.17
CA ALA B 102 11.98 -15.19 44.96
C ALA B 102 13.18 -14.64 44.20
N GLN B 103 13.15 -14.85 42.90
CA GLN B 103 14.24 -14.37 42.05
C GLN B 103 14.23 -12.85 41.97
N ALA B 104 13.04 -12.27 42.09
CA ALA B 104 12.87 -10.81 42.05
C ALA B 104 13.41 -10.17 43.31
N LYS B 105 13.04 -10.73 44.45
CA LYS B 105 13.49 -10.19 45.72
C LYS B 105 15.01 -10.25 45.83
N ALA B 106 15.60 -11.28 45.22
CA ALA B 106 17.06 -11.47 45.24
C ALA B 106 17.81 -10.50 44.33
N HIS B 107 17.16 -10.01 43.27
CA HIS B 107 17.79 -9.14 42.29
C HIS B 107 17.18 -7.75 42.39
N ALA B 108 16.49 -7.50 43.48
CA ALA B 108 15.81 -6.22 43.67
C ALA B 108 16.82 -5.08 43.76
N PRO B 109 16.43 -3.88 43.28
CA PRO B 109 15.17 -3.59 42.61
C PRO B 109 15.07 -4.24 41.22
N CYS B 110 13.86 -4.45 40.73
CA CYS B 110 13.66 -5.06 39.43
C CYS B 110 12.22 -4.91 38.96
N ILE B 111 11.97 -5.30 37.72
CA ILE B 111 10.61 -5.27 37.17
C ILE B 111 10.15 -6.66 36.83
N VAL B 112 9.00 -7.01 37.38
CA VAL B 112 8.36 -8.28 37.10
C VAL B 112 7.18 -8.01 36.18
N PHE B 113 7.18 -8.62 35.00
CA PHE B 113 6.12 -8.42 34.04
C PHE B 113 5.34 -9.71 33.83
N ILE B 114 4.02 -9.58 33.74
CA ILE B 114 3.16 -10.74 33.58
C ILE B 114 2.30 -10.60 32.35
N ASP B 115 2.83 -10.99 31.20
CA ASP B 115 2.13 -10.75 29.95
C ASP B 115 0.87 -11.59 29.86
N GLU B 116 -0.16 -11.06 29.24
CA GLU B 116 -1.40 -11.76 29.06
C GLU B 116 -1.90 -12.27 30.40
N ILE B 117 -1.97 -11.35 31.35
CA ILE B 117 -2.35 -11.69 32.71
C ILE B 117 -3.77 -12.22 32.78
N ASP B 118 -4.60 -11.85 31.81
CA ASP B 118 -5.99 -12.29 31.81
C ASP B 118 -6.14 -13.80 31.59
N ALA B 119 -5.08 -14.44 31.12
CA ALA B 119 -5.08 -15.88 30.88
C ALA B 119 -5.07 -16.67 32.20
N VAL B 120 -4.49 -16.06 33.23
CA VAL B 120 -4.39 -16.70 34.55
C VAL B 120 -5.29 -15.99 35.57
N GLY B 121 -5.42 -14.68 35.43
CA GLY B 121 -6.28 -13.89 36.30
C GLY B 121 -7.69 -13.91 35.75
N ARG B 122 -8.37 -15.02 35.96
CA ARG B 122 -9.70 -15.22 35.43
C ARG B 122 -10.49 -16.21 36.28
N HIS B 132 -11.50 -22.67 36.15
CA HIS B 132 -11.96 -22.68 37.53
C HIS B 132 -11.49 -23.93 38.28
N ASP B 133 -10.18 -24.15 38.28
CA ASP B 133 -9.60 -25.31 38.97
C ASP B 133 -8.17 -25.03 39.46
N GLU B 134 -7.18 -25.54 38.73
CA GLU B 134 -5.78 -25.28 39.04
C GLU B 134 -5.44 -23.80 38.87
N ARG B 135 -6.25 -23.11 38.08
CA ARG B 135 -6.10 -21.67 37.87
C ARG B 135 -6.33 -20.90 39.18
N GLU B 136 -7.03 -21.53 40.12
CA GLU B 136 -7.23 -20.97 41.46
C GLU B 136 -5.92 -20.94 42.25
N GLN B 137 -5.19 -22.05 42.26
CA GLN B 137 -3.90 -22.15 42.95
C GLN B 137 -2.90 -21.13 42.41
N THR B 138 -2.77 -21.05 41.08
CA THR B 138 -1.84 -20.12 40.43
C THR B 138 -2.22 -18.65 40.66
N LEU B 139 -3.50 -18.34 40.50
CA LEU B 139 -4.00 -16.99 40.75
C LEU B 139 -3.87 -16.54 42.22
N ASN B 140 -4.25 -17.42 43.14
CA ASN B 140 -4.15 -17.14 44.57
C ASN B 140 -2.69 -17.04 45.05
N GLN B 141 -1.81 -17.85 44.47
CA GLN B 141 -0.38 -17.79 44.75
C GLN B 141 0.18 -16.42 44.35
N LEU B 142 -0.37 -15.88 43.26
CA LEU B 142 -0.03 -14.54 42.80
C LEU B 142 -0.51 -13.50 43.79
N LEU B 143 -1.74 -13.67 44.25
CA LEU B 143 -2.29 -12.78 45.27
C LEU B 143 -1.41 -12.82 46.52
N VAL B 144 -0.82 -13.98 46.79
CA VAL B 144 0.02 -14.15 47.96
C VAL B 144 1.38 -13.47 47.77
N GLU B 145 1.99 -13.71 46.62
CA GLU B 145 3.28 -13.11 46.30
C GLU B 145 3.20 -11.59 46.27
N MET B 146 2.09 -11.09 45.75
CA MET B 146 1.84 -9.65 45.70
C MET B 146 1.78 -9.08 47.11
N ASP B 147 0.94 -9.66 47.97
CA ASP B 147 0.80 -9.20 49.35
C ASP B 147 2.04 -9.57 50.15
N GLY B 148 2.90 -10.40 49.55
CA GLY B 148 4.06 -10.92 50.23
C GLY B 148 5.29 -10.03 50.21
N PHE B 149 5.66 -9.54 49.04
CA PHE B 149 6.90 -8.77 48.91
C PHE B 149 6.79 -7.35 49.46
N ASP B 150 7.91 -6.82 49.96
CA ASP B 150 7.94 -5.47 50.49
C ASP B 150 8.06 -4.47 49.35
N SER B 151 7.10 -3.56 49.24
CA SER B 151 7.09 -2.61 48.14
C SER B 151 8.31 -1.70 48.21
N LYS B 152 8.82 -1.47 49.42
CA LYS B 152 9.99 -0.59 49.57
C LYS B 152 11.23 -1.24 48.97
N GLU B 153 11.16 -2.56 48.75
CA GLU B 153 12.29 -3.32 48.24
C GLU B 153 12.63 -2.93 46.81
N GLY B 154 11.85 -2.01 46.26
CA GLY B 154 12.04 -1.57 44.89
C GLY B 154 11.58 -2.62 43.89
N ILE B 155 10.56 -3.38 44.26
CA ILE B 155 10.01 -4.38 43.37
C ILE B 155 8.63 -3.96 42.89
N ILE B 156 8.48 -3.88 41.57
CA ILE B 156 7.20 -3.51 40.98
C ILE B 156 6.72 -4.49 39.91
N VAL B 157 5.44 -4.85 39.98
CA VAL B 157 4.86 -5.78 39.03
C VAL B 157 3.96 -5.04 38.04
N MET B 158 4.18 -5.32 36.75
CA MET B 158 3.35 -4.72 35.71
C MET B 158 2.65 -5.82 34.94
N ALA B 159 1.43 -5.55 34.48
CA ALA B 159 0.70 -6.50 33.67
C ALA B 159 0.04 -5.87 32.45
N ALA B 160 -0.13 -6.68 31.42
CA ALA B 160 -0.73 -6.22 30.18
C ALA B 160 -2.02 -6.99 29.91
N THR B 161 -3.08 -6.24 29.60
CA THR B 161 -4.37 -6.84 29.30
C THR B 161 -5.30 -5.93 28.49
N ASN B 162 -5.63 -6.39 27.29
CA ASN B 162 -6.68 -5.80 26.47
C ASN B 162 -8.04 -6.40 26.87
N ARG B 163 -8.00 -7.27 27.88
CA ARG B 163 -9.18 -7.91 28.43
C ARG B 163 -9.29 -7.53 29.92
N PRO B 164 -9.55 -6.24 30.23
CA PRO B 164 -9.53 -5.73 31.62
C PRO B 164 -10.72 -6.16 32.48
N ASP B 165 -11.77 -6.69 31.87
CA ASP B 165 -12.98 -7.05 32.60
C ASP B 165 -13.05 -8.53 32.98
N ILE B 166 -12.23 -9.35 32.30
CA ILE B 166 -12.14 -10.79 32.55
C ILE B 166 -11.35 -11.09 33.82
N LEU B 167 -10.60 -10.10 34.29
CA LEU B 167 -9.74 -10.26 35.44
C LEU B 167 -10.54 -10.35 36.73
N ASP B 168 -10.08 -11.21 37.64
CA ASP B 168 -10.70 -11.36 38.95
C ASP B 168 -10.54 -10.08 39.77
N PRO B 169 -11.66 -9.55 40.30
CA PRO B 169 -11.68 -8.30 41.07
C PRO B 169 -10.65 -8.27 42.20
N ALA B 170 -10.26 -9.44 42.68
CA ALA B 170 -9.30 -9.54 43.78
C ALA B 170 -7.96 -8.90 43.42
N LEU B 171 -7.53 -9.12 42.18
CA LEU B 171 -6.28 -8.56 41.69
C LEU B 171 -6.30 -7.03 41.66
N LEU B 172 -7.49 -6.47 41.47
CA LEU B 172 -7.66 -5.02 41.32
C LEU B 172 -7.68 -4.29 42.67
N ARG B 173 -7.88 -5.04 43.75
CA ARG B 173 -7.96 -4.48 45.09
C ARG B 173 -6.66 -3.83 45.54
N PRO B 174 -6.75 -2.75 46.34
CA PRO B 174 -5.59 -2.01 46.81
C PRO B 174 -4.51 -2.92 47.37
N GLY B 175 -3.26 -2.52 47.26
CA GLY B 175 -2.14 -3.32 47.71
C GLY B 175 -1.63 -4.21 46.59
N ARG B 176 -2.49 -4.45 45.61
CA ARG B 176 -2.15 -5.28 44.46
C ARG B 176 -2.10 -4.43 43.21
N PHE B 177 -2.81 -4.87 42.18
CA PHE B 177 -2.89 -4.11 40.94
C PHE B 177 -3.90 -2.98 41.08
N ASP B 178 -3.55 -1.97 41.86
CA ASP B 178 -4.45 -0.87 42.14
C ASP B 178 -4.09 0.41 41.39
N LYS B 179 -3.46 0.25 40.23
CA LYS B 179 -3.10 1.41 39.40
C LYS B 179 -3.02 1.03 37.93
N LYS B 180 -3.90 1.60 37.12
CA LYS B 180 -3.88 1.31 35.70
C LYS B 180 -3.38 2.49 34.87
N ILE B 181 -2.10 2.48 34.51
CA ILE B 181 -1.57 3.51 33.61
C ILE B 181 -2.13 3.33 32.19
N VAL B 182 -2.78 4.39 31.70
CA VAL B 182 -3.53 4.38 30.44
C VAL B 182 -2.68 4.66 29.22
N VAL B 183 -2.58 3.69 28.34
CA VAL B 183 -1.72 3.84 27.17
C VAL B 183 -2.58 4.26 26.01
N ASP B 184 -2.69 5.57 25.79
CA ASP B 184 -3.58 6.07 24.75
C ASP B 184 -3.07 5.72 23.35
N PRO B 185 -3.98 5.68 22.37
CA PRO B 185 -3.64 5.53 20.94
C PRO B 185 -2.90 6.74 20.42
N PRO B 186 -1.87 6.52 19.58
CA PRO B 186 -1.05 7.64 19.12
C PRO B 186 -1.74 8.60 18.16
N ASP B 187 -1.32 9.86 18.24
CA ASP B 187 -1.70 10.87 17.29
C ASP B 187 -0.78 10.82 16.08
N MET B 188 -0.92 11.79 15.19
CA MET B 188 -0.24 11.73 13.92
C MET B 188 1.28 11.69 14.10
N LEU B 189 1.81 12.59 14.93
CA LEU B 189 3.25 12.65 15.18
C LEU B 189 3.78 11.42 15.94
N GLY B 190 3.04 10.97 16.94
CA GLY B 190 3.31 9.68 17.53
C GLY B 190 3.47 8.60 16.47
N ARG B 191 2.52 8.52 15.53
CA ARG B 191 2.54 7.44 14.55
C ARG B 191 3.71 7.58 13.61
N LYS B 192 4.08 8.82 13.36
CA LYS B 192 5.27 9.13 12.59
C LYS B 192 6.54 8.57 13.25
N LYS B 193 6.65 8.67 14.58
CA LYS B 193 7.75 8.03 15.30
C LYS B 193 7.64 6.50 15.22
N ILE B 194 6.48 5.95 15.54
CA ILE B 194 6.32 4.50 15.47
C ILE B 194 6.79 3.96 14.13
N LEU B 195 6.45 4.67 13.06
CA LEU B 195 6.79 4.27 11.69
C LEU B 195 8.28 4.37 11.40
N GLU B 196 8.96 5.28 12.10
CA GLU B 196 10.40 5.40 11.99
C GLU B 196 11.11 4.28 12.75
N ILE B 197 10.59 3.96 13.93
CA ILE B 197 11.08 2.83 14.73
C ILE B 197 10.92 1.48 14.01
N HIS B 198 9.74 1.18 13.46
CA HIS B 198 9.55 -0.11 12.77
C HIS B 198 10.04 -0.11 11.33
N THR B 199 10.59 1.04 10.92
CA THR B 199 11.16 1.24 9.59
C THR B 199 12.70 1.12 9.61
N ARG B 200 13.30 1.18 10.80
CA ARG B 200 14.76 1.19 10.95
C ARG B 200 15.45 0.09 10.15
N ASN B 201 15.01 -1.14 10.37
CA ASN B 201 15.54 -2.31 9.69
C ASN B 201 14.78 -2.63 8.39
N LYS B 202 14.53 -1.60 7.59
CA LYS B 202 13.87 -1.79 6.31
C LYS B 202 14.50 -0.93 5.20
N PRO B 203 14.57 -1.49 3.98
CA PRO B 203 15.07 -0.86 2.75
C PRO B 203 14.05 0.09 2.15
N LEU B 204 13.90 1.30 2.69
CA LEU B 204 12.91 2.22 2.14
C LEU B 204 13.47 2.99 0.96
N ALA B 205 12.66 3.14 -0.09
CA ALA B 205 12.99 4.04 -1.18
C ALA B 205 12.91 5.50 -0.70
N GLU B 206 13.45 6.44 -1.48
CA GLU B 206 13.58 7.83 -1.03
C GLU B 206 12.37 8.70 -1.36
N ASP B 207 11.29 8.04 -1.79
CA ASP B 207 10.01 8.69 -2.05
C ASP B 207 8.96 8.35 -0.98
N VAL B 208 9.39 7.65 0.06
CA VAL B 208 8.52 7.24 1.16
C VAL B 208 8.36 8.37 2.19
N ASN B 209 7.18 8.99 2.22
CA ASN B 209 6.87 10.05 3.19
C ASN B 209 6.11 9.55 4.41
N LEU B 210 6.84 9.31 5.50
CA LEU B 210 6.28 8.73 6.70
C LEU B 210 5.23 9.64 7.34
N GLU B 211 5.39 10.95 7.15
CA GLU B 211 4.40 11.91 7.64
C GLU B 211 3.05 11.74 6.93
N ILE B 212 3.05 11.57 5.62
CA ILE B 212 1.80 11.35 4.89
C ILE B 212 1.15 10.04 5.32
N ILE B 213 1.98 9.00 5.46
CA ILE B 213 1.50 7.71 5.95
C ILE B 213 0.98 7.82 7.39
N ALA B 214 1.64 8.65 8.21
CA ALA B 214 1.16 8.93 9.56
C ALA B 214 -0.23 9.59 9.53
N LYS B 215 -0.40 10.60 8.68
CA LYS B 215 -1.69 11.26 8.54
C LYS B 215 -2.79 10.35 7.99
N ARG B 216 -2.43 9.43 7.11
CA ARG B 216 -3.39 8.47 6.55
C ARG B 216 -3.71 7.26 7.43
N THR B 217 -3.35 7.31 8.70
CA THR B 217 -3.55 6.15 9.58
C THR B 217 -4.19 6.46 10.95
N PRO B 218 -5.11 7.42 11.00
CA PRO B 218 -5.71 7.80 12.29
C PRO B 218 -6.35 6.58 12.91
N GLY B 219 -6.16 6.36 14.20
CA GLY B 219 -6.76 5.23 14.86
C GLY B 219 -5.82 4.04 14.91
N PHE B 220 -4.81 4.07 14.04
CA PHE B 220 -3.77 3.04 14.05
C PHE B 220 -3.02 3.13 15.38
N VAL B 221 -2.65 1.97 15.89
CA VAL B 221 -1.82 1.86 17.10
C VAL B 221 -0.46 1.28 16.74
N GLY B 222 0.32 0.88 17.74
CA GLY B 222 1.68 0.43 17.51
C GLY B 222 1.76 -0.81 16.62
N ALA B 223 0.96 -1.81 16.96
CA ALA B 223 0.94 -3.07 16.21
C ALA B 223 0.37 -2.84 14.80
N ASP B 224 -0.73 -2.10 14.71
CA ASP B 224 -1.28 -1.75 13.41
C ASP B 224 -0.15 -1.23 12.50
N LEU B 225 0.67 -0.30 13.01
CA LEU B 225 1.69 0.38 12.20
C LEU B 225 2.88 -0.51 11.84
N GLU B 226 3.16 -1.43 12.74
CA GLU B 226 4.13 -2.48 12.53
C GLU B 226 3.64 -3.48 11.46
N ASN B 227 2.37 -3.89 11.57
CA ASN B 227 1.73 -4.79 10.59
C ASN B 227 1.62 -4.09 9.23
N LEU B 228 1.50 -2.76 9.27
CA LEU B 228 1.38 -1.97 8.06
C LEU B 228 2.68 -2.02 7.24
N VAL B 229 3.79 -1.77 7.92
CA VAL B 229 5.10 -1.82 7.29
C VAL B 229 5.39 -3.22 6.77
N ASN B 230 4.93 -4.25 7.49
CA ASN B 230 5.11 -5.61 7.03
C ASN B 230 4.39 -5.86 5.70
N GLU B 231 3.12 -5.47 5.62
CA GLU B 231 2.36 -5.64 4.38
C GLU B 231 3.01 -4.87 3.22
N ALA B 232 3.56 -3.71 3.52
CA ALA B 232 4.23 -2.94 2.49
C ALA B 232 5.50 -3.67 2.02
N ALA B 233 6.16 -4.38 2.94
CA ALA B 233 7.31 -5.24 2.63
C ALA B 233 6.92 -6.46 1.79
N LEU B 234 5.90 -7.18 2.27
CA LEU B 234 5.35 -8.33 1.55
C LEU B 234 4.94 -7.97 0.14
N LEU B 235 4.47 -6.74 -0.02
CA LEU B 235 4.01 -6.25 -1.31
C LEU B 235 5.20 -5.93 -2.24
N ALA B 236 6.27 -5.37 -1.70
CA ALA B 236 7.52 -5.18 -2.46
C ALA B 236 8.21 -6.51 -2.81
N ALA B 237 8.35 -7.37 -1.81
CA ALA B 237 8.88 -8.73 -1.98
C ALA B 237 8.08 -9.58 -2.98
N ARG B 238 6.81 -9.23 -3.17
CA ARG B 238 5.91 -9.97 -4.07
C ARG B 238 6.21 -9.63 -5.52
N GLU B 239 6.83 -8.48 -5.73
CA GLU B 239 7.20 -8.06 -7.07
C GLU B 239 8.71 -8.09 -7.25
N GLY B 240 9.37 -8.94 -6.47
CA GLY B 240 10.81 -9.10 -6.56
C GLY B 240 11.59 -7.80 -6.54
N ARG B 241 11.30 -6.95 -5.57
CA ARG B 241 12.02 -5.69 -5.43
C ARG B 241 12.75 -5.61 -4.08
N ASP B 242 13.79 -4.78 -4.01
CA ASP B 242 14.62 -4.69 -2.81
C ASP B 242 14.28 -3.45 -1.97
N LYS B 243 13.60 -2.50 -2.60
CA LYS B 243 13.14 -1.29 -1.91
C LYS B 243 11.61 -1.22 -1.80
N ILE B 244 11.13 -0.90 -0.60
CA ILE B 244 9.70 -0.61 -0.35
C ILE B 244 9.36 0.83 -0.76
N THR B 245 8.60 0.95 -1.85
CA THR B 245 8.25 2.23 -2.45
C THR B 245 7.08 2.91 -1.74
N MET B 246 6.76 4.13 -2.14
CA MET B 246 5.67 4.84 -1.50
C MET B 246 4.33 4.26 -1.94
N LYS B 247 4.30 3.66 -3.13
CA LYS B 247 3.10 2.98 -3.60
C LYS B 247 2.86 1.68 -2.84
N ASP B 248 3.91 1.10 -2.29
CA ASP B 248 3.74 -0.14 -1.54
C ASP B 248 3.03 0.22 -0.25
N PHE B 249 3.47 1.33 0.36
CA PHE B 249 2.91 1.82 1.62
C PHE B 249 1.46 2.26 1.50
N GLU B 250 1.13 2.95 0.43
CA GLU B 250 -0.26 3.34 0.20
C GLU B 250 -1.20 2.20 -0.20
N GLU B 251 -0.68 1.24 -0.97
CA GLU B 251 -1.44 0.04 -1.31
C GLU B 251 -1.65 -0.86 -0.11
N ALA B 252 -0.77 -0.73 0.87
CA ALA B 252 -0.82 -1.53 2.08
C ALA B 252 -1.87 -0.99 3.05
N ILE B 253 -1.88 0.33 3.26
CA ILE B 253 -2.93 1.01 4.01
C ILE B 253 -4.31 0.66 3.43
N ASP B 254 -4.48 0.88 2.12
CA ASP B 254 -5.73 0.53 1.44
C ASP B 254 -6.09 -0.96 1.61
N ARG B 255 -5.10 -1.84 1.63
CA ARG B 255 -5.40 -3.27 1.78
C ARG B 255 -5.65 -3.69 3.22
N VAL B 256 -5.12 -2.92 4.15
CA VAL B 256 -5.33 -3.17 5.57
C VAL B 256 -6.72 -2.69 5.96
N ILE B 257 -7.12 -1.54 5.43
CA ILE B 257 -8.42 -0.97 5.80
C ILE B 257 -9.60 -1.60 5.02
N ALA B 258 -9.57 -1.43 3.70
CA ALA B 258 -10.65 -1.81 2.77
C ALA B 258 -10.47 -3.17 2.06
N GLY B 259 -9.41 -3.91 2.38
CA GLY B 259 -9.09 -5.15 1.67
C GLY B 259 -8.41 -5.00 0.31
N PRO B 260 -8.05 -6.15 -0.30
CA PRO B 260 -7.42 -6.28 -1.63
C PRO B 260 -8.32 -5.81 -2.74
N ALA B 261 -7.72 -5.39 -3.85
CA ALA B 261 -8.42 -4.95 -5.04
C ALA B 261 -9.06 -6.10 -5.81
N ARG B 262 -10.38 -6.12 -5.92
CA ARG B 262 -10.97 -7.23 -6.65
C ARG B 262 -10.88 -7.03 -8.17
N LYS B 263 -9.74 -7.38 -8.74
CA LYS B 263 -9.54 -7.22 -10.18
C LYS B 263 -10.35 -8.22 -11.00
N SER B 264 -10.83 -9.26 -10.32
CA SER B 264 -11.69 -10.26 -10.92
C SER B 264 -13.10 -9.73 -11.27
N LEU B 265 -13.62 -8.85 -10.41
CA LEU B 265 -14.93 -8.23 -10.63
C LEU B 265 -15.05 -7.55 -11.98
N LEU B 266 -15.88 -8.12 -12.84
CA LEU B 266 -16.17 -7.52 -14.12
C LEU B 266 -17.36 -6.58 -13.95
N ILE B 267 -17.09 -5.29 -14.14
CA ILE B 267 -18.09 -4.24 -14.07
C ILE B 267 -18.34 -3.67 -15.46
N SER B 268 -19.62 -3.56 -15.83
CA SER B 268 -19.98 -3.01 -17.13
C SER B 268 -19.47 -1.59 -17.29
N PRO B 269 -19.15 -1.19 -18.53
CA PRO B 269 -18.70 0.18 -18.82
C PRO B 269 -19.73 1.20 -18.41
N ALA B 270 -20.99 0.80 -18.44
CA ALA B 270 -22.07 1.70 -18.05
C ALA B 270 -21.96 1.96 -16.55
N GLU B 271 -21.85 0.89 -15.77
CA GLU B 271 -21.72 0.99 -14.31
C GLU B 271 -20.46 1.68 -13.87
N LYS B 272 -19.39 1.51 -14.64
CA LYS B 272 -18.14 2.18 -14.35
C LYS B 272 -18.22 3.68 -14.61
N ARG B 273 -18.96 4.06 -15.65
CA ARG B 273 -19.19 5.46 -15.96
C ARG B 273 -19.88 6.13 -14.76
N ILE B 274 -20.83 5.41 -14.17
CA ILE B 274 -21.64 5.97 -13.10
C ILE B 274 -20.81 6.02 -11.81
N ILE B 275 -20.13 4.94 -11.50
CA ILE B 275 -19.23 4.93 -10.36
C ILE B 275 -18.16 6.00 -10.43
N ALA B 276 -17.68 6.31 -11.62
CA ALA B 276 -16.71 7.38 -11.77
C ALA B 276 -17.28 8.77 -11.51
N TYR B 277 -18.46 9.06 -12.04
CA TYR B 277 -19.10 10.36 -11.86
C TYR B 277 -19.50 10.57 -10.41
N HIS B 278 -20.01 9.50 -9.84
CA HIS B 278 -20.23 9.43 -8.41
C HIS B 278 -19.01 9.81 -7.56
N GLU B 279 -17.86 9.17 -7.77
CA GLU B 279 -16.67 9.48 -6.99
C GLU B 279 -16.10 10.85 -7.29
N ALA B 280 -16.07 11.21 -8.57
CA ALA B 280 -15.63 12.54 -8.96
C ALA B 280 -16.53 13.61 -8.33
N GLY B 281 -17.83 13.32 -8.22
CA GLY B 281 -18.78 14.22 -7.57
C GLY B 281 -18.40 14.55 -6.14
N HIS B 282 -18.21 13.52 -5.31
CA HIS B 282 -17.64 13.71 -3.98
C HIS B 282 -16.38 14.57 -3.98
N ALA B 283 -15.42 14.24 -4.84
CA ALA B 283 -14.11 14.91 -4.83
C ALA B 283 -14.22 16.38 -5.13
N VAL B 284 -14.88 16.67 -6.24
CA VAL B 284 -15.13 18.04 -6.65
C VAL B 284 -15.89 18.83 -5.58
N VAL B 285 -17.00 18.28 -5.07
CA VAL B 285 -17.80 19.03 -4.12
C VAL B 285 -16.95 19.22 -2.87
N SER B 286 -16.30 18.15 -2.45
CA SER B 286 -15.40 18.18 -1.31
C SER B 286 -14.32 19.24 -1.44
N THR B 287 -13.68 19.31 -2.60
CA THR B 287 -12.66 20.32 -2.87
C THR B 287 -13.19 21.77 -2.89
N VAL B 288 -14.32 21.98 -3.56
CA VAL B 288 -14.84 23.31 -3.87
C VAL B 288 -15.47 23.96 -2.64
N VAL B 289 -15.89 23.11 -1.73
CA VAL B 289 -16.40 23.49 -0.43
C VAL B 289 -15.25 23.93 0.52
N PRO B 290 -15.44 25.09 1.19
CA PRO B 290 -14.46 25.78 2.05
C PRO B 290 -13.81 24.86 3.06
N ASN B 291 -14.60 24.13 3.83
CA ASN B 291 -14.02 23.29 4.88
C ASN B 291 -13.66 21.85 4.55
N GLY B 292 -13.87 21.39 3.33
CA GLY B 292 -13.39 20.07 3.01
C GLY B 292 -11.91 19.83 3.37
N GLU B 293 -11.66 18.69 4.03
CA GLU B 293 -10.33 18.04 4.16
C GLU B 293 -9.77 17.63 2.78
N PRO B 294 -8.56 18.10 2.44
CA PRO B 294 -8.03 17.92 1.07
C PRO B 294 -8.21 16.49 0.54
N VAL B 295 -8.54 16.35 -0.75
CA VAL B 295 -8.68 15.04 -1.37
C VAL B 295 -7.30 14.44 -1.59
N HIS B 296 -7.11 13.17 -1.28
CA HIS B 296 -5.82 12.52 -1.46
C HIS B 296 -5.75 11.70 -2.73
N ARG B 297 -6.86 11.07 -3.09
CA ARG B 297 -6.93 10.19 -4.25
C ARG B 297 -8.36 9.73 -4.48
N ILE B 298 -8.73 9.54 -5.75
CA ILE B 298 -9.99 8.92 -6.11
C ILE B 298 -9.67 7.56 -6.72
N SER B 299 -10.38 6.52 -6.30
CA SER B 299 -10.24 5.20 -6.95
C SER B 299 -11.59 4.63 -7.42
N ILE B 300 -11.55 4.04 -8.61
CA ILE B 300 -12.66 3.34 -9.26
C ILE B 300 -12.45 1.82 -9.19
N ILE B 301 -11.38 1.41 -8.53
CA ILE B 301 -11.06 0.01 -8.34
C ILE B 301 -11.74 -0.56 -7.10
N PRO B 302 -12.58 -1.59 -7.31
CA PRO B 302 -13.31 -2.27 -6.23
C PRO B 302 -12.36 -2.69 -5.13
N ARG B 303 -12.89 -3.04 -3.97
CA ARG B 303 -12.05 -3.28 -2.80
C ARG B 303 -12.86 -3.93 -1.68
N GLY B 304 -12.77 -5.25 -1.55
CA GLY B 304 -13.43 -5.95 -0.46
C GLY B 304 -14.94 -6.04 -0.60
N TYR B 305 -15.60 -6.40 0.50
CA TYR B 305 -17.04 -6.62 0.52
C TYR B 305 -17.84 -5.40 0.04
N LYS B 306 -18.18 -5.40 -1.26
CA LYS B 306 -18.95 -4.31 -1.86
C LYS B 306 -18.33 -2.94 -1.55
N ALA B 307 -17.44 -2.50 -2.42
CA ALA B 307 -16.85 -1.17 -2.32
C ALA B 307 -16.29 -0.74 -3.67
N LEU B 308 -17.19 -0.41 -4.57
CA LEU B 308 -16.86 -0.18 -5.97
C LEU B 308 -16.09 1.13 -6.18
N GLY B 309 -16.01 1.98 -5.17
CA GLY B 309 -15.29 3.21 -5.33
C GLY B 309 -15.11 3.88 -3.99
N TYR B 310 -14.25 4.89 -3.94
CA TYR B 310 -13.97 5.59 -2.71
C TYR B 310 -13.06 6.78 -3.00
N THR B 311 -13.12 7.77 -2.13
CA THR B 311 -12.36 9.01 -2.28
C THR B 311 -11.55 9.19 -1.00
N LEU B 312 -10.24 8.92 -1.06
CA LEU B 312 -9.36 9.13 0.10
C LEU B 312 -9.09 10.60 0.43
N HIS B 313 -8.93 10.89 1.72
CA HIS B 313 -8.62 12.25 2.14
C HIS B 313 -7.30 12.28 2.86
N LEU B 314 -6.72 13.47 2.96
CA LEU B 314 -5.46 13.61 3.65
C LEU B 314 -5.64 14.61 4.77
N PRO B 315 -5.86 14.08 5.97
CA PRO B 315 -6.05 14.84 7.20
C PRO B 315 -5.24 16.16 7.30
N GLU B 316 -3.93 16.18 7.51
CA GLU B 316 -3.24 17.45 7.81
C GLU B 316 -3.89 18.14 9.00
N GLU B 317 -4.56 17.37 9.84
CA GLU B 317 -5.43 17.96 10.85
C GLU B 317 -4.92 17.81 12.26
N ASP B 318 -5.51 16.87 12.97
CA ASP B 318 -5.49 16.81 14.40
C ASP B 318 -6.45 17.91 14.87
N LYS B 319 -7.71 17.72 14.53
CA LYS B 319 -8.81 18.54 15.05
C LYS B 319 -9.54 17.81 16.16
N TYR B 320 -9.95 18.54 17.18
CA TYR B 320 -10.66 17.90 18.26
C TYR B 320 -12.01 18.56 18.43
N LEU B 321 -12.26 19.58 17.62
CA LEU B 321 -13.56 20.21 17.60
C LEU B 321 -14.04 20.27 16.16
N VAL B 322 -15.36 20.33 16.01
CA VAL B 322 -15.92 20.50 14.70
C VAL B 322 -17.07 21.49 14.77
N SER B 323 -17.07 22.42 13.82
CA SER B 323 -18.04 23.51 13.76
C SER B 323 -19.23 23.16 12.87
N ARG B 324 -20.26 23.99 12.95
CA ARG B 324 -21.49 23.75 12.23
C ARG B 324 -21.27 23.93 10.73
N ASN B 325 -20.50 24.94 10.34
CA ASN B 325 -20.13 25.06 8.94
C ASN B 325 -19.28 23.92 8.44
N GLU B 326 -18.51 23.31 9.34
CA GLU B 326 -17.72 22.15 8.95
C GLU B 326 -18.62 20.95 8.67
N LEU B 327 -19.64 20.76 9.49
CA LEU B 327 -20.56 19.63 9.34
C LEU B 327 -21.42 19.79 8.09
N LEU B 328 -21.90 21.02 7.90
CA LEU B 328 -22.63 21.41 6.70
C LEU B 328 -21.81 21.11 5.43
N ASP B 329 -20.55 21.56 5.40
CA ASP B 329 -19.68 21.29 4.25
C ASP B 329 -19.45 19.78 4.03
N LYS B 330 -19.26 19.03 5.10
CA LYS B 330 -19.02 17.57 5.05
C LYS B 330 -20.24 16.82 4.51
N LEU B 331 -21.40 17.26 4.96
CA LEU B 331 -22.69 16.76 4.54
C LEU B 331 -22.92 17.02 3.04
N THR B 332 -22.62 18.23 2.60
CA THR B 332 -22.70 18.57 1.18
C THR B 332 -21.84 17.59 0.36
N ALA B 333 -20.61 17.40 0.80
CA ALA B 333 -19.67 16.51 0.12
C ALA B 333 -20.16 15.05 0.10
N LEU B 334 -20.83 14.62 1.17
CA LEU B 334 -21.45 13.30 1.22
C LEU B 334 -22.53 13.14 0.13
N LEU B 335 -23.28 14.20 -0.14
CA LEU B 335 -24.32 14.16 -1.16
C LEU B 335 -23.77 14.39 -2.60
N GLY B 336 -22.48 14.73 -2.68
CA GLY B 336 -21.82 14.94 -3.96
C GLY B 336 -21.88 13.75 -4.90
N GLY B 337 -21.83 12.54 -4.36
CA GLY B 337 -21.98 11.34 -5.17
C GLY B 337 -23.32 11.32 -5.90
N ARG B 338 -24.39 11.37 -5.10
CA ARG B 338 -25.77 11.42 -5.56
C ARG B 338 -26.08 12.59 -6.47
N ALA B 339 -25.62 13.77 -6.05
CA ALA B 339 -25.74 15.00 -6.83
C ALA B 339 -25.24 14.84 -8.25
N ALA B 340 -24.05 14.25 -8.38
CA ALA B 340 -23.44 14.01 -9.67
C ALA B 340 -24.29 13.08 -10.53
N GLU B 341 -24.72 11.95 -9.96
CA GLU B 341 -25.60 11.05 -10.68
C GLU B 341 -26.85 11.74 -11.18
N GLU B 342 -27.46 12.56 -10.33
CA GLU B 342 -28.74 13.11 -10.70
C GLU B 342 -28.56 14.09 -11.82
N VAL B 343 -27.60 14.99 -11.63
CA VAL B 343 -27.30 15.94 -12.67
C VAL B 343 -26.81 15.38 -14.03
N VAL B 344 -26.02 14.29 -13.99
CA VAL B 344 -25.37 13.76 -15.20
C VAL B 344 -26.26 12.73 -15.91
N PHE B 345 -26.92 11.87 -15.12
CA PHE B 345 -27.81 10.84 -15.65
C PHE B 345 -29.32 10.96 -15.41
N GLY B 346 -29.77 11.86 -14.55
CA GLY B 346 -31.19 11.89 -14.21
C GLY B 346 -31.71 10.73 -13.38
N ASP B 347 -31.58 9.51 -13.92
CA ASP B 347 -31.92 8.25 -13.24
C ASP B 347 -30.91 7.84 -12.16
N VAL B 348 -31.01 8.52 -11.01
CA VAL B 348 -30.28 8.20 -9.79
C VAL B 348 -30.30 6.67 -9.43
N THR B 349 -29.25 6.11 -8.86
CA THR B 349 -29.23 4.68 -8.49
C THR B 349 -29.07 4.50 -7.00
N SER B 350 -28.84 3.26 -6.61
CA SER B 350 -28.90 2.91 -5.22
C SER B 350 -27.53 2.94 -4.58
N GLY B 351 -26.52 3.39 -5.35
CA GLY B 351 -25.17 3.42 -4.82
C GLY B 351 -24.99 4.39 -3.67
N ALA B 352 -25.77 5.46 -3.64
CA ALA B 352 -25.56 6.51 -2.65
C ALA B 352 -26.22 6.22 -1.30
N ALA B 353 -26.72 5.00 -1.09
CA ALA B 353 -27.53 4.68 0.09
C ALA B 353 -26.75 4.80 1.38
N ASN B 354 -25.49 4.43 1.32
CA ASN B 354 -24.72 4.48 2.52
C ASN B 354 -24.36 5.92 2.86
N ASP B 355 -24.01 6.69 1.83
CA ASP B 355 -23.89 8.15 1.95
C ASP B 355 -25.11 8.90 2.47
N ILE B 356 -26.31 8.45 2.10
CA ILE B 356 -27.53 9.15 2.47
C ILE B 356 -27.76 8.84 3.93
N GLU B 357 -27.45 7.62 4.29
CA GLU B 357 -27.48 7.27 5.69
C GLU B 357 -26.45 8.10 6.47
N ARG B 358 -25.23 8.23 5.96
CA ARG B 358 -24.24 9.01 6.72
C ARG B 358 -24.71 10.46 6.91
N ALA B 359 -25.23 11.09 5.85
CA ALA B 359 -25.53 12.53 5.88
C ALA B 359 -26.70 12.83 6.79
N THR B 360 -27.64 11.88 6.83
CA THR B 360 -28.86 12.01 7.60
C THR B 360 -28.45 11.93 9.07
N GLU B 361 -27.55 10.99 9.38
CA GLU B 361 -27.04 10.86 10.73
C GLU B 361 -26.39 12.17 11.22
N ILE B 362 -25.61 12.82 10.37
CA ILE B 362 -25.02 14.12 10.73
C ILE B 362 -26.09 15.18 10.97
N ALA B 363 -27.07 15.28 10.07
CA ALA B 363 -28.16 16.24 10.26
C ALA B 363 -28.92 16.01 11.59
N ARG B 364 -29.27 14.77 11.90
CA ARG B 364 -30.01 14.48 13.14
C ARG B 364 -29.20 14.85 14.35
N ASN B 365 -27.92 14.57 14.24
CA ASN B 365 -27.02 14.79 15.33
C ASN B 365 -26.88 16.29 15.62
N MET B 366 -26.63 17.09 14.58
CA MET B 366 -26.66 18.56 14.64
C MET B 366 -27.91 19.16 15.32
N VAL B 367 -29.06 18.58 15.02
CA VAL B 367 -30.36 19.07 15.47
C VAL B 367 -30.68 18.55 16.88
N CYS B 368 -30.27 17.32 17.16
CA CYS B 368 -30.68 16.63 18.40
C CYS B 368 -29.65 16.56 19.54
N GLN B 369 -28.36 16.59 19.22
CA GLN B 369 -27.29 16.50 20.21
C GLN B 369 -26.50 17.82 20.29
N LEU B 370 -26.17 18.41 19.13
CA LEU B 370 -25.21 19.54 19.06
C LEU B 370 -25.82 20.95 19.16
N GLY B 371 -27.14 21.06 19.30
CA GLY B 371 -27.79 22.35 19.46
C GLY B 371 -27.61 23.25 18.27
N MET B 372 -27.43 22.67 17.09
CA MET B 372 -27.07 23.47 15.92
C MET B 372 -28.20 23.78 14.96
N SER B 373 -29.43 23.71 15.43
CA SER B 373 -30.56 24.20 14.66
C SER B 373 -31.19 25.37 15.41
N GLU B 374 -31.54 26.45 14.69
CA GLU B 374 -32.19 27.62 15.29
C GLU B 374 -33.57 27.28 15.80
N GLU B 375 -34.34 26.58 14.99
CA GLU B 375 -35.67 26.23 15.44
C GLU B 375 -35.68 25.52 16.80
N LEU B 376 -34.88 24.47 16.96
CA LEU B 376 -35.08 23.61 18.13
C LEU B 376 -34.26 24.01 19.36
N GLY B 377 -33.28 24.89 19.14
CA GLY B 377 -32.57 25.53 20.22
C GLY B 377 -31.39 24.74 20.73
N PRO B 378 -30.72 25.29 21.74
CA PRO B 378 -29.56 24.61 22.35
C PRO B 378 -30.03 23.58 23.38
N LEU B 379 -30.93 22.68 22.96
CA LEU B 379 -31.40 21.60 23.83
C LEU B 379 -31.00 20.27 23.25
N ALA B 380 -30.93 19.29 24.14
CA ALA B 380 -30.65 17.92 23.75
C ALA B 380 -31.96 17.16 23.68
N TRP B 381 -32.45 16.92 22.47
CA TRP B 381 -33.64 16.10 22.28
C TRP B 381 -33.22 14.63 22.08
N GLY B 382 -33.61 13.78 23.02
CA GLY B 382 -33.17 12.40 23.01
C GLY B 382 -32.23 12.06 24.18
N LYS B 383 -32.03 10.76 24.40
CA LYS B 383 -31.18 10.26 25.50
C LYS B 383 -31.93 10.22 26.85
N LEU B 397 -33.27 7.55 25.33
CA LEU B 397 -34.13 7.29 24.17
C LEU B 397 -35.06 8.47 23.89
N ARG B 398 -36.04 8.29 23.01
CA ARG B 398 -36.96 9.37 22.66
C ARG B 398 -37.84 9.80 23.81
N ASN B 399 -37.49 10.95 24.40
CA ASN B 399 -38.23 11.49 25.54
C ASN B 399 -38.90 12.79 25.20
N TYR B 400 -39.59 12.82 24.05
CA TYR B 400 -40.18 14.06 23.62
C TYR B 400 -41.45 13.86 22.84
N SER B 401 -42.23 14.92 22.77
CA SER B 401 -43.53 14.90 22.14
C SER B 401 -43.47 14.72 20.62
N GLU B 402 -44.62 14.36 20.06
CA GLU B 402 -44.83 14.21 18.62
C GLU B 402 -44.63 15.53 17.89
N GLU B 403 -45.04 16.61 18.55
CA GLU B 403 -44.91 17.95 18.02
C GLU B 403 -43.42 18.28 17.83
N VAL B 404 -42.62 18.04 18.86
CA VAL B 404 -41.17 18.10 18.70
C VAL B 404 -40.61 17.07 17.71
N ALA B 405 -41.21 15.89 17.61
CA ALA B 405 -40.66 14.94 16.64
C ALA B 405 -40.86 15.42 15.20
N SER B 406 -41.99 16.05 14.92
CA SER B 406 -42.12 16.60 13.58
C SER B 406 -41.27 17.84 13.37
N LYS B 407 -41.01 18.64 14.40
CA LYS B 407 -40.03 19.72 14.23
C LYS B 407 -38.64 19.16 13.92
N ILE B 408 -38.17 18.19 14.69
CA ILE B 408 -36.87 17.58 14.36
C ILE B 408 -36.79 17.09 12.90
N ASP B 409 -37.74 16.28 12.45
CA ASP B 409 -37.74 15.79 11.07
C ASP B 409 -37.70 16.90 10.02
N GLU B 410 -38.48 17.93 10.28
CA GLU B 410 -38.56 19.08 9.39
C GLU B 410 -37.21 19.83 9.28
N GLU B 411 -36.52 20.00 10.41
CA GLU B 411 -35.20 20.61 10.37
C GLU B 411 -34.21 19.68 9.70
N VAL B 412 -34.31 18.39 10.00
CA VAL B 412 -33.35 17.46 9.41
C VAL B 412 -33.50 17.45 7.89
N LYS B 413 -34.74 17.35 7.41
CA LYS B 413 -34.98 17.43 5.96
C LYS B 413 -34.47 18.75 5.38
N LYS B 414 -34.65 19.86 6.09
CA LYS B 414 -34.26 21.15 5.55
C LYS B 414 -32.74 21.27 5.42
N ILE B 415 -31.99 20.76 6.39
CA ILE B 415 -30.54 20.73 6.29
C ILE B 415 -30.07 19.84 5.13
N VAL B 416 -30.60 18.63 5.06
CA VAL B 416 -30.10 17.69 4.05
C VAL B 416 -30.37 18.21 2.63
N THR B 417 -31.53 18.83 2.46
CA THR B 417 -32.08 19.30 1.20
C THR B 417 -31.36 20.56 0.71
N ASN B 418 -31.01 21.44 1.65
CA ASN B 418 -30.24 22.61 1.31
C ASN B 418 -28.84 22.15 0.89
N CYS B 419 -28.31 21.12 1.55
CA CYS B 419 -26.96 20.64 1.26
C CYS B 419 -26.89 19.92 -0.09
N TYR B 420 -27.96 19.19 -0.41
CA TYR B 420 -28.07 18.48 -1.67
C TYR B 420 -28.11 19.44 -2.87
N GLU B 421 -28.94 20.48 -2.74
CA GLU B 421 -29.01 21.55 -3.73
C GLU B 421 -27.65 22.23 -3.89
N ARG B 422 -27.03 22.56 -2.77
CA ARG B 422 -25.68 23.12 -2.79
C ARG B 422 -24.73 22.18 -3.58
N ALA B 423 -24.75 20.88 -3.27
CA ALA B 423 -24.00 19.87 -4.04
C ALA B 423 -24.30 19.87 -5.56
N LYS B 424 -25.58 19.81 -5.92
CA LYS B 424 -25.99 19.92 -7.32
C LYS B 424 -25.56 21.25 -7.99
N GLU B 425 -25.60 22.37 -7.29
CA GLU B 425 -25.07 23.59 -7.90
C GLU B 425 -23.58 23.47 -8.21
N ILE B 426 -22.77 23.02 -7.25
CA ILE B 426 -21.34 22.82 -7.48
C ILE B 426 -21.08 21.87 -8.67
N ILE B 427 -21.77 20.75 -8.75
CA ILE B 427 -21.65 19.83 -9.88
C ILE B 427 -21.86 20.56 -11.24
N ARG B 428 -22.82 21.48 -11.30
CA ARG B 428 -23.18 22.14 -12.55
C ARG B 428 -22.14 23.16 -12.94
N LYS B 429 -21.71 23.95 -11.97
CA LYS B 429 -20.70 24.96 -12.19
C LYS B 429 -19.34 24.37 -12.59
N TYR B 430 -19.04 23.14 -12.15
CA TYR B 430 -17.78 22.49 -12.48
C TYR B 430 -18.01 21.27 -13.36
N ARG B 431 -19.13 21.27 -14.07
CA ARG B 431 -19.45 20.22 -15.02
C ARG B 431 -18.29 19.85 -15.96
N LYS B 432 -17.71 20.82 -16.66
CA LYS B 432 -16.59 20.53 -17.58
C LYS B 432 -15.48 19.77 -16.90
N GLN B 433 -14.88 20.37 -15.89
CA GLN B 433 -13.81 19.71 -15.18
C GLN B 433 -14.25 18.36 -14.59
N LEU B 434 -15.49 18.23 -14.15
CA LEU B 434 -15.98 16.95 -13.67
C LEU B 434 -15.89 15.88 -14.78
N ASP B 435 -16.21 16.25 -16.01
CA ASP B 435 -16.12 15.36 -17.16
C ASP B 435 -14.68 14.97 -17.43
N ASN B 436 -13.75 15.91 -17.25
CA ASN B 436 -12.33 15.63 -17.44
C ASN B 436 -11.86 14.60 -16.42
N ILE B 437 -12.23 14.82 -15.17
CA ILE B 437 -11.86 13.92 -14.08
C ILE B 437 -12.39 12.51 -14.36
N VAL B 438 -13.60 12.42 -14.90
CA VAL B 438 -14.20 11.12 -15.09
C VAL B 438 -13.45 10.40 -16.19
N GLU B 439 -13.13 11.17 -17.22
CA GLU B 439 -12.42 10.69 -18.39
C GLU B 439 -11.12 10.02 -17.95
N ILE B 440 -10.31 10.74 -17.19
CA ILE B 440 -9.04 10.27 -16.68
C ILE B 440 -9.18 9.06 -15.78
N LEU B 441 -10.24 9.08 -14.98
CA LEU B 441 -10.51 8.04 -14.01
C LEU B 441 -10.88 6.73 -14.71
N LEU B 442 -11.61 6.81 -15.81
CA LEU B 442 -12.02 5.62 -16.56
C LEU B 442 -10.83 4.99 -17.28
N GLU B 443 -9.91 5.84 -17.72
CA GLU B 443 -8.71 5.42 -18.44
C GLU B 443 -7.66 4.75 -17.55
N LYS B 444 -7.31 5.44 -16.45
CA LYS B 444 -6.21 5.06 -15.57
C LYS B 444 -6.74 4.40 -14.28
N GLU B 445 -8.03 4.61 -14.03
CA GLU B 445 -8.76 4.08 -12.87
C GLU B 445 -8.42 4.66 -11.49
N THR B 446 -7.69 5.78 -11.50
CA THR B 446 -7.21 6.43 -10.29
C THR B 446 -6.76 7.84 -10.68
N ILE B 447 -6.90 8.79 -9.77
CA ILE B 447 -6.37 10.13 -9.99
C ILE B 447 -5.93 10.69 -8.65
N GLU B 448 -4.87 11.48 -8.66
CA GLU B 448 -4.29 11.99 -7.42
C GLU B 448 -4.91 13.33 -7.09
N GLY B 449 -4.94 13.66 -5.80
CA GLY B 449 -5.42 14.97 -5.38
C GLY B 449 -4.85 16.17 -6.12
N ASP B 450 -3.54 16.18 -6.38
CA ASP B 450 -2.91 17.37 -6.96
C ASP B 450 -3.41 17.63 -8.37
N GLU B 451 -3.65 16.53 -9.09
CA GLU B 451 -4.12 16.63 -10.45
C GLU B 451 -5.56 17.07 -10.41
N LEU B 452 -6.24 16.63 -9.35
CA LEU B 452 -7.61 17.02 -9.09
C LEU B 452 -7.66 18.51 -8.85
N ARG B 453 -6.86 19.00 -7.91
CA ARG B 453 -6.93 20.41 -7.65
C ARG B 453 -6.49 21.25 -8.85
N ARG B 454 -5.64 20.65 -9.70
CA ARG B 454 -5.11 21.34 -10.86
C ARG B 454 -6.21 21.56 -11.91
N ILE B 455 -7.01 20.52 -12.14
CA ILE B 455 -8.07 20.59 -13.13
C ILE B 455 -9.18 21.53 -12.69
N LEU B 456 -9.41 21.62 -11.39
CA LEU B 456 -10.42 22.53 -10.87
C LEU B 456 -9.94 23.97 -10.78
N SER B 457 -8.64 24.20 -10.86
CA SER B 457 -8.19 25.58 -10.81
C SER B 457 -7.91 26.10 -12.21
N GLU B 458 -8.94 26.16 -13.05
CA GLU B 458 -8.83 26.66 -14.42
C GLU B 458 -7.51 26.30 -15.11
N LYS C 11 -3.79 -36.90 -5.82
CA LYS C 11 -3.27 -36.36 -7.07
C LYS C 11 -2.88 -34.91 -6.93
N ARG C 12 -1.94 -34.47 -7.76
CA ARG C 12 -1.45 -33.09 -7.70
C ARG C 12 -2.47 -32.07 -8.22
N VAL C 13 -2.68 -31.01 -7.46
CA VAL C 13 -3.64 -29.96 -7.85
C VAL C 13 -3.06 -28.55 -7.75
N THR C 14 -3.40 -27.72 -8.73
CA THR C 14 -2.97 -26.31 -8.75
C THR C 14 -4.16 -25.38 -8.67
N PHE C 15 -3.93 -24.10 -8.95
CA PHE C 15 -5.01 -23.10 -8.95
C PHE C 15 -5.85 -23.17 -10.23
N LYS C 16 -5.50 -24.06 -11.14
CA LYS C 16 -6.29 -24.29 -12.34
C LYS C 16 -7.38 -25.32 -12.03
N ASP C 17 -7.21 -26.00 -10.90
CA ASP C 17 -8.17 -27.01 -10.43
C ASP C 17 -9.11 -26.41 -9.40
N VAL C 18 -9.00 -25.10 -9.17
CA VAL C 18 -9.92 -24.39 -8.30
C VAL C 18 -10.71 -23.38 -9.12
N GLY C 19 -12.01 -23.29 -8.84
CA GLY C 19 -12.87 -22.38 -9.58
C GLY C 19 -13.53 -21.32 -8.72
N GLY C 20 -13.72 -20.14 -9.29
CA GLY C 20 -14.43 -19.06 -8.63
C GLY C 20 -13.84 -18.72 -7.28
N ALA C 21 -12.52 -18.50 -7.24
CA ALA C 21 -11.87 -18.08 -6.01
C ALA C 21 -10.64 -17.20 -6.29
N GLU C 22 -10.72 -16.42 -7.36
CA GLU C 22 -9.59 -15.60 -7.82
C GLU C 22 -9.02 -14.72 -6.70
N GLU C 23 -9.89 -14.08 -5.94
CA GLU C 23 -9.48 -13.19 -4.87
C GLU C 23 -8.57 -13.95 -3.90
N ALA C 24 -9.06 -15.07 -3.39
CA ALA C 24 -8.31 -15.89 -2.45
C ALA C 24 -7.01 -16.43 -3.06
N ILE C 25 -7.07 -16.79 -4.34
CA ILE C 25 -5.92 -17.38 -5.03
C ILE C 25 -4.80 -16.36 -5.22
N GLU C 26 -5.17 -15.15 -5.59
CA GLU C 26 -4.23 -14.05 -5.63
C GLU C 26 -3.59 -13.81 -4.27
N GLU C 27 -4.42 -13.75 -3.23
CA GLU C 27 -3.89 -13.63 -1.88
C GLU C 27 -2.96 -14.81 -1.59
N LEU C 28 -3.26 -15.96 -2.18
CA LEU C 28 -2.47 -17.16 -1.93
C LEU C 28 -1.29 -17.26 -2.87
N LYS C 29 -1.14 -16.29 -3.75
CA LYS C 29 -0.04 -16.30 -4.68
C LYS C 29 1.26 -15.96 -3.97
N GLU C 30 1.15 -15.13 -2.94
CA GLU C 30 2.32 -14.72 -2.17
C GLU C 30 2.80 -15.91 -1.37
N VAL C 31 1.84 -16.72 -0.94
CA VAL C 31 2.13 -17.89 -0.13
C VAL C 31 2.92 -18.91 -0.94
N VAL C 32 2.56 -19.02 -2.22
CA VAL C 32 3.27 -19.93 -3.12
C VAL C 32 4.73 -19.50 -3.26
N GLU C 33 4.95 -18.21 -3.53
CA GLU C 33 6.29 -17.66 -3.70
C GLU C 33 7.20 -17.94 -2.51
N PHE C 34 6.71 -17.63 -1.32
CA PHE C 34 7.45 -17.87 -0.09
C PHE C 34 7.83 -19.35 0.12
N LEU C 35 7.04 -20.25 -0.47
CA LEU C 35 7.31 -21.68 -0.34
C LEU C 35 8.33 -22.13 -1.39
N LYS C 36 8.34 -21.40 -2.51
CA LYS C 36 9.26 -21.68 -3.61
C LYS C 36 10.64 -21.14 -3.28
N ASP C 37 10.68 -19.97 -2.64
CA ASP C 37 11.95 -19.35 -2.24
C ASP C 37 11.81 -18.52 -0.97
N PRO C 38 11.83 -19.17 0.21
CA PRO C 38 11.67 -18.47 1.48
C PRO C 38 12.71 -17.39 1.74
N SER C 39 13.79 -17.39 0.96
CA SER C 39 14.86 -16.41 1.17
C SER C 39 14.50 -15.01 0.69
N LYS C 40 13.64 -14.93 -0.33
CA LYS C 40 13.22 -13.65 -0.90
C LYS C 40 12.50 -12.78 0.12
N PHE C 41 12.02 -13.40 1.20
CA PHE C 41 11.31 -12.70 2.25
C PHE C 41 12.14 -12.66 3.53
N ASN C 42 12.84 -13.75 3.80
CA ASN C 42 13.69 -13.85 4.98
C ASN C 42 14.82 -12.81 4.94
N ARG C 43 15.19 -12.39 3.73
CA ARG C 43 16.29 -11.46 3.56
C ARG C 43 15.90 -10.03 3.86
N ILE C 44 14.67 -9.65 3.52
CA ILE C 44 14.22 -8.28 3.77
C ILE C 44 13.13 -8.20 4.84
N GLY C 45 13.12 -9.15 5.76
CA GLY C 45 12.28 -9.07 6.94
C GLY C 45 10.80 -9.10 6.63
N ALA C 46 10.50 -9.44 5.39
CA ALA C 46 9.12 -9.60 4.92
C ALA C 46 8.50 -10.85 5.56
N ARG C 47 8.17 -10.78 6.85
CA ARG C 47 7.70 -11.97 7.58
C ARG C 47 6.40 -12.52 6.99
N MET C 48 6.19 -13.83 7.15
CA MET C 48 4.93 -14.45 6.73
C MET C 48 4.15 -14.95 7.92
N PRO C 49 2.83 -15.14 7.75
CA PRO C 49 1.99 -15.66 8.82
C PRO C 49 2.27 -17.13 9.08
N LYS C 50 2.21 -17.50 10.35
CA LYS C 50 2.47 -18.88 10.75
C LYS C 50 1.21 -19.70 10.60
N GLY C 51 0.08 -19.02 10.60
CA GLY C 51 -1.22 -19.66 10.47
C GLY C 51 -2.18 -18.85 9.63
N ILE C 52 -2.76 -19.51 8.64
CA ILE C 52 -3.67 -18.82 7.73
C ILE C 52 -5.02 -19.52 7.76
N LEU C 53 -6.07 -18.72 7.94
CA LEU C 53 -7.39 -19.27 8.07
C LEU C 53 -8.23 -18.98 6.82
N LEU C 54 -8.95 -20.00 6.37
CA LEU C 54 -9.85 -19.90 5.23
C LEU C 54 -11.31 -20.00 5.68
N VAL C 55 -12.05 -18.90 5.59
CA VAL C 55 -13.43 -18.87 6.04
C VAL C 55 -14.45 -18.89 4.90
N GLY C 56 -15.38 -19.85 4.96
CA GLY C 56 -16.40 -20.01 3.94
C GLY C 56 -17.18 -21.30 4.12
N PRO C 57 -18.41 -21.36 3.57
CA PRO C 57 -19.28 -22.53 3.64
C PRO C 57 -18.58 -23.80 3.22
N PRO C 58 -19.07 -24.97 3.66
CA PRO C 58 -18.46 -26.26 3.31
C PRO C 58 -18.47 -26.50 1.80
N GLY C 59 -17.42 -27.14 1.30
CA GLY C 59 -17.34 -27.50 -0.11
C GLY C 59 -16.88 -26.36 -0.99
N THR C 60 -16.66 -25.18 -0.40
CA THR C 60 -16.20 -24.02 -1.16
C THR C 60 -14.76 -24.19 -1.65
N GLY C 61 -14.21 -25.37 -1.42
CA GLY C 61 -12.84 -25.65 -1.82
C GLY C 61 -11.80 -25.17 -0.83
N ALA C 62 -12.17 -25.15 0.45
CA ALA C 62 -11.24 -24.71 1.49
C ALA C 62 -10.07 -25.67 1.56
N THR C 63 -10.36 -26.95 1.34
CA THR C 63 -9.32 -27.97 1.33
C THR C 63 -8.64 -28.02 -0.03
N LEU C 64 -9.43 -27.84 -1.09
CA LEU C 64 -8.91 -27.86 -2.44
C LEU C 64 -7.84 -26.78 -2.63
N LEU C 65 -8.05 -25.62 -2.00
CA LEU C 65 -7.12 -24.51 -2.13
C LEU C 65 -5.81 -24.78 -1.41
N ALA C 66 -5.89 -25.29 -0.18
CA ALA C 66 -4.70 -25.60 0.58
C ALA C 66 -3.84 -26.58 -0.21
N ARG C 67 -4.50 -27.57 -0.83
CA ARG C 67 -3.81 -28.54 -1.67
C ARG C 67 -3.26 -27.88 -2.94
N ALA C 68 -3.97 -26.89 -3.47
CA ALA C 68 -3.57 -26.23 -4.70
C ALA C 68 -2.32 -25.38 -4.49
N VAL C 69 -2.19 -24.82 -3.29
CA VAL C 69 -1.04 -23.99 -2.92
C VAL C 69 0.21 -24.86 -2.73
N ALA C 70 0.06 -25.99 -2.04
CA ALA C 70 1.14 -26.95 -1.86
C ALA C 70 1.65 -27.50 -3.19
N GLY C 71 0.71 -27.84 -4.07
CA GLY C 71 1.04 -28.35 -5.38
C GLY C 71 1.51 -27.27 -6.33
N GLU C 72 1.21 -26.02 -6.00
CA GLU C 72 1.63 -24.89 -6.81
C GLU C 72 3.10 -24.58 -6.60
N ALA C 73 3.56 -24.77 -5.37
CA ALA C 73 4.96 -24.54 -5.03
C ALA C 73 5.72 -25.86 -4.95
N ASN C 74 5.08 -26.94 -5.42
CA ASN C 74 5.67 -28.28 -5.40
C ASN C 74 6.27 -28.57 -4.03
N VAL C 75 5.42 -28.70 -3.02
CA VAL C 75 5.88 -28.89 -1.66
C VAL C 75 4.95 -29.85 -0.93
N PRO C 76 5.50 -30.63 0.02
CA PRO C 76 4.77 -31.61 0.82
C PRO C 76 3.48 -31.04 1.43
N PHE C 77 2.45 -31.87 1.56
CA PHE C 77 1.19 -31.42 2.13
C PHE C 77 0.67 -32.42 3.14
N PHE C 78 0.46 -31.95 4.37
CA PHE C 78 -0.01 -32.82 5.44
C PHE C 78 -1.47 -32.55 5.79
N HIS C 79 -2.36 -33.36 5.23
CA HIS C 79 -3.79 -33.17 5.45
C HIS C 79 -4.22 -33.79 6.77
N ILE C 80 -4.75 -32.97 7.66
CA ILE C 80 -5.24 -33.44 8.96
C ILE C 80 -6.66 -32.93 9.21
N SER C 81 -7.43 -33.68 10.00
CA SER C 81 -8.81 -33.29 10.33
C SER C 81 -8.97 -32.99 11.82
N GLY C 82 -9.69 -31.92 12.13
CA GLY C 82 -9.90 -31.50 13.50
C GLY C 82 -10.95 -32.32 14.23
N SER C 83 -11.65 -33.16 13.48
CA SER C 83 -12.67 -34.04 14.03
C SER C 83 -12.08 -35.37 14.47
N ASP C 84 -10.85 -35.64 14.03
CA ASP C 84 -10.15 -36.87 14.39
C ASP C 84 -9.66 -36.83 15.83
N PHE C 85 -9.31 -35.63 16.30
CA PHE C 85 -8.76 -35.45 17.64
C PHE C 85 -9.84 -35.51 18.72
N VAL C 86 -11.10 -35.43 18.30
CA VAL C 86 -12.22 -35.57 19.22
C VAL C 86 -12.52 -37.05 19.46
N GLU C 87 -12.66 -37.43 20.73
CA GLU C 87 -12.90 -38.81 21.15
C GLU C 87 -11.61 -39.60 21.43
N LEU C 88 -10.47 -38.93 21.35
CA LEU C 88 -9.19 -39.58 21.59
C LEU C 88 -8.94 -39.81 23.08
N PHE C 89 -8.02 -40.72 23.38
CA PHE C 89 -7.65 -41.04 24.77
C PHE C 89 -6.83 -39.93 25.40
N VAL C 90 -6.79 -39.91 26.74
CA VAL C 90 -6.06 -38.89 27.49
C VAL C 90 -4.58 -38.83 27.08
N GLY C 91 -4.21 -37.76 26.40
CA GLY C 91 -2.84 -37.57 25.96
C GLY C 91 -2.65 -37.80 24.47
N VAL C 92 -3.45 -38.71 23.91
CA VAL C 92 -3.36 -39.03 22.49
C VAL C 92 -3.56 -37.80 21.61
N GLY C 93 -4.55 -36.99 21.95
CA GLY C 93 -4.85 -35.79 21.19
C GLY C 93 -3.66 -34.86 21.03
N ALA C 94 -2.99 -34.57 22.14
CA ALA C 94 -1.83 -33.68 22.12
C ALA C 94 -0.64 -34.36 21.44
N ALA C 95 -0.50 -35.67 21.64
CA ALA C 95 0.58 -36.44 21.04
C ALA C 95 0.54 -36.37 19.51
N ARG C 96 -0.65 -36.50 18.94
CA ARG C 96 -0.84 -36.38 17.50
C ARG C 96 -0.31 -35.03 17.00
N VAL C 97 -0.64 -33.97 17.72
CA VAL C 97 -0.26 -32.61 17.34
C VAL C 97 1.25 -32.45 17.28
N ARG C 98 1.93 -32.96 18.29
CA ARG C 98 3.39 -32.90 18.34
C ARG C 98 4.02 -33.65 17.16
N ASP C 99 3.50 -34.84 16.83
CA ASP C 99 4.04 -35.65 15.74
C ASP C 99 3.91 -34.93 14.41
N LEU C 100 2.71 -34.40 14.17
CA LEU C 100 2.43 -33.65 12.94
C LEU C 100 3.47 -32.56 12.69
N PHE C 101 3.71 -31.72 13.68
CA PHE C 101 4.66 -30.61 13.54
C PHE C 101 6.11 -31.10 13.49
N ALA C 102 6.35 -32.29 14.03
CA ALA C 102 7.68 -32.90 13.98
C ALA C 102 7.98 -33.38 12.57
N GLN C 103 6.98 -33.95 11.91
CA GLN C 103 7.13 -34.44 10.55
C GLN C 103 7.21 -33.29 9.57
N ALA C 104 6.60 -32.17 9.94
CA ALA C 104 6.58 -31.00 9.07
C ALA C 104 7.95 -30.35 9.03
N LYS C 105 8.58 -30.20 10.20
CA LYS C 105 9.87 -29.53 10.28
C LYS C 105 10.92 -30.24 9.44
N ALA C 106 10.77 -31.56 9.34
CA ALA C 106 11.72 -32.38 8.62
C ALA C 106 11.42 -32.40 7.12
N HIS C 107 10.18 -32.08 6.77
CA HIS C 107 9.76 -32.06 5.38
C HIS C 107 9.62 -30.62 4.88
N ALA C 108 10.10 -29.67 5.68
CA ALA C 108 10.02 -28.25 5.36
C ALA C 108 10.88 -27.89 4.13
N PRO C 109 10.41 -26.93 3.31
CA PRO C 109 9.13 -26.23 3.44
C PRO C 109 7.95 -27.15 3.16
N CYS C 110 6.78 -26.81 3.71
CA CYS C 110 5.57 -27.60 3.51
C CYS C 110 4.31 -26.85 3.94
N ILE C 111 3.17 -27.52 3.82
CA ILE C 111 1.90 -26.94 4.24
C ILE C 111 1.17 -27.86 5.19
N VAL C 112 0.89 -27.37 6.39
CA VAL C 112 0.17 -28.16 7.37
C VAL C 112 -1.29 -27.74 7.44
N PHE C 113 -2.16 -28.57 6.90
CA PHE C 113 -3.58 -28.26 6.84
C PHE C 113 -4.39 -28.94 7.95
N ILE C 114 -5.23 -28.15 8.61
CA ILE C 114 -6.07 -28.64 9.70
C ILE C 114 -7.55 -28.39 9.43
N ASP C 115 -8.16 -29.29 8.66
CA ASP C 115 -9.57 -29.16 8.28
C ASP C 115 -10.48 -29.28 9.50
N GLU C 116 -11.61 -28.57 9.44
CA GLU C 116 -12.57 -28.58 10.54
C GLU C 116 -11.84 -28.30 11.85
N ILE C 117 -11.03 -27.24 11.83
CA ILE C 117 -10.25 -26.86 13.00
C ILE C 117 -11.16 -26.48 14.17
N ASP C 118 -12.36 -26.03 13.85
CA ASP C 118 -13.32 -25.65 14.88
C ASP C 118 -13.69 -26.80 15.83
N ALA C 119 -13.47 -28.04 15.37
CA ALA C 119 -13.81 -29.24 16.13
C ALA C 119 -12.87 -29.44 17.31
N VAL C 120 -11.68 -28.86 17.20
CA VAL C 120 -10.66 -28.96 18.22
C VAL C 120 -10.35 -27.62 18.85
N GLY C 121 -10.35 -26.57 18.03
CA GLY C 121 -10.15 -25.21 18.51
C GLY C 121 -11.45 -24.66 19.07
N ARG C 122 -11.93 -25.29 20.13
CA ARG C 122 -13.20 -24.92 20.76
C ARG C 122 -13.12 -25.10 22.27
N HIS C 132 -14.90 -29.46 26.68
CA HIS C 132 -14.12 -28.74 27.68
C HIS C 132 -13.36 -29.69 28.61
N ASP C 133 -12.47 -30.50 28.04
CA ASP C 133 -11.67 -31.45 28.83
C ASP C 133 -10.35 -31.81 28.13
N GLU C 134 -10.28 -33.00 27.55
CA GLU C 134 -9.11 -33.41 26.78
C GLU C 134 -8.89 -32.48 25.60
N ARG C 135 -9.96 -31.80 25.18
CA ARG C 135 -9.89 -30.83 24.10
C ARG C 135 -8.98 -29.68 24.48
N GLU C 136 -8.82 -29.45 25.78
CA GLU C 136 -7.89 -28.44 26.28
C GLU C 136 -6.44 -28.83 25.99
N GLN C 137 -6.08 -30.07 26.30
CA GLN C 137 -4.74 -30.59 26.05
C GLN C 137 -4.37 -30.50 24.57
N THR C 138 -5.25 -31.02 23.72
CA THR C 138 -5.01 -31.01 22.29
C THR C 138 -4.96 -29.59 21.71
N LEU C 139 -5.90 -28.74 22.12
CA LEU C 139 -5.93 -27.34 21.65
C LEU C 139 -4.71 -26.55 22.11
N ASN C 140 -4.33 -26.71 23.38
CA ASN C 140 -3.16 -26.03 23.92
C ASN C 140 -1.84 -26.58 23.38
N GLN C 141 -1.84 -27.85 22.98
CA GLN C 141 -0.69 -28.47 22.33
C GLN C 141 -0.46 -27.85 20.96
N LEU C 142 -1.56 -27.48 20.32
CA LEU C 142 -1.52 -26.79 19.04
C LEU C 142 -0.94 -25.39 19.22
N LEU C 143 -1.45 -24.66 20.21
CA LEU C 143 -0.98 -23.30 20.49
C LEU C 143 0.53 -23.29 20.76
N VAL C 144 1.03 -24.40 21.29
CA VAL C 144 2.46 -24.54 21.59
C VAL C 144 3.26 -24.81 20.33
N GLU C 145 2.78 -25.73 19.50
CA GLU C 145 3.45 -26.07 18.25
C GLU C 145 3.52 -24.87 17.31
N MET C 146 2.46 -24.07 17.30
CA MET C 146 2.43 -22.86 16.49
C MET C 146 3.51 -21.88 16.93
N ASP C 147 3.62 -21.68 18.24
CA ASP C 147 4.62 -20.76 18.79
C ASP C 147 6.01 -21.37 18.71
N GLY C 148 6.05 -22.67 18.41
CA GLY C 148 7.30 -23.42 18.45
C GLY C 148 8.13 -23.35 17.19
N PHE C 149 7.52 -23.69 16.06
CA PHE C 149 8.26 -23.78 14.81
C PHE C 149 8.72 -22.42 14.30
N ASP C 150 9.74 -22.43 13.44
CA ASP C 150 10.27 -21.20 12.85
C ASP C 150 9.62 -20.93 11.51
N SER C 151 9.08 -19.72 11.35
CA SER C 151 8.40 -19.36 10.11
C SER C 151 9.37 -19.29 8.94
N LYS C 152 10.61 -18.91 9.21
CA LYS C 152 11.60 -18.78 8.16
C LYS C 152 11.85 -20.12 7.49
N GLU C 153 11.62 -21.19 8.24
CA GLU C 153 11.82 -22.54 7.73
C GLU C 153 11.03 -22.80 6.44
N GLY C 154 10.00 -22.00 6.20
CA GLY C 154 9.11 -22.21 5.05
C GLY C 154 7.87 -23.03 5.42
N ILE C 155 7.49 -22.97 6.68
CA ILE C 155 6.34 -23.73 7.19
C ILE C 155 5.11 -22.85 7.36
N ILE C 156 4.00 -23.28 6.77
CA ILE C 156 2.76 -22.53 6.87
C ILE C 156 1.58 -23.43 7.18
N VAL C 157 0.83 -23.07 8.22
CA VAL C 157 -0.31 -23.87 8.63
C VAL C 157 -1.61 -23.23 8.20
N MET C 158 -2.40 -23.99 7.45
CA MET C 158 -3.67 -23.50 6.94
C MET C 158 -4.83 -24.27 7.53
N ALA C 159 -5.86 -23.55 7.96
CA ALA C 159 -7.03 -24.17 8.56
C ALA C 159 -8.33 -23.70 7.90
N ALA C 160 -9.29 -24.62 7.79
CA ALA C 160 -10.59 -24.31 7.18
C ALA C 160 -11.71 -24.37 8.21
N THR C 161 -12.66 -23.43 8.11
CA THR C 161 -13.78 -23.39 9.04
C THR C 161 -14.92 -22.47 8.59
N ASN C 162 -16.10 -23.03 8.42
CA ASN C 162 -17.32 -22.27 8.17
C ASN C 162 -17.95 -21.85 9.50
N ARG C 163 -17.23 -22.15 10.58
CA ARG C 163 -17.67 -21.83 11.92
C ARG C 163 -16.55 -21.02 12.59
N PRO C 164 -16.39 -19.75 12.16
CA PRO C 164 -15.29 -18.86 12.58
C PRO C 164 -15.47 -18.30 13.98
N ASP C 165 -16.70 -18.29 14.47
CA ASP C 165 -17.02 -17.70 15.77
C ASP C 165 -16.92 -18.69 16.93
N ILE C 166 -16.86 -19.99 16.61
CA ILE C 166 -16.75 -21.05 17.61
C ILE C 166 -15.30 -21.27 18.04
N LEU C 167 -14.36 -20.78 17.23
CA LEU C 167 -12.95 -20.91 17.51
C LEU C 167 -12.54 -20.16 18.77
N ASP C 168 -11.57 -20.70 19.49
CA ASP C 168 -11.01 -20.07 20.68
C ASP C 168 -10.21 -18.83 20.29
N PRO C 169 -10.51 -17.68 20.92
CA PRO C 169 -9.87 -16.39 20.62
C PRO C 169 -8.34 -16.44 20.68
N ALA C 170 -7.80 -17.44 21.36
CA ALA C 170 -6.36 -17.61 21.49
C ALA C 170 -5.70 -17.94 20.16
N LEU C 171 -6.37 -18.76 19.36
CA LEU C 171 -5.86 -19.13 18.04
C LEU C 171 -5.76 -17.93 17.10
N LEU C 172 -6.60 -16.93 17.32
CA LEU C 172 -6.71 -15.77 16.43
C LEU C 172 -5.67 -14.69 16.72
N ARG C 173 -4.97 -14.85 17.84
CA ARG C 173 -3.99 -13.86 18.29
C ARG C 173 -2.74 -13.89 17.42
N PRO C 174 -2.10 -12.72 17.23
CA PRO C 174 -0.89 -12.59 16.42
C PRO C 174 0.17 -13.64 16.75
N GLY C 175 0.90 -14.08 15.74
CA GLY C 175 1.91 -15.11 15.90
C GLY C 175 1.37 -16.47 15.53
N ARG C 176 0.05 -16.58 15.48
CA ARG C 176 -0.59 -17.83 15.16
C ARG C 176 -1.41 -17.64 13.90
N PHE C 177 -2.67 -18.04 13.96
CA PHE C 177 -3.57 -17.86 12.83
C PHE C 177 -4.01 -16.40 12.77
N ASP C 178 -3.08 -15.50 12.47
CA ASP C 178 -3.38 -14.07 12.43
C ASP C 178 -3.59 -13.54 11.01
N LYS C 179 -4.19 -14.35 10.15
CA LYS C 179 -4.49 -13.90 8.80
C LYS C 179 -5.55 -14.80 8.16
N LYS C 180 -6.64 -14.17 7.74
CA LYS C 180 -7.72 -14.89 7.11
C LYS C 180 -7.83 -14.47 5.66
N ILE C 181 -7.66 -15.42 4.76
CA ILE C 181 -7.82 -15.14 3.35
C ILE C 181 -9.28 -15.35 2.96
N VAL C 182 -9.95 -14.27 2.58
CA VAL C 182 -11.37 -14.29 2.26
C VAL C 182 -11.74 -15.08 1.01
N VAL C 183 -12.39 -16.23 1.18
CA VAL C 183 -12.88 -17.03 0.06
C VAL C 183 -14.32 -16.65 -0.29
N ASP C 184 -14.48 -15.79 -1.29
CA ASP C 184 -15.79 -15.27 -1.66
C ASP C 184 -16.59 -16.25 -2.51
N PRO C 185 -17.92 -16.21 -2.39
CA PRO C 185 -18.79 -16.96 -3.30
C PRO C 185 -18.57 -16.49 -4.73
N PRO C 186 -18.47 -17.45 -5.66
CA PRO C 186 -18.13 -17.13 -7.05
C PRO C 186 -19.21 -16.36 -7.80
N ASP C 187 -18.77 -15.66 -8.83
CA ASP C 187 -19.68 -14.96 -9.73
C ASP C 187 -20.14 -15.88 -10.85
N MET C 188 -20.73 -15.31 -11.89
CA MET C 188 -21.26 -16.11 -12.97
C MET C 188 -20.17 -16.96 -13.65
N LEU C 189 -19.02 -16.33 -13.93
CA LEU C 189 -17.94 -17.01 -14.64
C LEU C 189 -17.22 -18.03 -13.77
N GLY C 190 -17.06 -17.69 -12.50
CA GLY C 190 -16.48 -18.57 -11.52
C GLY C 190 -17.28 -19.86 -11.38
N ARG C 191 -18.60 -19.73 -11.24
CA ARG C 191 -19.46 -20.90 -11.14
C ARG C 191 -19.41 -21.72 -12.43
N LYS C 192 -19.18 -21.05 -13.56
CA LYS C 192 -19.06 -21.74 -14.84
C LYS C 192 -17.87 -22.68 -14.80
N LYS C 193 -16.75 -22.21 -14.25
CA LYS C 193 -15.54 -23.00 -14.24
C LYS C 193 -15.69 -24.16 -13.27
N ILE C 194 -16.28 -23.88 -12.12
CA ILE C 194 -16.48 -24.92 -11.12
C ILE C 194 -17.29 -26.07 -11.70
N LEU C 195 -18.18 -25.72 -12.64
CA LEU C 195 -19.04 -26.70 -13.29
C LEU C 195 -18.26 -27.51 -14.34
N GLU C 196 -17.22 -26.90 -14.92
CA GLU C 196 -16.35 -27.59 -15.86
C GLU C 196 -15.47 -28.59 -15.13
N ILE C 197 -15.01 -28.19 -13.96
CA ILE C 197 -14.17 -29.03 -13.11
C ILE C 197 -14.90 -30.26 -12.57
N HIS C 198 -16.17 -30.10 -12.22
CA HIS C 198 -16.93 -31.23 -11.69
C HIS C 198 -17.68 -31.99 -12.78
N THR C 199 -17.44 -31.59 -14.02
CA THR C 199 -18.06 -32.23 -15.16
C THR C 199 -16.98 -33.04 -15.90
N ARG C 200 -15.73 -32.83 -15.51
CA ARG C 200 -14.57 -33.45 -16.15
C ARG C 200 -14.79 -34.94 -16.37
N ASN C 201 -15.35 -35.59 -15.37
CA ASN C 201 -15.60 -37.03 -15.46
C ASN C 201 -17.08 -37.33 -15.55
N LYS C 202 -17.79 -36.54 -16.36
CA LYS C 202 -19.21 -36.78 -16.53
C LYS C 202 -19.55 -36.78 -18.01
N PRO C 203 -20.27 -37.83 -18.46
CA PRO C 203 -20.73 -37.95 -19.84
C PRO C 203 -21.84 -36.94 -20.13
N LEU C 204 -21.48 -35.76 -20.65
CA LEU C 204 -22.48 -34.73 -20.95
C LEU C 204 -22.98 -34.82 -22.37
N ALA C 205 -24.21 -34.40 -22.61
CA ALA C 205 -24.71 -34.31 -23.98
C ALA C 205 -24.13 -33.06 -24.62
N GLU C 206 -24.42 -32.83 -25.90
CA GLU C 206 -23.88 -31.67 -26.64
C GLU C 206 -24.83 -30.47 -26.63
N ASP C 207 -25.90 -30.59 -25.84
CA ASP C 207 -26.84 -29.50 -25.63
C ASP C 207 -26.65 -28.87 -24.24
N VAL C 208 -25.80 -29.46 -23.42
CA VAL C 208 -25.51 -28.92 -22.09
C VAL C 208 -24.72 -27.61 -22.10
N ASN C 209 -25.42 -26.50 -21.84
CA ASN C 209 -24.78 -25.19 -21.74
C ASN C 209 -24.42 -24.84 -20.30
N LEU C 210 -23.14 -24.98 -19.94
CA LEU C 210 -22.68 -24.73 -18.58
C LEU C 210 -22.73 -23.25 -18.23
N GLU C 211 -22.85 -22.40 -19.24
CA GLU C 211 -22.97 -20.98 -18.98
C GLU C 211 -24.37 -20.63 -18.49
N ILE C 212 -25.38 -21.14 -19.18
CA ILE C 212 -26.78 -20.90 -18.82
C ILE C 212 -27.08 -21.40 -17.42
N ILE C 213 -26.42 -22.50 -17.08
CA ILE C 213 -26.54 -23.15 -15.79
C ILE C 213 -25.76 -22.36 -14.75
N ALA C 214 -24.77 -21.61 -15.20
CA ALA C 214 -23.98 -20.81 -14.27
C ALA C 214 -24.78 -19.58 -13.86
N LYS C 215 -25.46 -18.98 -14.83
CA LYS C 215 -26.23 -17.77 -14.59
C LYS C 215 -27.43 -18.08 -13.71
N ARG C 216 -27.97 -19.27 -13.86
CA ARG C 216 -29.14 -19.71 -13.10
C ARG C 216 -28.81 -20.33 -11.74
N THR C 217 -27.64 -20.02 -11.21
CA THR C 217 -27.26 -20.49 -9.88
C THR C 217 -26.56 -19.40 -9.04
N PRO C 218 -27.09 -18.17 -9.05
CA PRO C 218 -26.48 -17.08 -8.29
C PRO C 218 -26.62 -17.33 -6.79
N GLY C 219 -25.54 -17.09 -6.04
CA GLY C 219 -25.52 -17.44 -4.64
C GLY C 219 -24.91 -18.80 -4.40
N PHE C 220 -25.04 -19.71 -5.37
CA PHE C 220 -24.47 -21.06 -5.26
C PHE C 220 -22.99 -21.01 -4.91
N VAL C 221 -22.52 -21.95 -4.10
CA VAL C 221 -21.10 -22.04 -3.78
C VAL C 221 -20.45 -23.29 -4.40
N GLY C 222 -19.24 -23.63 -3.94
CA GLY C 222 -18.55 -24.81 -4.44
C GLY C 222 -19.33 -26.10 -4.27
N ALA C 223 -19.64 -26.43 -3.01
CA ALA C 223 -20.37 -27.66 -2.66
C ALA C 223 -21.76 -27.73 -3.32
N ASP C 224 -22.47 -26.62 -3.31
CA ASP C 224 -23.74 -26.53 -4.02
C ASP C 224 -23.58 -26.93 -5.51
N LEU C 225 -22.57 -26.39 -6.19
CA LEU C 225 -22.38 -26.68 -7.61
C LEU C 225 -21.98 -28.14 -7.88
N GLU C 226 -21.33 -28.75 -6.89
CA GLU C 226 -20.98 -30.17 -6.96
C GLU C 226 -22.21 -31.03 -6.70
N ASN C 227 -23.09 -30.51 -5.86
CA ASN C 227 -24.34 -31.19 -5.56
C ASN C 227 -25.26 -31.19 -6.78
N LEU C 228 -25.35 -30.04 -7.44
CA LEU C 228 -26.21 -29.91 -8.61
C LEU C 228 -25.88 -30.95 -9.68
N VAL C 229 -24.59 -31.01 -10.05
CA VAL C 229 -24.09 -31.93 -11.08
C VAL C 229 -24.37 -33.38 -10.72
N ASN C 230 -24.33 -33.68 -9.43
CA ASN C 230 -24.70 -35.00 -8.96
C ASN C 230 -26.19 -35.33 -9.12
N GLU C 231 -27.06 -34.38 -8.80
CA GLU C 231 -28.50 -34.58 -8.98
C GLU C 231 -28.88 -34.75 -10.45
N ALA C 232 -28.16 -34.05 -11.32
CA ALA C 232 -28.43 -34.14 -12.75
C ALA C 232 -28.03 -35.51 -13.28
N ALA C 233 -27.00 -36.09 -12.67
CA ALA C 233 -26.54 -37.43 -13.00
C ALA C 233 -27.55 -38.47 -12.54
N LEU C 234 -27.99 -38.34 -11.29
CA LEU C 234 -29.01 -39.20 -10.72
C LEU C 234 -30.31 -39.16 -11.51
N LEU C 235 -30.60 -38.00 -12.10
CA LEU C 235 -31.82 -37.81 -12.86
C LEU C 235 -31.73 -38.47 -14.23
N ALA C 236 -30.52 -38.54 -14.77
CA ALA C 236 -30.25 -39.22 -16.04
C ALA C 236 -30.27 -40.74 -15.85
N ALA C 237 -29.59 -41.19 -14.80
CA ALA C 237 -29.55 -42.61 -14.42
C ALA C 237 -30.92 -43.12 -14.00
N ARG C 238 -31.74 -42.24 -13.45
CA ARG C 238 -33.09 -42.58 -13.01
C ARG C 238 -33.96 -42.85 -14.22
N GLU C 239 -33.46 -42.54 -15.40
CA GLU C 239 -34.21 -42.78 -16.63
C GLU C 239 -33.45 -43.69 -17.58
N GLY C 240 -32.46 -44.42 -17.03
CA GLY C 240 -31.69 -45.37 -17.81
C GLY C 240 -30.96 -44.77 -19.00
N ARG C 241 -30.36 -43.60 -18.80
CA ARG C 241 -29.63 -42.92 -19.87
C ARG C 241 -28.14 -42.78 -19.51
N ASP C 242 -27.30 -42.74 -20.54
CA ASP C 242 -25.84 -42.66 -20.38
C ASP C 242 -25.31 -41.24 -20.50
N LYS C 243 -26.15 -40.33 -21.00
CA LYS C 243 -25.77 -38.93 -21.17
C LYS C 243 -26.61 -37.98 -20.31
N ILE C 244 -25.94 -37.10 -19.55
CA ILE C 244 -26.61 -36.07 -18.76
C ILE C 244 -27.00 -34.86 -19.63
N THR C 245 -28.28 -34.79 -20.00
CA THR C 245 -28.76 -33.76 -20.93
C THR C 245 -28.96 -32.42 -20.24
N MET C 246 -29.29 -31.39 -21.01
CA MET C 246 -29.55 -30.09 -20.42
C MET C 246 -30.76 -30.17 -19.50
N LYS C 247 -31.84 -30.76 -19.98
CA LYS C 247 -33.02 -30.97 -19.14
C LYS C 247 -32.70 -31.60 -17.78
N ASP C 248 -31.63 -32.37 -17.70
CA ASP C 248 -31.30 -33.04 -16.44
C ASP C 248 -30.80 -32.02 -15.43
N PHE C 249 -29.97 -31.10 -15.92
CA PHE C 249 -29.36 -30.07 -15.10
C PHE C 249 -30.39 -29.05 -14.65
N GLU C 250 -31.17 -28.59 -15.61
CA GLU C 250 -32.23 -27.63 -15.30
C GLU C 250 -33.23 -28.20 -14.32
N GLU C 251 -33.82 -29.34 -14.64
CA GLU C 251 -34.69 -30.06 -13.71
C GLU C 251 -34.07 -30.27 -12.34
N ALA C 252 -32.74 -30.23 -12.29
CA ALA C 252 -32.02 -30.49 -11.06
C ALA C 252 -31.85 -29.20 -10.29
N ILE C 253 -31.60 -28.12 -11.01
CA ILE C 253 -31.58 -26.79 -10.41
C ILE C 253 -32.88 -26.51 -9.65
N ASP C 254 -34.03 -26.68 -10.31
CA ASP C 254 -35.34 -26.41 -9.70
C ASP C 254 -35.61 -27.31 -8.51
N ARG C 255 -34.94 -28.45 -8.43
CA ARG C 255 -35.12 -29.35 -7.30
C ARG C 255 -34.19 -28.94 -6.16
N VAL C 256 -32.94 -28.62 -6.47
CA VAL C 256 -31.95 -28.22 -5.47
C VAL C 256 -32.34 -26.88 -4.84
N ILE C 257 -33.33 -26.22 -5.42
CA ILE C 257 -33.76 -24.90 -4.94
C ILE C 257 -35.20 -24.88 -4.45
N ALA C 258 -36.12 -25.24 -5.33
CA ALA C 258 -37.56 -25.25 -5.02
C ALA C 258 -38.21 -26.63 -4.96
N GLY C 259 -37.47 -27.65 -4.54
CA GLY C 259 -38.02 -29.00 -4.40
C GLY C 259 -38.47 -29.64 -5.71
N PRO C 260 -38.86 -30.93 -5.64
CA PRO C 260 -39.30 -31.79 -6.74
C PRO C 260 -40.58 -31.26 -7.31
N ALA C 261 -41.21 -32.00 -8.20
CA ALA C 261 -42.41 -31.51 -8.83
C ALA C 261 -43.58 -32.31 -8.32
N ARG C 262 -44.63 -31.61 -7.91
CA ARG C 262 -45.72 -32.27 -7.22
C ARG C 262 -46.80 -32.68 -8.20
N LYS C 263 -46.46 -33.61 -9.08
CA LYS C 263 -47.36 -34.06 -10.14
C LYS C 263 -48.50 -34.86 -9.57
N SER C 264 -48.48 -35.00 -8.25
CA SER C 264 -49.42 -35.82 -7.52
C SER C 264 -50.71 -35.08 -7.13
N LEU C 265 -50.57 -33.83 -6.68
CA LEU C 265 -51.70 -33.03 -6.21
C LEU C 265 -52.68 -32.71 -7.33
N LEU C 266 -53.98 -32.80 -7.06
CA LEU C 266 -54.97 -32.56 -8.11
C LEU C 266 -55.57 -31.14 -8.04
N ILE C 267 -55.32 -30.35 -9.08
CA ILE C 267 -55.74 -28.96 -9.16
C ILE C 267 -56.94 -28.84 -10.13
N SER C 268 -57.98 -28.09 -9.73
CA SER C 268 -59.12 -27.93 -10.63
C SER C 268 -58.75 -27.16 -11.89
N PRO C 269 -59.53 -27.34 -12.96
CA PRO C 269 -59.28 -26.64 -14.21
C PRO C 269 -59.41 -25.14 -14.04
N ALA C 270 -60.42 -24.70 -13.30
CA ALA C 270 -60.54 -23.31 -12.90
C ALA C 270 -59.27 -22.77 -12.21
N GLU C 271 -58.78 -23.48 -11.20
CA GLU C 271 -57.53 -23.03 -10.57
C GLU C 271 -56.33 -23.01 -11.51
N LYS C 272 -56.28 -23.95 -12.45
CA LYS C 272 -55.19 -24.02 -13.41
C LYS C 272 -55.20 -22.83 -14.39
N ARG C 273 -56.38 -22.54 -14.90
CA ARG C 273 -56.67 -21.28 -15.56
C ARG C 273 -56.11 -20.09 -14.80
N ILE C 274 -56.45 -19.95 -13.54
CA ILE C 274 -55.99 -18.79 -12.80
C ILE C 274 -54.46 -18.73 -12.67
N ILE C 275 -53.85 -19.87 -12.38
CA ILE C 275 -52.41 -19.95 -12.12
C ILE C 275 -51.64 -19.66 -13.40
N ALA C 276 -52.21 -20.12 -14.51
CA ALA C 276 -51.66 -19.90 -15.84
C ALA C 276 -51.65 -18.44 -16.26
N TYR C 277 -52.80 -17.75 -16.15
CA TYR C 277 -52.88 -16.31 -16.38
C TYR C 277 -51.98 -15.49 -15.47
N HIS C 278 -52.05 -15.78 -14.17
CA HIS C 278 -51.11 -15.21 -13.22
C HIS C 278 -49.64 -15.38 -13.67
N GLU C 279 -49.17 -16.59 -13.97
CA GLU C 279 -47.77 -16.72 -14.39
C GLU C 279 -47.46 -16.03 -15.70
N ALA C 280 -48.38 -16.12 -16.65
CA ALA C 280 -48.20 -15.46 -17.93
C ALA C 280 -48.17 -13.97 -17.67
N GLY C 281 -49.04 -13.54 -16.77
CA GLY C 281 -49.05 -12.18 -16.26
C GLY C 281 -47.68 -11.62 -15.94
N HIS C 282 -46.95 -12.26 -15.02
CA HIS C 282 -45.57 -11.87 -14.75
C HIS C 282 -44.73 -11.82 -16.04
N ALA C 283 -44.67 -12.95 -16.75
CA ALA C 283 -43.83 -13.07 -17.95
C ALA C 283 -44.05 -11.94 -18.96
N VAL C 284 -45.29 -11.78 -19.39
CA VAL C 284 -45.60 -10.70 -20.30
C VAL C 284 -45.08 -9.37 -19.77
N VAL C 285 -45.50 -9.00 -18.56
CA VAL C 285 -45.15 -7.69 -18.05
C VAL C 285 -43.64 -7.58 -17.97
N SER C 286 -42.97 -8.65 -17.54
CA SER C 286 -41.52 -8.57 -17.37
C SER C 286 -40.81 -8.36 -18.70
N THR C 287 -41.31 -9.02 -19.73
CA THR C 287 -40.78 -8.87 -21.09
C THR C 287 -40.99 -7.47 -21.71
N VAL C 288 -42.18 -6.91 -21.52
CA VAL C 288 -42.59 -5.69 -22.20
C VAL C 288 -41.97 -4.47 -21.54
N VAL C 289 -41.76 -4.62 -20.24
CA VAL C 289 -41.03 -3.68 -19.44
C VAL C 289 -39.53 -3.63 -19.85
N PRO C 290 -39.00 -2.42 -20.09
CA PRO C 290 -37.61 -2.19 -20.52
C PRO C 290 -36.57 -2.96 -19.71
N ASN C 291 -36.52 -2.70 -18.41
CA ASN C 291 -35.41 -3.17 -17.62
C ASN C 291 -35.55 -4.60 -17.13
N GLY C 292 -36.60 -5.27 -17.57
CA GLY C 292 -36.76 -6.66 -17.21
C GLY C 292 -35.54 -7.48 -17.56
N GLU C 293 -35.14 -8.36 -16.64
CA GLU C 293 -34.34 -9.52 -16.97
C GLU C 293 -35.12 -10.50 -17.83
N PRO C 294 -34.43 -11.14 -18.77
CA PRO C 294 -35.23 -11.95 -19.69
C PRO C 294 -35.79 -13.20 -19.04
N VAL C 295 -36.94 -13.62 -19.57
CA VAL C 295 -37.68 -14.78 -19.09
C VAL C 295 -37.04 -16.02 -19.66
N HIS C 296 -36.78 -16.99 -18.78
CA HIS C 296 -36.16 -18.25 -19.16
C HIS C 296 -37.21 -19.33 -19.35
N ARG C 297 -38.17 -19.40 -18.40
CA ARG C 297 -39.21 -20.43 -18.37
C ARG C 297 -40.38 -20.14 -17.41
N ILE C 298 -41.59 -20.45 -17.87
CA ILE C 298 -42.81 -20.31 -17.10
C ILE C 298 -43.28 -21.71 -16.88
N SER C 299 -43.67 -22.01 -15.68
CA SER C 299 -44.14 -23.34 -15.35
C SER C 299 -45.41 -23.26 -14.55
N ILE C 300 -46.34 -24.15 -14.89
CA ILE C 300 -47.61 -24.30 -14.21
C ILE C 300 -47.57 -25.48 -13.23
N ILE C 301 -46.43 -26.16 -13.19
CA ILE C 301 -46.17 -27.31 -12.31
C ILE C 301 -45.75 -26.92 -10.90
N PRO C 302 -46.53 -27.39 -9.91
CA PRO C 302 -46.24 -27.05 -8.51
C PRO C 302 -44.91 -27.68 -8.11
N ARG C 303 -44.35 -27.22 -7.00
CA ARG C 303 -42.95 -27.43 -6.68
C ARG C 303 -42.82 -27.10 -5.21
N GLY C 304 -42.41 -28.07 -4.40
CA GLY C 304 -42.13 -27.81 -3.00
C GLY C 304 -43.26 -27.13 -2.24
N TYR C 305 -42.91 -26.51 -1.11
CA TYR C 305 -43.89 -25.97 -0.17
C TYR C 305 -44.89 -24.97 -0.77
N LYS C 306 -46.00 -25.50 -1.28
CA LYS C 306 -47.09 -24.70 -1.82
C LYS C 306 -46.67 -23.64 -2.85
N ALA C 307 -45.99 -24.06 -3.90
CA ALA C 307 -45.61 -23.13 -4.97
C ALA C 307 -46.25 -23.54 -6.28
N LEU C 308 -47.41 -22.96 -6.56
CA LEU C 308 -48.25 -23.41 -7.65
C LEU C 308 -47.69 -23.06 -9.03
N GLY C 309 -46.75 -22.13 -9.09
CA GLY C 309 -46.23 -21.72 -10.39
C GLY C 309 -45.17 -20.68 -10.18
N TYR C 310 -44.45 -20.34 -11.23
CA TYR C 310 -43.31 -19.49 -11.09
C TYR C 310 -42.81 -19.13 -12.48
N THR C 311 -42.07 -18.05 -12.57
CA THR C 311 -41.47 -17.61 -13.81
C THR C 311 -39.96 -17.49 -13.55
N LEU C 312 -39.18 -18.40 -14.11
CA LEU C 312 -37.73 -18.33 -14.03
C LEU C 312 -37.18 -17.18 -14.88
N HIS C 313 -36.16 -16.53 -14.36
CA HIS C 313 -35.40 -15.55 -15.14
C HIS C 313 -33.97 -16.00 -15.45
N LEU C 314 -33.38 -15.40 -16.47
CA LEU C 314 -31.98 -15.63 -16.84
C LEU C 314 -31.19 -14.33 -16.86
N PRO C 315 -30.41 -14.08 -15.81
CA PRO C 315 -29.48 -12.93 -15.72
C PRO C 315 -28.56 -12.87 -16.95
N GLU C 316 -28.05 -11.69 -17.25
CA GLU C 316 -27.19 -11.50 -18.42
C GLU C 316 -26.11 -10.48 -18.17
N GLU C 317 -25.40 -10.68 -17.06
CA GLU C 317 -24.38 -9.77 -16.60
C GLU C 317 -24.34 -9.86 -15.09
N ASP C 318 -23.45 -9.08 -14.50
CA ASP C 318 -23.38 -8.99 -13.07
C ASP C 318 -23.54 -7.53 -12.72
N LYS C 319 -24.75 -7.14 -12.38
CA LYS C 319 -25.02 -5.76 -12.02
C LYS C 319 -24.66 -5.54 -10.57
N TYR C 320 -23.92 -4.49 -10.28
CA TYR C 320 -23.65 -4.18 -8.89
C TYR C 320 -24.46 -2.97 -8.43
N LEU C 321 -25.09 -2.29 -9.39
CA LEU C 321 -25.94 -1.14 -9.12
C LEU C 321 -27.36 -1.31 -9.67
N VAL C 322 -28.37 -0.88 -8.93
CA VAL C 322 -29.72 -0.90 -9.50
C VAL C 322 -30.32 0.50 -9.59
N SER C 323 -30.88 0.86 -10.73
CA SER C 323 -31.44 2.21 -10.88
C SER C 323 -32.89 2.32 -10.39
N ARG C 324 -33.39 3.55 -10.24
CA ARG C 324 -34.81 3.75 -9.90
C ARG C 324 -35.73 3.15 -10.97
N ASN C 325 -35.46 3.39 -12.25
CA ASN C 325 -36.33 2.80 -13.26
C ASN C 325 -36.25 1.29 -13.23
N GLU C 326 -35.08 0.77 -12.90
CA GLU C 326 -34.97 -0.68 -12.82
C GLU C 326 -35.92 -1.24 -11.78
N LEU C 327 -36.03 -0.58 -10.64
CA LEU C 327 -36.77 -1.13 -9.51
C LEU C 327 -38.26 -0.99 -9.75
N LEU C 328 -38.60 0.06 -10.48
CA LEU C 328 -39.96 0.42 -10.84
C LEU C 328 -40.47 -0.60 -11.86
N ASP C 329 -39.59 -0.97 -12.78
CA ASP C 329 -39.87 -2.02 -13.75
C ASP C 329 -40.02 -3.39 -13.09
N LYS C 330 -39.16 -3.70 -12.13
CA LYS C 330 -39.22 -4.99 -11.44
C LYS C 330 -40.51 -5.08 -10.63
N LEU C 331 -40.82 -3.99 -9.96
CA LEU C 331 -42.02 -3.85 -9.16
C LEU C 331 -43.26 -4.01 -10.05
N THR C 332 -43.25 -3.36 -11.22
CA THR C 332 -44.34 -3.55 -12.19
C THR C 332 -44.50 -5.00 -12.59
N ALA C 333 -43.39 -5.70 -12.80
CA ALA C 333 -43.47 -7.11 -13.14
C ALA C 333 -43.94 -7.98 -11.96
N LEU C 334 -43.63 -7.57 -10.73
CA LEU C 334 -44.08 -8.29 -9.53
C LEU C 334 -45.61 -8.25 -9.40
N LEU C 335 -46.22 -7.20 -9.96
CA LEU C 335 -47.66 -7.00 -9.87
C LEU C 335 -48.42 -7.55 -11.10
N GLY C 336 -47.66 -8.01 -12.09
CA GLY C 336 -48.21 -8.61 -13.29
C GLY C 336 -49.09 -9.84 -13.07
N GLY C 337 -48.72 -10.67 -12.09
CA GLY C 337 -49.54 -11.78 -11.69
C GLY C 337 -50.93 -11.28 -11.34
N ARG C 338 -51.00 -10.52 -10.26
CA ARG C 338 -52.24 -9.92 -9.79
C ARG C 338 -53.02 -9.10 -10.83
N ALA C 339 -52.32 -8.23 -11.54
CA ALA C 339 -52.86 -7.48 -12.68
C ALA C 339 -53.63 -8.36 -13.67
N ALA C 340 -52.98 -9.42 -14.15
CA ALA C 340 -53.61 -10.41 -15.01
C ALA C 340 -54.92 -10.95 -14.41
N GLU C 341 -54.89 -11.26 -13.12
CA GLU C 341 -56.08 -11.84 -12.50
C GLU C 341 -57.25 -10.88 -12.56
N GLU C 342 -56.99 -9.62 -12.22
CA GLU C 342 -58.07 -8.66 -12.10
C GLU C 342 -58.66 -8.33 -13.46
N VAL C 343 -57.79 -7.98 -14.38
CA VAL C 343 -58.20 -7.74 -15.76
C VAL C 343 -58.97 -8.90 -16.42
N VAL C 344 -58.52 -10.14 -16.21
CA VAL C 344 -59.11 -11.29 -16.87
C VAL C 344 -60.32 -11.83 -16.10
N PHE C 345 -60.21 -11.91 -14.77
CA PHE C 345 -61.29 -12.48 -13.96
C PHE C 345 -62.17 -11.52 -13.13
N GLY C 346 -61.67 -10.31 -12.83
CA GLY C 346 -62.35 -9.41 -11.91
C GLY C 346 -62.30 -9.82 -10.45
N ASP C 347 -62.43 -11.11 -10.20
CA ASP C 347 -62.38 -11.68 -8.87
C ASP C 347 -60.97 -12.21 -8.60
N VAL C 348 -60.18 -11.32 -8.03
CA VAL C 348 -58.80 -11.48 -7.61
C VAL C 348 -58.65 -12.54 -6.50
N THR C 349 -57.59 -13.36 -6.51
CA THR C 349 -57.39 -14.39 -5.48
C THR C 349 -56.20 -14.07 -4.60
N SER C 350 -56.05 -14.88 -3.57
CA SER C 350 -55.07 -14.68 -2.52
C SER C 350 -53.68 -15.07 -2.99
N GLY C 351 -53.59 -15.69 -4.17
CA GLY C 351 -52.33 -16.12 -4.73
C GLY C 351 -51.19 -15.11 -4.83
N ALA C 352 -51.54 -13.84 -5.03
CA ALA C 352 -50.54 -12.79 -5.21
C ALA C 352 -50.04 -12.23 -3.86
N ALA C 353 -50.30 -12.91 -2.76
CA ALA C 353 -49.93 -12.32 -1.48
C ALA C 353 -48.43 -12.15 -1.32
N ASN C 354 -47.63 -13.12 -1.75
CA ASN C 354 -46.18 -12.95 -1.63
C ASN C 354 -45.59 -11.92 -2.60
N ASP C 355 -46.11 -11.86 -3.82
CA ASP C 355 -45.78 -10.77 -4.75
C ASP C 355 -46.09 -9.37 -4.19
N ILE C 356 -47.19 -9.25 -3.46
CA ILE C 356 -47.62 -7.94 -2.93
C ILE C 356 -46.65 -7.51 -1.85
N GLU C 357 -46.36 -8.45 -0.95
CA GLU C 357 -45.35 -8.25 0.07
C GLU C 357 -44.00 -7.85 -0.55
N ARG C 358 -43.60 -8.49 -1.65
CA ARG C 358 -42.30 -8.18 -2.22
C ARG C 358 -42.30 -6.78 -2.81
N ALA C 359 -43.37 -6.42 -3.52
CA ALA C 359 -43.45 -5.16 -4.24
C ALA C 359 -43.42 -4.01 -3.23
N THR C 360 -44.26 -4.15 -2.22
CA THR C 360 -44.29 -3.23 -1.09
C THR C 360 -42.92 -3.05 -0.47
N GLU C 361 -42.19 -4.13 -0.31
CA GLU C 361 -40.87 -4.03 0.28
C GLU C 361 -39.98 -3.14 -0.58
N ILE C 362 -40.10 -3.28 -1.90
CA ILE C 362 -39.26 -2.48 -2.81
C ILE C 362 -39.59 -0.99 -2.77
N ALA C 363 -40.88 -0.67 -2.76
CA ALA C 363 -41.29 0.72 -2.61
C ALA C 363 -40.81 1.35 -1.29
N ARG C 364 -40.98 0.65 -0.17
CA ARG C 364 -40.52 1.19 1.11
C ARG C 364 -39.04 1.49 1.08
N ASN C 365 -38.30 0.52 0.58
CA ASN C 365 -36.89 0.70 0.36
C ASN C 365 -36.54 1.94 -0.45
N MET C 366 -37.23 2.12 -1.57
CA MET C 366 -36.95 3.24 -2.44
C MET C 366 -37.15 4.55 -1.67
N VAL C 367 -38.25 4.58 -0.91
CA VAL C 367 -38.70 5.76 -0.17
C VAL C 367 -37.89 5.97 1.11
N CYS C 368 -37.56 4.89 1.82
CA CYS C 368 -36.91 5.01 3.13
C CYS C 368 -35.37 4.84 3.18
N GLN C 369 -34.78 4.03 2.29
CA GLN C 369 -33.31 3.82 2.28
C GLN C 369 -32.56 4.43 1.07
N LEU C 370 -33.19 4.45 -0.11
CA LEU C 370 -32.50 4.77 -1.37
C LEU C 370 -32.74 6.19 -1.87
N GLY C 371 -33.50 6.97 -1.11
CA GLY C 371 -33.74 8.37 -1.43
C GLY C 371 -34.44 8.56 -2.76
N MET C 372 -35.25 7.59 -3.16
CA MET C 372 -35.80 7.67 -4.51
C MET C 372 -37.21 8.26 -4.62
N SER C 373 -37.69 8.90 -3.55
CA SER C 373 -38.92 9.69 -3.60
C SER C 373 -38.66 11.20 -3.55
N GLU C 374 -39.36 11.98 -4.38
CA GLU C 374 -39.16 13.42 -4.43
C GLU C 374 -39.70 14.13 -3.19
N GLU C 375 -40.88 13.75 -2.76
CA GLU C 375 -41.40 14.30 -1.53
C GLU C 375 -40.43 14.20 -0.36
N LEU C 376 -39.84 13.02 -0.12
CA LEU C 376 -39.19 12.81 1.18
C LEU C 376 -37.69 13.04 1.21
N GLY C 377 -37.13 13.38 0.06
CA GLY C 377 -35.75 13.81 -0.01
C GLY C 377 -34.73 12.69 0.02
N PRO C 378 -33.47 13.06 -0.21
CA PRO C 378 -32.39 12.09 -0.14
C PRO C 378 -32.03 11.88 1.33
N LEU C 379 -33.03 11.44 2.10
CA LEU C 379 -32.77 11.12 3.50
C LEU C 379 -33.10 9.67 3.80
N ALA C 380 -32.43 9.16 4.81
CA ALA C 380 -32.70 7.84 5.32
C ALA C 380 -33.71 7.99 6.43
N TRP C 381 -34.92 7.46 6.24
CA TRP C 381 -35.88 7.39 7.34
C TRP C 381 -35.91 5.99 7.97
N GLY C 382 -35.71 5.91 9.29
CA GLY C 382 -35.59 4.64 10.00
C GLY C 382 -34.13 4.27 10.29
N LYS C 383 -33.89 3.18 11.03
CA LYS C 383 -32.51 2.76 11.41
C LYS C 383 -31.92 3.57 12.58
N LEU C 397 -34.04 1.69 14.06
CA LEU C 397 -35.48 1.45 14.04
C LEU C 397 -36.22 2.73 13.63
N ARG C 398 -37.54 2.69 13.55
CA ARG C 398 -38.31 3.89 13.24
C ARG C 398 -38.04 5.04 14.22
N ASN C 399 -37.26 6.01 13.76
CA ASN C 399 -36.91 7.16 14.56
C ASN C 399 -37.47 8.44 13.95
N TYR C 400 -38.75 8.41 13.56
CA TYR C 400 -39.33 9.60 12.98
C TYR C 400 -40.77 9.86 13.40
N SER C 401 -41.23 11.08 13.11
CA SER C 401 -42.54 11.57 13.50
C SER C 401 -43.69 10.85 12.79
N GLU C 402 -44.91 11.04 13.29
CA GLU C 402 -46.12 10.47 12.69
C GLU C 402 -46.41 11.16 11.38
N GLU C 403 -45.99 12.42 11.30
CA GLU C 403 -46.21 13.28 10.16
C GLU C 403 -45.38 12.74 9.00
N VAL C 404 -44.10 12.47 9.27
CA VAL C 404 -43.26 11.76 8.33
C VAL C 404 -43.73 10.32 8.03
N ALA C 405 -44.24 9.61 9.02
CA ALA C 405 -44.68 8.24 8.73
C ALA C 405 -45.85 8.22 7.72
N SER C 406 -46.84 9.08 7.88
CA SER C 406 -47.89 9.12 6.88
C SER C 406 -47.44 9.64 5.52
N LYS C 407 -46.46 10.54 5.46
CA LYS C 407 -45.84 10.87 4.17
C LYS C 407 -45.18 9.64 3.50
N ILE C 408 -44.50 8.79 4.28
CA ILE C 408 -43.91 7.56 3.75
C ILE C 408 -44.98 6.62 3.20
N ASP C 409 -46.03 6.37 3.97
CA ASP C 409 -47.13 5.54 3.49
C ASP C 409 -47.75 6.02 2.18
N GLU C 410 -47.96 7.33 2.11
CA GLU C 410 -48.49 8.00 0.93
C GLU C 410 -47.62 7.79 -0.33
N GLU C 411 -46.32 7.96 -0.18
CA GLU C 411 -45.37 7.79 -1.28
C GLU C 411 -45.26 6.32 -1.70
N VAL C 412 -45.30 5.43 -0.72
CA VAL C 412 -45.25 4.00 -0.98
C VAL C 412 -46.52 3.52 -1.71
N LYS C 413 -47.67 3.95 -1.24
CA LYS C 413 -48.92 3.66 -1.96
C LYS C 413 -48.90 4.25 -3.38
N LYS C 414 -48.37 5.45 -3.54
CA LYS C 414 -48.36 6.04 -4.86
C LYS C 414 -47.51 5.22 -5.82
N ILE C 415 -46.30 4.87 -5.42
CA ILE C 415 -45.44 4.02 -6.26
C ILE C 415 -46.10 2.70 -6.63
N VAL C 416 -46.56 1.97 -5.62
CA VAL C 416 -47.12 0.65 -5.89
C VAL C 416 -48.33 0.73 -6.82
N THR C 417 -49.12 1.78 -6.64
CA THR C 417 -50.35 1.95 -7.38
C THR C 417 -50.08 2.31 -8.84
N ASN C 418 -49.14 3.22 -9.07
CA ASN C 418 -48.81 3.56 -10.45
C ASN C 418 -48.27 2.32 -11.19
N CYS C 419 -47.41 1.53 -10.52
CA CYS C 419 -46.83 0.34 -11.13
C CYS C 419 -47.88 -0.73 -11.44
N TYR C 420 -48.94 -0.75 -10.63
CA TYR C 420 -50.01 -1.70 -10.80
C TYR C 420 -50.88 -1.32 -11.99
N GLU C 421 -51.19 -0.03 -12.12
CA GLU C 421 -51.95 0.43 -13.27
C GLU C 421 -51.14 0.21 -14.53
N ARG C 422 -49.84 0.41 -14.42
CA ARG C 422 -48.93 0.18 -15.54
C ARG C 422 -49.01 -1.27 -15.99
N ALA C 423 -49.07 -2.18 -15.02
CA ALA C 423 -49.20 -3.62 -15.25
C ALA C 423 -50.54 -4.02 -15.90
N LYS C 424 -51.64 -3.51 -15.37
CA LYS C 424 -52.94 -3.65 -16.00
C LYS C 424 -52.97 -3.13 -17.43
N GLU C 425 -52.42 -1.95 -17.66
CA GLU C 425 -52.31 -1.47 -19.02
C GLU C 425 -51.51 -2.44 -19.90
N ILE C 426 -50.37 -2.94 -19.43
CA ILE C 426 -49.63 -3.91 -20.23
C ILE C 426 -50.46 -5.17 -20.50
N ILE C 427 -51.16 -5.70 -19.49
CA ILE C 427 -52.00 -6.87 -19.71
C ILE C 427 -53.09 -6.57 -20.79
N ARG C 428 -53.69 -5.37 -20.74
CA ARG C 428 -54.82 -5.05 -21.60
C ARG C 428 -54.37 -5.05 -23.07
N LYS C 429 -53.21 -4.43 -23.30
CA LYS C 429 -52.61 -4.25 -24.62
C LYS C 429 -52.08 -5.54 -25.26
N TYR C 430 -51.66 -6.49 -24.42
CA TYR C 430 -51.11 -7.73 -24.94
C TYR C 430 -52.08 -8.83 -24.58
N ARG C 431 -53.35 -8.50 -24.50
CA ARG C 431 -54.32 -9.47 -24.06
C ARG C 431 -54.35 -10.70 -24.95
N LYS C 432 -54.32 -10.51 -26.26
CA LYS C 432 -54.46 -11.61 -27.21
C LYS C 432 -53.33 -12.59 -27.03
N GLN C 433 -52.11 -12.08 -27.02
CA GLN C 433 -50.93 -12.93 -26.88
C GLN C 433 -50.86 -13.57 -25.49
N LEU C 434 -51.45 -12.90 -24.50
CA LEU C 434 -51.59 -13.47 -23.16
C LEU C 434 -52.41 -14.75 -23.16
N ASP C 435 -53.54 -14.70 -23.86
CA ASP C 435 -54.44 -15.85 -23.98
C ASP C 435 -53.71 -17.01 -24.66
N ASN C 436 -52.84 -16.70 -25.63
CA ASN C 436 -52.11 -17.75 -26.34
C ASN C 436 -51.16 -18.43 -25.36
N ILE C 437 -50.41 -17.62 -24.64
CA ILE C 437 -49.42 -18.12 -23.71
C ILE C 437 -50.14 -19.03 -22.72
N VAL C 438 -51.34 -18.63 -22.32
CA VAL C 438 -52.13 -19.40 -21.37
C VAL C 438 -52.61 -20.72 -21.94
N GLU C 439 -53.08 -20.68 -23.19
CA GLU C 439 -53.58 -21.86 -23.88
C GLU C 439 -52.47 -22.91 -24.10
N ILE C 440 -51.25 -22.47 -24.41
CA ILE C 440 -50.06 -23.32 -24.58
C ILE C 440 -49.57 -23.84 -23.24
N LEU C 441 -49.74 -23.01 -22.22
CA LEU C 441 -49.34 -23.33 -20.87
C LEU C 441 -50.23 -24.44 -20.27
N LEU C 442 -51.54 -24.30 -20.40
CA LEU C 442 -52.50 -25.29 -19.90
C LEU C 442 -52.28 -26.67 -20.51
N GLU C 443 -52.03 -26.68 -21.81
CA GLU C 443 -51.80 -27.89 -22.61
C GLU C 443 -50.44 -28.57 -22.36
N LYS C 444 -49.36 -27.80 -22.41
CA LYS C 444 -47.99 -28.32 -22.29
C LYS C 444 -47.39 -28.19 -20.88
N GLU C 445 -48.04 -27.39 -20.05
CA GLU C 445 -47.66 -27.08 -18.65
C GLU C 445 -46.38 -26.27 -18.39
N THR C 446 -45.68 -25.94 -19.46
CA THR C 446 -44.45 -25.15 -19.39
C THR C 446 -44.30 -24.46 -20.74
N ILE C 447 -43.63 -23.32 -20.77
CA ILE C 447 -43.29 -22.64 -22.02
C ILE C 447 -41.94 -21.96 -21.85
N GLU C 448 -41.09 -22.06 -22.86
CA GLU C 448 -39.71 -21.51 -22.81
C GLU C 448 -39.66 -20.04 -23.15
N GLY C 449 -38.65 -19.34 -22.62
CA GLY C 449 -38.44 -17.94 -22.95
C GLY C 449 -38.59 -17.60 -24.42
N ASP C 450 -37.89 -18.32 -25.29
CA ASP C 450 -37.82 -17.94 -26.70
C ASP C 450 -39.20 -17.90 -27.30
N GLU C 451 -39.96 -18.97 -27.07
CA GLU C 451 -41.30 -19.07 -27.63
C GLU C 451 -42.16 -17.93 -27.07
N LEU C 452 -41.94 -17.61 -25.80
CA LEU C 452 -42.60 -16.47 -25.17
C LEU C 452 -42.35 -15.17 -25.93
N ARG C 453 -41.08 -14.81 -26.14
CA ARG C 453 -40.75 -13.55 -26.79
C ARG C 453 -41.22 -13.56 -28.24
N ARG C 454 -41.37 -14.74 -28.82
CA ARG C 454 -41.73 -14.82 -30.22
C ARG C 454 -43.21 -14.49 -30.36
N ILE C 455 -44.00 -14.99 -29.42
CA ILE C 455 -45.44 -14.73 -29.40
C ILE C 455 -45.82 -13.25 -29.24
N LEU C 456 -45.20 -12.57 -28.27
CA LEU C 456 -45.44 -11.15 -28.03
C LEU C 456 -44.99 -10.22 -29.16
N SER C 457 -44.05 -10.69 -29.98
CA SER C 457 -43.62 -9.93 -31.16
C SER C 457 -44.52 -10.20 -32.38
N GLU C 458 -45.78 -9.79 -32.29
CA GLU C 458 -46.75 -9.90 -33.39
C GLU C 458 -46.58 -11.12 -34.30
ZN ZN D . 49.52 1.86 -18.47
C NHX E . 54.29 10.36 -26.45
N NHX E . 52.27 9.10 -25.57
O NHX E . 55.23 10.51 -27.23
CA NHX E . 53.31 9.20 -26.63
CB NHX E . 52.59 9.43 -27.94
CAA NHX E . 51.86 4.16 -24.48
CAB NHX E . 51.12 1.76 -23.84
NAD NHX E . 54.03 11.19 -25.44
OAF NHX E . 49.67 3.90 -19.11
OAG NHX E . 49.65 6.39 -23.87
OAH NHX E . 53.51 7.77 -24.22
OAI NHX E . 47.88 2.24 -19.77
CAJ NHX E . 57.13 10.39 -20.15
CAK NHX E . 57.18 9.42 -21.14
CAL NHX E . 52.42 11.09 -21.00
CAM NHX E . 55.94 11.05 -19.88
CAN NHX E . 56.03 9.10 -21.84
CAO NHX E . 53.60 11.39 -20.31
CAP NHX E . 53.67 9.44 -22.25
CAQ NHX E . 49.15 5.41 -20.94
CAR NHX E . 51.22 9.75 -22.78
CAS NHX E . 50.03 3.72 -22.64
NAT NHX E . 47.99 3.41 -20.51
NAV NHX E . 51.23 7.27 -22.56
CAX NHX E . 49.01 4.14 -20.15
CAY NHX E . 50.35 6.32 -22.86
CAZ NHX E . 52.46 8.36 -24.48
CBA NHX E . 52.47 10.09 -21.97
CBB NHX E . 54.79 10.72 -20.59
CBC NHX E . 54.84 9.75 -21.56
CBD NHX E . 51.30 3.22 -23.35
CBF NHX E . 50.25 5.11 -21.95
CBG NHX E . 51.25 8.40 -23.51
ZN ZN F . -20.57 8.00 -2.52
C NHX G . -23.91 -3.85 -3.83
N NHX G . -21.96 -2.39 -3.59
O NHX G . -23.75 -4.91 -3.21
CA NHX G . -22.73 -3.17 -4.55
CB NHX G . -21.83 -4.24 -5.14
CAA NHX G . -22.08 4.11 -5.46
CAB NHX G . -20.52 2.21 -5.94
NAD NHX G . -25.08 -3.23 -3.95
OAF NHX G . -20.75 5.93 -2.12
OAG NHX G . -19.27 1.29 -3.18
OAH NHX G . -22.75 -0.40 -4.39
OAI NHX G . -18.58 7.25 -2.42
CAJ NHX G . -27.67 -0.06 0.13
CAK NHX G . -27.46 0.16 -1.22
CAL NHX G . -23.00 -1.01 0.73
CAM NHX G . -26.61 -0.42 0.94
CAN NHX G . -26.19 0.05 -1.76
CAO NHX G . -24.29 -0.89 1.24
CAP NHX G . -23.85 -0.41 -1.47
CAQ NHX G . -19.67 3.87 -1.85
CAR NHX G . -21.39 -0.93 -1.15
CAS NHX G . -19.89 4.04 -4.28
NAT NHX G . -18.50 5.92 -2.22
NAV NHX G . -21.41 1.12 -2.57
CAX NHX G . -19.69 5.33 -2.07
CAY NHX G . -20.33 1.82 -2.95
CAZ NHX G . -22.05 -1.04 -3.61
CBA NHX G . -22.80 -0.76 -0.62
CBB NHX G . -25.34 -0.53 0.40
CBC NHX G . -25.12 -0.29 -0.94
CBD NHX G . -20.63 3.69 -5.58
CBF NHX G . -20.44 3.35 -3.01
CBG NHX G . -21.18 -0.33 -2.55
ZN ZN H . -46.91 -14.32 -8.84
C NHX I . -52.12 -21.39 -0.93
N NHX I . -50.16 -21.48 -2.49
O NHX I . -51.75 -21.73 0.19
CA NHX I . -51.49 -22.04 -2.20
CB NHX I . -51.35 -23.52 -1.97
CAA NHX I . -50.35 -19.02 -9.02
CAB NHX I . -50.65 -17.50 -7.04
NAD NHX I . -53.09 -20.50 -1.17
OAF NHX I . -46.71 -15.50 -7.09
OAG NHX I . -47.88 -20.29 -5.53
OAH NHX I . -50.90 -19.35 -2.71
OAI NHX I . -45.74 -16.04 -9.32
CAJ NHX I . -41.40 -19.49 -2.93
CAK NHX I . -41.81 -20.77 -2.51
CAL NHX I . -45.89 -17.84 -2.42
CAM NHX I . -42.32 -18.45 -3.02
CAN NHX I . -43.16 -20.97 -2.19
CAO NHX I . -44.57 -17.62 -2.76
CAP NHX I . -45.41 -20.13 -1.96
CAQ NHX I . -46.50 -17.73 -6.25
CAR NHX I . -47.81 -19.30 -1.69
CAS NHX I . -48.42 -18.36 -7.64
NAT NHX I . -45.84 -17.03 -8.42
NAV NHX I . -48.37 -18.79 -3.99
CAX NHX I . -46.36 -16.67 -7.32
CAY NHX I . -48.10 -19.14 -5.21
CAZ NHX I . -49.98 -20.17 -2.67
CBA NHX I . -46.32 -19.09 -2.03
CBB NHX I . -43.66 -18.66 -2.68
CBC NHX I . -44.07 -19.92 -2.29
CBD NHX I . -49.88 -18.68 -7.62
CBF NHX I . -47.96 -18.05 -6.20
CBG NHX I . -48.52 -19.82 -2.98
#